data_7U8F
#
_entry.id   7U8F
#
_cell.length_a   180.892
_cell.length_b   180.892
_cell.length_c   555.884
_cell.angle_alpha   90.000
_cell.angle_beta   90.000
_cell.angle_gamma   120.000
#
_symmetry.space_group_name_H-M   'P 61 2 2'
#
loop_
_entity.id
_entity.type
_entity.pdbx_description
1 polymer 'Protein cereblon'
2 polymer 'DNA damage-binding protein 1'
3 polymer IKZF2
4 non-polymer 'ZINC ION'
5 non-polymer (3S)-3-[5-(1-benzylpiperidin-4-yl)-1-oxo-1,3-dihydro-2H-isoindol-2-yl]piperidine-2,6-dione
6 non-polymer 'SULFATE ION'
7 non-polymer '4-(2-HYDROXYETHYL)-1-PIPERAZINE ETHANESULFONIC ACID'
8 water water
#
loop_
_entity_poly.entity_id
_entity_poly.type
_entity_poly.pdbx_seq_one_letter_code
_entity_poly.pdbx_strand_id
1 'polypeptide(L)'
;GSEAKKPNIINFDTSLPTSHTYLGADMEEFHGRTLHDDDSCQVIPVLPQVMMILIPGQTLPLQLFHPQEVSMVRNLIQKD
RTFAVLAYSNVQEREAQFGTTAEIYAYREEQDFGIEIVKVKAIGRQRFKVLELRTQSDGIQQAKVQILPECVLPSTMSAV
QLESLNKCQIFPSKPVSREDQCSYKWWQKYQKRKFHCANLTSWPRWLYSLYDAETLMDRIKKQLREWDENLKDDSLPSNP
IDFSYRVAACLPIDDVLRIQLLKIGSAIQRLRCELDIMNKCTSLCCKQCQETEITTKNEIFSLSLCGPMAAYVNPHGYVH
ETLTVYKACNLNLIGRPSTEHSWFPGYAWTVAQCKICASHIGWKFTATKKDMSPQKFWGLTRSALLPTIPDTEDEISPDK
VILCL
;
A,D
2 'polypeptide(L)'
;MSYNYVVTAQKPTAVNGCVTGHFTSAEDLNLLIAKNTRLEIYVVTAEGLRPVKEVGMYGKIAVMELFRPKGESKDLLFIL
TAKYNACILEYKQSGESIDIITRAHGNVQDRIGRPSETGIIGIIDPECRMIGLRLYDGLFKVIPLDRDNKELKAFNIRLE
ELHVIDVKFLYGCQAPTICFVYQDPQGRHVKTYEVSLREKEFNKGPWKQENVEAEASMVIAVPEPFGGAIIIGQESITYH
NGDKYLAIAPPIIKQSTIVCHNRVDPNGSRYLLGDMEGRLFMLLLEKEEQMDGTVTLKDLRVELLGETSIAECLTYLDNG
VVFVGSRLGDSQLVKLNVDSNEQGSYVVAMETFTNLGPIVDMCVVDLERQGQGQLVTCSGAFKEGSLRIIRNGIGGNGNS
GEIQKLHIRTVPLYESPRKICYQEVSQCFGVLSSRIEVQDTSGGTTALRPSASTQALSSSVSSSKLFSSSTAPHETSFGE
EVEVHNLLIIDQHTFEVLHAHQFLQNEYALSLVSCKLGKDPNTYFIVGTAMVYPEEAEPKQGRIVVFQYSDGKLQTVAEK
EVKGAVYSMVEFNGKLLASINSTVRLYEWTTEKELRTECNHYNNIMALYLKTKGDFILVGDLMRSVLLLAYKPMEGNFEE
IARDFNPNWMSAVEILDDDNFLGAENAFNLFVCQKDSAATTDEERQHLQEVGLFHLGEFVNVFCHGSLVMQNLGETSTPT
QGSVLFGTVNGMIGLVTSLSESWYNLLLDMQNRLNKVIKSVGKIEHSFWRSFHTERKTEPATGFIDGDLIESFLDISRPK
MQEVVANLQYDDGSGMKREATADDLIKVVEELTRIH
;
B,E
3 'polypeptide(L)' SERPFHCNQCGASFTQKGNLLRHIKLHS C,F
#
loop_
_chem_comp.id
_chem_comp.type
_chem_comp.name
_chem_comp.formula
EPE non-polymer '4-(2-HYDROXYETHYL)-1-PIPERAZINE ETHANESULFONIC ACID' 'C8 H18 N2 O4 S'
LWK non-polymer (3S)-3-[5-(1-benzylpiperidin-4-yl)-1-oxo-1,3-dihydro-2H-isoindol-2-yl]piperidine-2,6-dione 'C25 H27 N3 O3'
SO4 non-polymer 'SULFATE ION' 'O4 S -2'
ZN non-polymer 'ZINC ION' 'Zn 2'
#
# COMPACT_ATOMS: atom_id res chain seq x y z
N GLY A 32 8.62 -1.58 -74.38
CA GLY A 32 8.10 -1.68 -73.03
C GLY A 32 9.01 -1.08 -71.97
N ARG A 33 9.45 -1.93 -71.03
CA ARG A 33 10.32 -1.48 -69.93
C ARG A 33 11.26 -2.62 -69.58
N THR A 34 12.57 -2.40 -69.74
CA THR A 34 13.60 -3.37 -69.35
C THR A 34 14.19 -2.95 -68.00
N LEU A 35 13.99 -3.77 -66.97
CA LEU A 35 14.52 -3.49 -65.63
C LEU A 35 15.15 -4.74 -65.04
N HIS A 36 16.38 -4.60 -64.54
CA HIS A 36 17.13 -5.64 -63.87
C HIS A 36 16.67 -5.81 -62.42
N ASP A 37 17.15 -6.88 -61.79
CA ASP A 37 16.82 -7.14 -60.40
C ASP A 37 17.77 -6.38 -59.48
N ASP A 38 17.27 -6.15 -58.26
CA ASP A 38 18.04 -5.45 -57.23
C ASP A 38 19.29 -6.23 -56.87
N ASP A 39 20.36 -5.50 -56.58
CA ASP A 39 21.63 -6.04 -56.07
C ASP A 39 22.32 -7.00 -57.03
N SER A 40 21.86 -7.12 -58.26
CA SER A 40 22.49 -8.01 -59.24
C SER A 40 23.63 -7.29 -59.96
N CYS A 41 24.61 -8.07 -60.41
CA CYS A 41 25.69 -7.52 -61.23
C CYS A 41 25.27 -7.49 -62.70
N GLN A 42 25.43 -6.32 -63.32
CA GLN A 42 25.15 -6.12 -64.73
C GLN A 42 26.37 -5.50 -65.38
N VAL A 43 26.56 -5.79 -66.67
CA VAL A 43 27.65 -5.22 -67.44
C VAL A 43 27.03 -4.51 -68.64
N ILE A 44 27.06 -3.18 -68.64
CA ILE A 44 26.38 -2.40 -69.67
C ILE A 44 27.25 -1.24 -70.09
N PRO A 45 27.13 -0.81 -71.33
CA PRO A 45 28.11 0.14 -71.89
C PRO A 45 27.90 1.55 -71.36
N VAL A 46 28.97 2.33 -71.45
CA VAL A 46 28.99 3.73 -71.04
C VAL A 46 29.27 4.58 -72.27
N LEU A 47 28.48 5.61 -72.47
CA LEU A 47 28.74 6.51 -73.59
C LEU A 47 29.81 7.52 -73.17
N PRO A 48 30.84 7.74 -73.98
CA PRO A 48 31.99 8.55 -73.52
C PRO A 48 31.72 10.04 -73.58
N GLN A 49 30.86 10.45 -74.51
CA GLN A 49 30.54 11.88 -74.64
C GLN A 49 29.77 12.39 -73.43
N VAL A 50 29.01 11.53 -72.74
CA VAL A 50 28.15 11.96 -71.64
C VAL A 50 29.00 12.18 -70.40
N MET A 51 28.58 13.13 -69.57
CA MET A 51 29.29 13.45 -68.34
C MET A 51 28.35 13.93 -67.25
N MET A 52 27.26 14.59 -67.65
CA MET A 52 26.31 15.14 -66.71
C MET A 52 25.56 14.04 -65.95
N ILE A 53 25.34 14.26 -64.67
CA ILE A 53 24.67 13.28 -63.81
C ILE A 53 23.21 13.14 -64.25
N LEU A 54 22.75 11.91 -64.37
CA LEU A 54 21.38 11.61 -64.78
C LEU A 54 20.63 11.08 -63.56
N ILE A 55 19.60 11.81 -63.14
CA ILE A 55 18.71 11.41 -62.04
C ILE A 55 17.65 10.49 -62.64
N PRO A 56 17.28 9.41 -61.96
CA PRO A 56 16.22 8.55 -62.48
C PRO A 56 14.95 9.35 -62.72
N GLY A 57 14.28 9.03 -63.81
CA GLY A 57 13.04 9.71 -64.10
C GLY A 57 13.17 10.86 -65.07
N GLN A 58 14.15 11.73 -64.89
CA GLN A 58 14.30 12.81 -65.84
C GLN A 58 14.80 12.25 -67.19
N THR A 59 14.46 12.95 -68.25
CA THR A 59 14.77 12.51 -69.61
C THR A 59 16.12 13.05 -70.07
N LEU A 60 16.82 12.25 -70.87
CA LEU A 60 18.10 12.65 -71.46
C LEU A 60 18.01 12.64 -72.98
N PRO A 61 18.12 13.79 -73.65
CA PRO A 61 18.30 13.79 -75.11
C PRO A 61 19.77 13.81 -75.47
N LEU A 62 20.09 13.10 -76.56
CA LEU A 62 21.47 12.98 -77.04
C LEU A 62 21.55 13.26 -78.53
N GLN A 63 22.75 13.68 -78.95
CA GLN A 63 23.10 13.91 -80.35
C GLN A 63 24.36 13.13 -80.66
N LEU A 64 24.28 12.14 -81.55
CA LEU A 64 25.41 11.29 -81.85
C LEU A 64 25.85 11.50 -83.29
N PHE A 65 27.16 11.65 -83.49
CA PHE A 65 27.80 11.76 -84.79
C PHE A 65 28.69 10.58 -85.11
N HIS A 66 29.39 10.04 -84.11
CA HIS A 66 30.37 8.99 -84.38
C HIS A 66 29.69 7.69 -84.79
N PRO A 67 30.26 6.95 -85.74
CA PRO A 67 29.60 5.72 -86.19
C PRO A 67 29.61 4.60 -85.16
N GLN A 68 30.67 4.51 -84.34
CA GLN A 68 30.69 3.48 -83.29
C GLN A 68 29.67 3.77 -82.19
N GLU A 69 29.45 5.05 -81.87
CA GLU A 69 28.37 5.42 -80.96
C GLU A 69 27.02 5.03 -81.54
N VAL A 70 26.80 5.37 -82.82
CA VAL A 70 25.53 5.03 -83.46
C VAL A 70 25.38 3.52 -83.59
N SER A 71 26.42 2.84 -84.08
CA SER A 71 26.34 1.39 -84.23
C SER A 71 26.07 0.71 -82.90
N MET A 72 26.72 1.16 -81.82
CA MET A 72 26.49 0.55 -80.52
C MET A 72 25.08 0.83 -80.00
N VAL A 73 24.54 2.02 -80.24
CA VAL A 73 23.17 2.32 -79.85
C VAL A 73 22.18 1.49 -80.66
N ARG A 74 22.43 1.36 -81.97
CA ARG A 74 21.55 0.56 -82.81
C ARG A 74 21.43 -0.88 -82.29
N ASN A 75 22.53 -1.43 -81.75
CA ASN A 75 22.48 -2.79 -81.21
C ASN A 75 21.68 -2.86 -79.93
N LEU A 76 21.67 -1.78 -79.14
CA LEU A 76 20.87 -1.74 -77.92
C LEU A 76 19.37 -1.77 -78.22
N ILE A 77 18.92 -1.10 -79.28
CA ILE A 77 17.50 -1.13 -79.65
C ILE A 77 17.02 -2.56 -79.87
N GLN A 78 17.89 -3.44 -80.39
CA GLN A 78 17.51 -4.85 -80.56
C GLN A 78 17.40 -5.58 -79.22
N LYS A 79 18.28 -5.27 -78.28
CA LYS A 79 18.34 -5.97 -76.99
C LYS A 79 17.62 -5.12 -75.94
N ASP A 80 18.23 -4.84 -74.78
CA ASP A 80 17.54 -4.26 -73.63
C ASP A 80 17.32 -2.75 -73.74
N ARG A 81 18.09 -2.04 -74.57
CA ARG A 81 18.00 -0.59 -74.79
C ARG A 81 18.53 0.22 -73.60
N THR A 82 19.46 -0.34 -72.84
CA THR A 82 19.92 0.28 -71.61
C THR A 82 21.43 0.42 -71.60
N PHE A 83 21.90 1.60 -71.20
CA PHE A 83 23.31 1.92 -71.09
C PHE A 83 23.52 2.72 -69.80
N ALA A 84 24.78 2.95 -69.45
CA ALA A 84 25.13 3.56 -68.19
C ALA A 84 25.54 5.03 -68.36
N VAL A 85 25.12 5.86 -67.41
CA VAL A 85 25.49 7.28 -67.35
C VAL A 85 26.11 7.51 -65.98
N LEU A 86 27.43 7.66 -65.94
CA LEU A 86 28.14 7.74 -64.67
C LEU A 86 27.96 9.10 -64.01
N ALA A 87 28.14 9.10 -62.68
CA ALA A 87 28.11 10.31 -61.84
C ALA A 87 29.54 10.63 -61.44
N TYR A 88 30.23 11.40 -62.29
CA TYR A 88 31.66 11.63 -62.10
C TYR A 88 31.94 12.56 -60.92
N SER A 89 32.92 12.18 -60.10
CA SER A 89 33.41 13.08 -59.06
C SER A 89 34.47 14.03 -59.58
N ASN A 90 35.28 13.59 -60.54
CA ASN A 90 36.22 14.45 -61.26
C ASN A 90 36.11 14.05 -62.74
N VAL A 91 35.37 14.84 -63.51
CA VAL A 91 35.08 14.45 -64.90
C VAL A 91 36.34 14.49 -65.75
N GLN A 92 37.32 15.33 -65.39
CA GLN A 92 38.54 15.38 -66.20
C GLN A 92 39.31 14.07 -66.10
N GLU A 93 39.45 13.52 -64.89
CA GLU A 93 40.10 12.23 -64.73
C GLU A 93 39.16 11.08 -65.01
N ARG A 94 37.85 11.34 -65.12
CA ARG A 94 36.82 10.32 -65.31
C ARG A 94 36.78 9.36 -64.11
N GLU A 95 36.51 9.93 -62.94
CA GLU A 95 36.40 9.19 -61.69
C GLU A 95 34.92 9.11 -61.30
N ALA A 96 34.41 7.89 -61.13
CA ALA A 96 33.00 7.72 -60.81
C ALA A 96 32.79 6.49 -59.95
N GLN A 97 31.94 6.64 -58.92
CA GLN A 97 31.62 5.54 -58.02
C GLN A 97 30.21 5.04 -58.17
N PHE A 98 29.32 5.84 -58.75
CA PHE A 98 27.92 5.49 -58.94
C PHE A 98 27.44 6.05 -60.27
N GLY A 99 26.18 5.76 -60.59
CA GLY A 99 25.58 6.32 -61.79
C GLY A 99 24.15 5.84 -61.94
N THR A 100 23.60 6.03 -63.13
CA THR A 100 22.21 5.69 -63.41
C THR A 100 22.11 4.97 -64.73
N THR A 101 21.23 3.97 -64.81
CA THR A 101 20.98 3.37 -66.12
C THR A 101 20.02 4.26 -66.90
N ALA A 102 20.18 4.23 -68.22
CA ALA A 102 19.38 5.04 -69.14
C ALA A 102 18.74 4.12 -70.16
N GLU A 103 17.42 4.18 -70.24
CA GLU A 103 16.67 3.37 -71.18
C GLU A 103 16.23 4.25 -72.34
N ILE A 104 16.65 3.87 -73.55
CA ILE A 104 16.28 4.62 -74.74
C ILE A 104 14.82 4.38 -75.06
N TYR A 105 14.12 5.44 -75.44
CA TYR A 105 12.74 5.32 -75.83
C TYR A 105 12.40 6.05 -77.13
N ALA A 106 13.34 6.81 -77.70
CA ALA A 106 13.10 7.56 -78.93
C ALA A 106 14.35 7.50 -79.78
N TYR A 107 14.18 7.23 -81.07
CA TYR A 107 15.29 7.15 -82.01
C TYR A 107 14.84 7.73 -83.34
N ARG A 108 15.67 8.59 -83.93
CA ARG A 108 15.33 9.27 -85.17
C ARG A 108 16.60 9.79 -85.80
N GLU A 109 16.82 9.48 -87.07
CA GLU A 109 18.02 9.90 -87.81
C GLU A 109 17.72 11.22 -88.50
N GLU A 110 18.12 12.33 -87.87
CA GLU A 110 17.79 13.67 -88.34
C GLU A 110 18.94 14.32 -89.12
N GLN A 111 18.70 15.56 -89.52
CA GLN A 111 19.66 16.43 -90.18
C GLN A 111 19.54 17.83 -89.61
N ASP A 112 20.67 18.41 -89.23
CA ASP A 112 20.70 19.76 -88.68
C ASP A 112 21.99 20.43 -89.11
N PHE A 113 21.88 21.60 -89.75
CA PHE A 113 23.05 22.37 -90.20
C PHE A 113 23.90 21.59 -91.20
N GLY A 114 23.25 20.86 -92.10
CA GLY A 114 23.97 20.08 -93.08
C GLY A 114 24.78 18.94 -92.50
N ILE A 115 24.47 18.49 -91.29
CA ILE A 115 25.15 17.40 -90.63
C ILE A 115 24.14 16.27 -90.48
N GLU A 116 24.54 15.04 -90.79
CA GLU A 116 23.65 13.90 -90.63
C GLU A 116 23.90 13.28 -89.26
N ILE A 117 22.97 13.50 -88.32
CA ILE A 117 23.11 13.09 -86.92
C ILE A 117 21.89 12.30 -86.49
N VAL A 118 22.09 11.37 -85.53
CA VAL A 118 20.96 10.64 -84.91
C VAL A 118 20.63 11.31 -83.59
N LYS A 119 19.34 11.60 -83.37
CA LYS A 119 18.87 12.19 -82.12
C LYS A 119 18.15 11.11 -81.32
N VAL A 120 18.63 10.87 -80.11
CA VAL A 120 18.16 9.77 -79.28
C VAL A 120 17.74 10.33 -77.94
N LYS A 121 16.60 9.84 -77.44
CA LYS A 121 16.10 10.20 -76.12
C LYS A 121 16.05 8.97 -75.23
N ALA A 122 16.61 9.10 -74.03
CA ALA A 122 16.66 8.05 -73.04
C ALA A 122 16.17 8.60 -71.71
N ILE A 123 15.78 7.71 -70.81
CA ILE A 123 15.25 8.08 -69.50
C ILE A 123 16.05 7.34 -68.43
N GLY A 124 16.35 8.03 -67.33
CA GLY A 124 17.01 7.37 -66.23
C GLY A 124 16.11 6.35 -65.56
N ARG A 125 16.66 5.17 -65.27
CA ARG A 125 15.92 4.10 -64.60
C ARG A 125 16.60 3.79 -63.29
N GLN A 126 17.36 2.69 -63.20
CA GLN A 126 17.95 2.26 -61.94
C GLN A 126 19.25 3.00 -61.61
N ARG A 127 19.54 3.09 -60.32
CA ARG A 127 20.84 3.51 -59.81
C ARG A 127 21.75 2.28 -59.73
N PHE A 128 23.05 2.54 -59.56
CA PHE A 128 24.01 1.44 -59.43
C PHE A 128 25.28 1.93 -58.76
N LYS A 129 26.10 0.98 -58.36
CA LYS A 129 27.40 1.25 -57.75
C LYS A 129 28.48 0.74 -58.69
N VAL A 130 29.43 1.63 -59.02
CA VAL A 130 30.45 1.27 -60.00
C VAL A 130 31.38 0.22 -59.42
N LEU A 131 31.59 -0.86 -60.19
CA LEU A 131 32.52 -1.92 -59.80
C LEU A 131 33.80 -1.91 -60.63
N GLU A 132 33.69 -2.03 -61.96
CA GLU A 132 34.84 -2.03 -62.85
C GLU A 132 34.57 -1.12 -64.03
N LEU A 133 35.65 -0.54 -64.56
CA LEU A 133 35.61 0.30 -65.76
C LEU A 133 36.65 -0.22 -66.76
N ARG A 134 36.36 -1.41 -67.31
CA ARG A 134 37.12 -1.92 -68.44
C ARG A 134 36.73 -1.14 -69.69
N THR A 135 37.74 -0.67 -70.42
CA THR A 135 37.51 0.07 -71.66
C THR A 135 37.76 -0.87 -72.84
N GLN A 136 36.86 -0.84 -73.84
CA GLN A 136 36.88 -1.77 -74.96
C GLN A 136 37.95 -1.41 -75.98
N SER A 137 37.93 -2.17 -77.08
CA SER A 137 38.75 -1.82 -78.24
C SER A 137 38.30 -0.50 -78.87
N ASP A 138 36.99 -0.23 -78.92
CA ASP A 138 36.50 1.08 -79.35
C ASP A 138 36.86 2.14 -78.33
N GLY A 139 36.37 3.36 -78.55
CA GLY A 139 36.29 4.33 -77.48
C GLY A 139 35.20 4.03 -76.48
N ILE A 140 34.19 3.25 -76.86
CA ILE A 140 33.11 2.85 -75.97
C ILE A 140 33.67 1.94 -74.89
N GLN A 141 33.29 2.16 -73.64
CA GLN A 141 33.82 1.40 -72.53
C GLN A 141 32.69 0.72 -71.77
N GLN A 142 32.92 -0.53 -71.37
CA GLN A 142 31.96 -1.31 -70.61
C GLN A 142 32.11 -1.03 -69.12
N ALA A 143 31.10 -1.42 -68.35
CA ALA A 143 31.08 -1.12 -66.93
C ALA A 143 30.36 -2.23 -66.19
N LYS A 144 31.11 -3.01 -65.41
CA LYS A 144 30.49 -3.97 -64.49
C LYS A 144 29.96 -3.21 -63.30
N VAL A 145 28.70 -3.46 -62.94
CA VAL A 145 28.04 -2.60 -61.98
C VAL A 145 26.96 -3.39 -61.24
N GLN A 146 26.66 -2.95 -60.02
CA GLN A 146 25.71 -3.64 -59.15
C GLN A 146 24.50 -2.75 -58.90
N ILE A 147 23.31 -3.27 -59.24
CA ILE A 147 22.08 -2.48 -59.19
C ILE A 147 21.75 -2.14 -57.74
N LEU A 148 21.69 -0.83 -57.43
CA LEU A 148 21.29 -0.43 -56.09
C LEU A 148 19.77 -0.30 -56.01
N PRO A 149 19.13 -0.95 -55.03
CA PRO A 149 17.67 -0.98 -54.99
C PRO A 149 17.06 0.27 -54.39
N GLU A 150 15.85 0.58 -54.85
CA GLU A 150 15.05 1.65 -54.27
C GLU A 150 14.41 1.13 -52.99
N CYS A 151 14.86 1.64 -51.85
CA CYS A 151 14.43 1.14 -50.56
C CYS A 151 13.06 1.71 -50.21
N VAL A 152 12.06 0.85 -50.11
CA VAL A 152 10.69 1.27 -49.85
C VAL A 152 10.32 0.80 -48.45
N LEU A 153 9.94 1.75 -47.58
CA LEU A 153 9.55 1.37 -46.24
C LEU A 153 8.06 1.54 -46.03
N PRO A 154 7.42 0.62 -45.30
CA PRO A 154 6.02 0.80 -44.96
C PRO A 154 5.84 1.93 -43.96
N SER A 155 4.59 2.24 -43.62
CA SER A 155 4.32 3.33 -42.71
C SER A 155 5.09 3.13 -41.41
N THR A 156 5.68 4.22 -40.91
CA THR A 156 6.46 4.13 -39.68
C THR A 156 5.64 3.51 -38.53
N MET A 157 4.35 3.87 -38.45
CA MET A 157 3.45 3.29 -37.47
C MET A 157 2.95 1.92 -37.87
N SER A 158 3.10 1.55 -39.15
CA SER A 158 2.75 0.19 -39.57
C SER A 158 3.53 -0.84 -38.77
N ALA A 159 4.67 -0.42 -38.19
CA ALA A 159 5.56 -1.32 -37.46
C ALA A 159 5.00 -1.81 -36.14
N VAL A 160 3.98 -1.16 -35.57
CA VAL A 160 3.41 -1.61 -34.30
C VAL A 160 2.06 -2.28 -34.51
N GLN A 161 1.85 -2.87 -35.70
CA GLN A 161 0.65 -3.63 -36.07
C GLN A 161 -0.58 -2.75 -36.30
N LEU A 162 -1.36 -3.11 -37.34
CA LEU A 162 -2.53 -2.34 -37.78
C LEU A 162 -3.77 -2.90 -37.07
N GLU A 163 -4.10 -2.30 -35.93
CA GLU A 163 -5.09 -2.83 -34.99
C GLU A 163 -6.41 -2.08 -35.12
N SER A 164 -7.01 -1.56 -34.03
CA SER A 164 -8.33 -0.91 -33.97
C SER A 164 -8.28 0.58 -34.21
N LEU A 165 -7.24 1.25 -33.69
CA LEU A 165 -6.95 2.62 -34.07
C LEU A 165 -6.52 2.73 -35.51
N ASN A 166 -6.37 1.61 -36.21
CA ASN A 166 -6.10 1.65 -37.64
C ASN A 166 -7.22 2.33 -38.42
N LYS A 167 -8.48 1.98 -38.12
CA LYS A 167 -9.61 2.52 -38.88
C LYS A 167 -9.69 4.05 -38.75
N CYS A 168 -9.09 4.60 -37.71
CA CYS A 168 -8.93 6.03 -37.52
C CYS A 168 -7.61 6.54 -38.12
N GLN A 169 -6.83 5.67 -38.79
CA GLN A 169 -5.61 6.10 -39.47
C GLN A 169 -5.89 6.79 -40.81
N ILE A 170 -6.87 6.30 -41.58
CA ILE A 170 -7.22 6.87 -42.88
C ILE A 170 -7.98 8.18 -42.67
N PHE A 171 -7.88 9.07 -43.66
CA PHE A 171 -8.37 10.43 -43.54
C PHE A 171 -9.61 10.64 -44.40
N PRO A 172 -10.47 11.63 -44.06
CA PRO A 172 -11.72 11.83 -44.80
C PRO A 172 -11.51 12.60 -46.09
N SER A 173 -10.72 12.00 -46.99
CA SER A 173 -10.16 12.66 -48.18
C SER A 173 -9.26 13.81 -47.75
N LYS A 174 -8.64 14.46 -48.72
CA LYS A 174 -7.94 15.73 -48.55
C LYS A 174 -8.90 16.89 -48.79
N PRO A 175 -8.57 18.10 -48.33
CA PRO A 175 -9.45 19.25 -48.60
C PRO A 175 -9.37 19.75 -50.05
N VAL A 176 -8.45 19.21 -50.86
CA VAL A 176 -8.12 19.64 -52.22
C VAL A 176 -8.29 21.15 -52.42
N SER A 177 -7.92 21.95 -51.41
CA SER A 177 -8.02 23.40 -51.49
C SER A 177 -6.66 23.98 -51.15
N ARG A 178 -6.10 24.79 -52.06
CA ARG A 178 -4.83 25.46 -51.82
C ARG A 178 -4.83 26.22 -50.50
N GLU A 179 -5.95 26.88 -50.16
CA GLU A 179 -6.03 27.66 -48.93
C GLU A 179 -6.51 26.85 -47.72
N ASP A 180 -7.33 25.82 -47.93
CA ASP A 180 -7.79 24.96 -46.83
C ASP A 180 -6.78 23.88 -46.45
N GLN A 181 -5.90 23.48 -47.36
CA GLN A 181 -4.84 22.53 -47.05
C GLN A 181 -3.53 23.21 -46.67
N CYS A 182 -3.33 24.48 -47.01
CA CYS A 182 -2.30 25.26 -46.33
C CYS A 182 -2.64 25.44 -44.85
N SER A 183 -3.92 25.39 -44.49
CA SER A 183 -4.36 25.46 -43.10
C SER A 183 -3.61 24.38 -42.34
N TYR A 184 -2.59 24.79 -41.59
CA TYR A 184 -1.89 23.84 -40.73
C TYR A 184 -2.83 23.23 -39.70
N LYS A 185 -4.01 23.82 -39.51
CA LYS A 185 -5.08 23.14 -38.81
C LYS A 185 -5.33 21.76 -39.42
N TRP A 186 -5.22 21.65 -40.74
CA TRP A 186 -5.32 20.36 -41.40
C TRP A 186 -4.06 19.54 -41.17
N TRP A 187 -2.88 20.15 -41.34
CA TRP A 187 -1.62 19.45 -41.10
C TRP A 187 -1.45 19.09 -39.63
N GLN A 188 -2.05 19.85 -38.73
CA GLN A 188 -1.98 19.50 -37.31
C GLN A 188 -2.87 18.30 -36.99
N LYS A 189 -4.08 18.27 -37.53
CA LYS A 189 -4.95 17.10 -37.39
C LYS A 189 -4.36 15.88 -38.07
N TYR A 190 -3.64 16.11 -39.17
CA TYR A 190 -2.92 15.04 -39.87
C TYR A 190 -1.90 14.36 -38.96
N GLN A 191 -1.09 15.16 -38.26
CA GLN A 191 -0.06 14.60 -37.39
C GLN A 191 -0.67 13.80 -36.26
N LYS A 192 -1.60 14.40 -35.51
CA LYS A 192 -2.20 13.70 -34.37
C LYS A 192 -2.83 12.38 -34.80
N ARG A 193 -3.44 12.34 -35.99
CA ARG A 193 -4.16 11.12 -36.37
C ARG A 193 -3.24 10.09 -36.98
N LYS A 194 -2.37 10.50 -37.91
CA LYS A 194 -1.48 9.52 -38.53
C LYS A 194 -0.56 8.88 -37.49
N PHE A 195 -0.05 9.66 -36.54
CA PHE A 195 0.87 9.18 -35.53
C PHE A 195 0.24 9.09 -34.15
N HIS A 196 -1.01 8.63 -34.07
CA HIS A 196 -1.66 8.49 -32.77
C HIS A 196 -0.91 7.51 -31.89
N CYS A 197 -0.41 6.44 -32.48
CA CYS A 197 0.33 5.42 -31.73
C CYS A 197 1.71 5.88 -31.30
N ALA A 198 2.09 7.15 -31.49
CA ALA A 198 3.42 7.61 -31.09
C ALA A 198 3.66 7.44 -29.60
N ASN A 199 2.59 7.47 -28.78
CA ASN A 199 2.69 7.32 -27.34
C ASN A 199 3.03 5.91 -26.88
N LEU A 200 2.95 4.91 -27.77
CA LEU A 200 3.42 3.56 -27.51
C LEU A 200 4.94 3.41 -27.57
N THR A 201 5.63 4.35 -28.22
CA THR A 201 7.07 4.36 -28.41
C THR A 201 7.74 5.43 -27.52
N SER A 202 9.03 5.63 -27.74
CA SER A 202 9.83 6.56 -26.95
C SER A 202 9.98 7.95 -27.57
N TRP A 203 9.27 8.25 -28.67
CA TRP A 203 9.39 9.49 -29.41
C TRP A 203 8.03 10.08 -29.69
N PRO A 204 7.93 11.41 -29.79
CA PRO A 204 6.64 12.06 -29.99
C PRO A 204 6.22 12.14 -31.45
N ARG A 205 4.97 12.56 -31.66
CA ARG A 205 4.43 12.65 -33.01
C ARG A 205 5.28 13.55 -33.88
N TRP A 206 5.71 14.68 -33.34
CA TRP A 206 6.40 15.65 -34.18
C TRP A 206 7.72 15.11 -34.68
N LEU A 207 8.34 14.16 -33.96
CA LEU A 207 9.54 13.52 -34.51
C LEU A 207 9.19 12.65 -35.71
N TYR A 208 8.09 11.91 -35.62
CA TYR A 208 7.69 11.07 -36.76
C TYR A 208 7.35 11.92 -37.98
N SER A 209 6.86 13.16 -37.80
CA SER A 209 6.60 14.03 -38.94
C SER A 209 7.89 14.38 -39.68
N LEU A 210 8.99 14.51 -38.95
CA LEU A 210 10.29 14.77 -39.56
C LEU A 210 10.79 13.60 -40.40
N TYR A 211 10.14 12.45 -40.34
CA TYR A 211 10.48 11.34 -41.23
C TYR A 211 9.31 10.93 -42.10
N ASP A 212 8.25 11.72 -42.12
CA ASP A 212 7.07 11.41 -42.89
C ASP A 212 7.14 12.06 -44.27
N ALA A 213 6.99 11.25 -45.33
CA ALA A 213 7.18 11.77 -46.68
C ALA A 213 6.20 12.88 -47.00
N GLU A 214 4.90 12.63 -46.82
CA GLU A 214 3.91 13.64 -47.16
C GLU A 214 4.21 14.98 -46.50
N THR A 215 4.59 14.93 -45.21
CA THR A 215 5.02 16.15 -44.51
C THR A 215 6.29 16.72 -45.14
N LEU A 216 7.29 15.87 -45.35
CA LEU A 216 8.54 16.35 -45.94
C LEU A 216 8.29 16.96 -47.31
N MET A 217 7.48 16.29 -48.13
CA MET A 217 7.14 16.82 -49.45
C MET A 217 6.53 18.21 -49.34
N ASP A 218 5.49 18.37 -48.51
CA ASP A 218 4.84 19.68 -48.41
C ASP A 218 5.77 20.72 -47.81
N ARG A 219 6.69 20.32 -46.94
CA ARG A 219 7.71 21.25 -46.47
C ARG A 219 8.55 21.78 -47.64
N ILE A 220 8.89 20.91 -48.60
CA ILE A 220 9.64 21.36 -49.78
C ILE A 220 8.79 22.29 -50.64
N LYS A 221 7.64 21.81 -51.10
CA LYS A 221 6.72 22.61 -51.91
C LYS A 221 6.54 24.02 -51.37
N LYS A 222 6.38 24.16 -50.06
CA LYS A 222 6.23 25.49 -49.51
C LYS A 222 7.49 26.33 -49.70
N GLN A 223 8.67 25.71 -49.71
CA GLN A 223 9.89 26.46 -49.93
C GLN A 223 10.24 26.67 -51.40
N LEU A 224 9.88 25.74 -52.28
CA LEU A 224 10.05 25.99 -53.70
C LEU A 224 9.14 27.13 -54.17
N ARG A 225 7.89 27.15 -53.69
CA ARG A 225 6.99 28.23 -54.06
C ARG A 225 7.48 29.56 -53.50
N GLU A 226 8.21 29.52 -52.39
CA GLU A 226 8.91 30.69 -51.87
C GLU A 226 9.97 31.20 -52.85
N TRP A 227 10.67 30.29 -53.52
CA TRP A 227 11.72 30.66 -54.45
C TRP A 227 11.16 31.20 -55.75
N ASP A 228 10.09 30.58 -56.25
CA ASP A 228 9.49 30.96 -57.52
C ASP A 228 8.03 30.57 -57.47
N GLU A 229 7.14 31.53 -57.72
CA GLU A 229 5.72 31.20 -57.79
C GLU A 229 5.46 30.34 -59.04
N ASN A 230 4.74 29.24 -58.86
CA ASN A 230 4.39 28.32 -59.94
C ASN A 230 3.34 27.36 -59.42
N LEU A 231 2.60 26.76 -60.36
CA LEU A 231 1.54 25.81 -60.00
C LEU A 231 2.18 24.53 -59.47
N LYS A 232 1.88 24.22 -58.20
CA LYS A 232 2.45 23.02 -57.59
C LYS A 232 1.78 21.75 -58.12
N ASP A 233 0.49 21.84 -58.45
CA ASP A 233 -0.29 20.65 -58.76
C ASP A 233 0.22 19.97 -60.02
N ASP A 234 0.41 20.74 -61.09
CA ASP A 234 0.81 20.15 -62.36
C ASP A 234 2.30 19.82 -62.38
N SER A 235 3.13 20.75 -61.89
CA SER A 235 4.57 20.66 -62.07
C SER A 235 5.19 19.52 -61.26
N LEU A 236 4.61 19.15 -60.10
CA LEU A 236 5.31 18.15 -59.28
C LEU A 236 4.53 16.85 -59.20
N PRO A 237 5.25 15.71 -59.27
CA PRO A 237 4.58 14.41 -59.15
C PRO A 237 4.12 14.16 -57.72
N SER A 238 3.06 13.36 -57.59
CA SER A 238 2.47 13.11 -56.28
C SER A 238 3.20 12.00 -55.52
N ASN A 239 3.82 11.08 -56.23
CA ASN A 239 4.55 9.98 -55.60
C ASN A 239 5.83 10.52 -54.97
N PRO A 240 6.15 10.19 -53.72
CA PRO A 240 7.36 10.73 -53.09
C PRO A 240 8.67 10.22 -53.71
N ILE A 241 8.72 9.00 -54.22
CA ILE A 241 9.91 8.55 -54.94
C ILE A 241 10.10 9.41 -56.20
N ASP A 242 9.05 9.55 -57.01
CA ASP A 242 9.13 10.43 -58.17
C ASP A 242 9.43 11.87 -57.77
N PHE A 243 8.84 12.31 -56.66
CA PHE A 243 9.06 13.67 -56.19
C PHE A 243 10.52 13.90 -55.77
N SER A 244 11.06 13.00 -54.95
CA SER A 244 12.42 13.21 -54.46
C SER A 244 13.42 13.32 -55.63
N TYR A 245 13.31 12.41 -56.61
CA TYR A 245 14.23 12.44 -57.74
C TYR A 245 14.05 13.70 -58.58
N ARG A 246 12.79 14.01 -58.97
CA ARG A 246 12.50 15.22 -59.71
C ARG A 246 13.10 16.46 -59.05
N VAL A 247 13.05 16.52 -57.71
CA VAL A 247 13.60 17.68 -57.02
C VAL A 247 15.13 17.64 -57.04
N ALA A 248 15.72 16.45 -56.98
CA ALA A 248 17.17 16.35 -57.05
C ALA A 248 17.69 16.92 -58.36
N ALA A 249 16.92 16.79 -59.43
CA ALA A 249 17.34 17.34 -60.71
C ALA A 249 17.29 18.86 -60.69
N CYS A 250 16.16 19.43 -60.28
CA CYS A 250 15.94 20.88 -60.36
C CYS A 250 16.57 21.67 -59.22
N LEU A 251 17.27 21.04 -58.28
CA LEU A 251 17.89 21.80 -57.19
C LEU A 251 19.09 22.59 -57.71
N PRO A 252 19.24 23.84 -57.28
CA PRO A 252 20.39 24.64 -57.78
C PRO A 252 21.71 24.31 -57.10
N ILE A 253 22.29 23.15 -57.47
CA ILE A 253 23.49 22.64 -56.82
C ILE A 253 24.48 22.06 -57.81
N ASP A 254 25.73 21.98 -57.34
CA ASP A 254 26.83 21.34 -58.05
C ASP A 254 26.55 19.85 -58.25
N ASP A 255 27.00 19.30 -59.39
CA ASP A 255 26.79 17.87 -59.64
C ASP A 255 27.63 16.96 -58.75
N VAL A 256 28.72 17.46 -58.16
CA VAL A 256 29.43 16.67 -57.14
C VAL A 256 28.59 16.55 -55.87
N LEU A 257 27.93 17.64 -55.47
CA LEU A 257 26.98 17.57 -54.37
C LEU A 257 25.79 16.69 -54.73
N ARG A 258 25.34 16.75 -55.98
CA ARG A 258 24.23 15.93 -56.41
C ARG A 258 24.52 14.44 -56.30
N ILE A 259 25.80 14.04 -56.30
CA ILE A 259 26.13 12.63 -56.16
C ILE A 259 25.63 12.10 -54.83
N GLN A 260 25.71 12.93 -53.79
CA GLN A 260 25.21 12.56 -52.46
C GLN A 260 23.75 12.13 -52.53
N LEU A 261 22.92 12.91 -53.22
CA LEU A 261 21.50 12.56 -53.38
C LEU A 261 21.33 11.28 -54.17
N LEU A 262 22.22 11.01 -55.13
CA LEU A 262 22.09 9.81 -55.95
C LEU A 262 22.37 8.55 -55.13
N LYS A 263 23.20 8.67 -54.09
CA LYS A 263 23.54 7.54 -53.24
C LYS A 263 22.36 7.07 -52.38
N ILE A 264 21.51 8.00 -51.93
CA ILE A 264 20.45 7.69 -50.98
C ILE A 264 19.43 6.76 -51.63
N GLY A 265 19.07 5.68 -50.93
CA GLY A 265 18.13 4.70 -51.44
C GLY A 265 16.70 4.85 -50.97
N SER A 266 16.50 5.58 -49.88
CA SER A 266 15.17 5.77 -49.31
C SER A 266 14.66 7.14 -49.69
N ALA A 267 13.51 7.19 -50.35
CA ALA A 267 12.90 8.48 -50.67
C ALA A 267 12.77 9.37 -49.43
N ILE A 268 12.65 8.78 -48.24
CA ILE A 268 12.56 9.57 -47.02
C ILE A 268 13.88 10.29 -46.76
N GLN A 269 14.98 9.53 -46.71
CA GLN A 269 16.27 10.15 -46.48
C GLN A 269 16.62 11.13 -47.59
N ARG A 270 16.16 10.87 -48.82
CA ARG A 270 16.41 11.79 -49.91
C ARG A 270 15.68 13.10 -49.69
N LEU A 271 14.39 13.04 -49.35
CA LEU A 271 13.62 14.25 -49.07
C LEU A 271 14.22 15.03 -47.91
N ARG A 272 14.68 14.32 -46.88
CA ARG A 272 15.32 14.98 -45.74
C ARG A 272 16.58 15.72 -46.18
N CYS A 273 17.39 15.06 -47.01
CA CYS A 273 18.65 15.65 -47.46
C CYS A 273 18.40 16.89 -48.30
N GLU A 274 17.41 16.83 -49.19
CA GLU A 274 17.06 17.99 -49.99
C GLU A 274 16.60 19.16 -49.15
N LEU A 275 15.90 18.89 -48.04
CA LEU A 275 15.53 19.99 -47.16
C LEU A 275 16.75 20.60 -46.48
N ASP A 276 17.72 19.78 -46.08
CA ASP A 276 18.93 20.33 -45.48
C ASP A 276 19.70 21.18 -46.48
N ILE A 277 19.81 20.72 -47.73
CA ILE A 277 20.43 21.54 -48.79
C ILE A 277 19.71 22.86 -48.89
N MET A 278 18.40 22.82 -49.12
CA MET A 278 17.59 24.02 -49.29
C MET A 278 17.85 25.03 -48.18
N ASN A 279 18.04 24.54 -46.95
CA ASN A 279 18.35 25.42 -45.84
C ASN A 279 19.79 25.90 -45.85
N LYS A 280 20.67 25.23 -46.61
CA LYS A 280 22.06 25.67 -46.71
C LYS A 280 22.30 26.62 -47.87
N CYS A 281 21.30 26.86 -48.72
CA CYS A 281 21.37 27.79 -49.85
C CYS A 281 21.12 29.22 -49.37
N THR A 282 22.07 29.75 -48.61
CA THR A 282 21.91 31.03 -47.96
C THR A 282 22.46 32.19 -48.78
N SER A 283 23.06 31.93 -49.93
CA SER A 283 23.64 32.97 -50.77
C SER A 283 22.94 32.99 -52.12
N LEU A 284 23.19 34.05 -52.89
CA LEU A 284 22.58 34.24 -54.19
C LEU A 284 23.66 34.49 -55.24
N CYS A 285 23.49 33.89 -56.40
CA CYS A 285 24.47 33.99 -57.48
C CYS A 285 23.77 34.48 -58.73
N CYS A 286 24.56 34.73 -59.77
CA CYS A 286 24.02 35.16 -61.04
C CYS A 286 23.16 34.05 -61.64
N LYS A 287 21.91 34.37 -61.93
CA LYS A 287 21.05 33.35 -62.52
C LYS A 287 21.58 32.91 -63.87
N GLN A 288 22.21 33.81 -64.62
CA GLN A 288 22.64 33.48 -65.98
C GLN A 288 23.88 32.59 -66.00
N CYS A 289 25.01 33.05 -65.43
CA CYS A 289 26.21 32.23 -65.49
C CYS A 289 26.29 31.23 -64.35
N GLN A 290 25.77 31.59 -63.17
CA GLN A 290 25.71 30.71 -61.99
C GLN A 290 27.10 30.33 -61.51
N GLU A 291 28.07 31.21 -61.73
CA GLU A 291 29.46 31.00 -61.32
C GLU A 291 29.96 32.04 -60.35
N THR A 292 29.10 32.97 -59.95
CA THR A 292 29.51 34.17 -59.24
C THR A 292 28.58 34.39 -58.07
N GLU A 293 29.10 34.18 -56.86
CA GLU A 293 28.33 34.47 -55.65
C GLU A 293 28.29 35.98 -55.44
N ILE A 294 27.09 36.57 -55.58
CA ILE A 294 26.94 38.01 -55.47
C ILE A 294 26.85 38.44 -54.01
N THR A 295 25.89 37.87 -53.26
CA THR A 295 25.60 38.33 -51.91
C THR A 295 24.97 37.18 -51.11
N THR A 296 24.92 37.36 -49.80
CA THR A 296 24.38 36.37 -48.87
C THR A 296 23.09 36.91 -48.27
N LYS A 297 22.30 36.01 -47.69
CA LYS A 297 21.03 36.45 -47.11
C LYS A 297 21.26 37.35 -45.90
N ASN A 298 22.40 37.20 -45.23
CA ASN A 298 22.75 38.09 -44.12
C ASN A 298 22.76 39.54 -44.54
N GLU A 299 23.24 39.82 -45.75
CA GLU A 299 23.39 41.20 -46.22
C GLU A 299 22.06 41.86 -46.57
N ILE A 300 20.94 41.13 -46.54
CA ILE A 300 19.66 41.76 -46.83
C ILE A 300 19.30 42.73 -45.71
N PHE A 301 18.53 43.77 -46.06
CA PHE A 301 18.00 44.67 -45.04
C PHE A 301 16.80 45.43 -45.61
N SER A 302 15.90 45.80 -44.70
CA SER A 302 14.71 46.56 -45.06
C SER A 302 15.04 48.05 -44.96
N LEU A 303 15.11 48.72 -46.11
CA LEU A 303 15.41 50.15 -46.10
C LEU A 303 14.22 50.96 -45.56
N SER A 304 13.05 50.76 -46.14
CA SER A 304 11.81 51.34 -45.63
C SER A 304 10.90 50.23 -45.09
N LEU A 305 9.72 50.63 -44.64
CA LEU A 305 8.70 49.67 -44.23
C LEU A 305 8.17 48.85 -45.40
N CYS A 306 8.40 49.33 -46.63
CA CYS A 306 8.02 48.57 -47.82
C CYS A 306 8.54 47.14 -47.77
N GLY A 307 9.73 46.94 -47.21
CA GLY A 307 10.32 45.63 -47.13
C GLY A 307 11.72 45.61 -47.69
N PRO A 308 12.37 44.46 -47.66
CA PRO A 308 13.63 44.33 -48.38
C PRO A 308 13.37 44.26 -49.87
N MET A 309 12.39 43.44 -50.27
CA MET A 309 12.01 43.32 -51.67
C MET A 309 10.68 44.01 -51.92
N ALA A 310 10.59 44.69 -53.06
CA ALA A 310 9.42 45.43 -53.49
C ALA A 310 9.50 45.54 -55.01
N ALA A 311 8.39 45.94 -55.62
CA ALA A 311 8.33 46.12 -57.07
C ALA A 311 8.39 47.61 -57.42
N TYR A 312 9.42 48.00 -58.16
CA TYR A 312 9.61 49.37 -58.60
C TYR A 312 9.53 49.47 -60.12
N VAL A 313 9.17 50.65 -60.59
CA VAL A 313 9.03 50.90 -62.02
C VAL A 313 10.06 51.94 -62.44
N ASN A 314 10.51 51.84 -63.67
CA ASN A 314 11.43 52.79 -64.28
C ASN A 314 10.67 53.73 -65.21
N PRO A 315 11.33 54.75 -65.79
CA PRO A 315 10.59 55.72 -66.60
C PRO A 315 10.13 55.20 -67.96
N HIS A 316 10.42 53.95 -68.32
CA HIS A 316 10.00 53.41 -69.60
C HIS A 316 8.98 52.29 -69.48
N GLY A 317 8.43 52.06 -68.28
CA GLY A 317 7.44 51.02 -68.06
C GLY A 317 7.96 49.67 -67.66
N TYR A 318 9.26 49.53 -67.42
CA TYR A 318 9.82 48.25 -67.00
C TYR A 318 9.67 48.10 -65.49
N VAL A 319 9.22 46.93 -65.06
CA VAL A 319 8.97 46.65 -63.65
C VAL A 319 10.06 45.74 -63.12
N HIS A 320 10.63 46.12 -61.97
CA HIS A 320 11.74 45.42 -61.35
C HIS A 320 11.37 45.05 -59.92
N GLU A 321 11.47 43.77 -59.59
CA GLU A 321 11.40 43.32 -58.20
C GLU A 321 12.78 43.48 -57.58
N THR A 322 12.96 44.50 -56.75
CA THR A 322 14.28 44.90 -56.29
C THR A 322 14.52 44.46 -54.86
N LEU A 323 15.65 43.80 -54.61
CA LEU A 323 16.08 43.40 -53.28
C LEU A 323 17.20 44.32 -52.81
N THR A 324 17.09 44.83 -51.59
CA THR A 324 18.08 45.72 -51.01
C THR A 324 19.05 44.93 -50.13
N VAL A 325 20.34 45.03 -50.40
CA VAL A 325 21.39 44.38 -49.62
C VAL A 325 22.51 45.36 -49.33
N TYR A 326 23.14 45.18 -48.15
CA TYR A 326 24.21 46.08 -47.72
C TYR A 326 25.47 45.92 -48.56
N LYS A 327 25.83 44.68 -48.91
CA LYS A 327 27.10 44.43 -49.56
C LYS A 327 26.94 43.37 -50.63
N ALA A 328 27.57 43.61 -51.78
CA ALA A 328 27.60 42.67 -52.89
C ALA A 328 28.92 42.84 -53.61
N CYS A 329 29.33 41.79 -54.31
CA CYS A 329 30.65 41.75 -54.93
C CYS A 329 30.58 41.02 -56.27
N ASN A 330 31.75 40.92 -56.92
CA ASN A 330 31.88 40.32 -58.24
C ASN A 330 30.94 41.01 -59.22
N LEU A 331 30.97 42.34 -59.20
CA LEU A 331 30.17 43.16 -60.09
C LEU A 331 31.02 44.27 -60.70
N ASN A 332 30.69 44.64 -61.94
CA ASN A 332 31.26 45.80 -62.60
C ASN A 332 30.18 46.87 -62.73
N LEU A 333 30.60 48.13 -62.64
CA LEU A 333 29.68 49.25 -62.82
C LEU A 333 29.70 49.76 -64.26
N ILE A 334 28.56 50.30 -64.70
CA ILE A 334 28.39 50.82 -66.06
C ILE A 334 27.89 52.25 -65.97
N GLY A 335 28.57 53.16 -66.68
CA GLY A 335 28.18 54.56 -66.68
C GLY A 335 28.50 55.26 -65.39
N ARG A 336 28.07 56.53 -65.32
CA ARG A 336 28.24 57.32 -64.12
C ARG A 336 26.98 57.31 -63.29
N PRO A 337 27.09 57.60 -61.99
CA PRO A 337 25.89 57.66 -61.15
C PRO A 337 24.93 58.76 -61.59
N SER A 338 23.63 58.48 -61.38
CA SER A 338 22.54 59.39 -61.73
C SER A 338 21.47 59.31 -60.66
N THR A 339 20.91 60.46 -60.30
CA THR A 339 19.76 60.51 -59.43
C THR A 339 18.45 60.46 -60.20
N GLU A 340 18.51 60.31 -61.51
CA GLU A 340 17.32 60.43 -62.36
C GLU A 340 16.35 59.30 -62.06
N HIS A 341 15.14 59.65 -61.58
CA HIS A 341 14.09 58.69 -61.32
C HIS A 341 14.55 57.65 -60.29
N SER A 342 15.35 58.10 -59.32
CA SER A 342 15.86 57.21 -58.29
C SER A 342 14.74 56.72 -57.39
N TRP A 343 14.72 55.42 -57.12
CA TRP A 343 13.70 54.86 -56.24
C TRP A 343 13.96 55.15 -54.76
N PHE A 344 15.17 55.61 -54.41
CA PHE A 344 15.53 55.90 -53.02
C PHE A 344 16.16 57.29 -52.95
N PRO A 345 15.35 58.35 -52.79
CA PRO A 345 15.88 59.71 -52.82
C PRO A 345 17.05 59.88 -51.86
N GLY A 346 18.02 60.70 -52.28
CA GLY A 346 19.28 60.83 -51.58
C GLY A 346 20.35 59.87 -52.05
N TYR A 347 20.01 58.95 -52.95
CA TYR A 347 20.97 57.98 -53.48
C TYR A 347 21.02 58.08 -54.99
N ALA A 348 22.20 57.83 -55.53
CA ALA A 348 22.43 57.83 -56.97
C ALA A 348 22.78 56.41 -57.39
N TRP A 349 22.14 55.94 -58.45
CA TRP A 349 22.33 54.58 -58.93
C TRP A 349 23.41 54.51 -60.00
N THR A 350 24.14 53.39 -60.01
CA THR A 350 25.07 53.08 -61.08
C THR A 350 24.83 51.64 -61.53
N VAL A 351 24.50 51.46 -62.82
CA VAL A 351 24.16 50.13 -63.33
C VAL A 351 25.29 49.15 -63.02
N ALA A 352 24.93 47.98 -62.51
CA ALA A 352 25.92 46.97 -62.11
C ALA A 352 25.64 45.65 -62.81
N GLN A 353 26.69 44.97 -63.27
CA GLN A 353 26.54 43.75 -64.05
C GLN A 353 27.56 42.72 -63.57
N CYS A 354 27.30 41.46 -63.91
CA CYS A 354 28.11 40.33 -63.46
C CYS A 354 29.54 40.43 -63.99
N LYS A 355 30.51 40.09 -63.14
CA LYS A 355 31.90 40.12 -63.55
C LYS A 355 32.19 39.17 -64.71
N ILE A 356 31.46 38.07 -64.78
CA ILE A 356 31.80 36.95 -65.65
C ILE A 356 31.06 36.99 -66.99
N CYS A 357 29.73 37.13 -66.96
CA CYS A 357 28.93 37.11 -68.18
C CYS A 357 28.32 38.46 -68.54
N ALA A 358 28.47 39.47 -67.70
CA ALA A 358 28.01 40.84 -67.95
C ALA A 358 26.49 40.95 -68.08
N SER A 359 25.74 39.94 -67.63
CA SER A 359 24.30 40.09 -67.52
C SER A 359 23.97 41.08 -66.41
N HIS A 360 22.86 41.80 -66.58
CA HIS A 360 22.51 42.83 -65.62
C HIS A 360 22.08 42.20 -64.30
N ILE A 361 22.65 42.69 -63.21
CA ILE A 361 22.29 42.22 -61.89
C ILE A 361 21.53 43.27 -61.09
N GLY A 362 21.75 44.56 -61.33
CA GLY A 362 21.05 45.59 -60.59
C GLY A 362 21.74 46.93 -60.58
N TRP A 363 21.81 47.55 -59.40
CA TRP A 363 22.41 48.87 -59.29
C TRP A 363 23.13 49.02 -57.96
N LYS A 364 24.19 49.83 -57.96
CA LYS A 364 24.85 50.25 -56.73
C LYS A 364 24.30 51.62 -56.36
N PHE A 365 23.73 51.73 -55.17
CA PHE A 365 23.16 52.98 -54.69
C PHE A 365 24.14 53.63 -53.73
N THR A 366 24.52 54.87 -54.04
CA THR A 366 25.46 55.64 -53.26
C THR A 366 24.81 56.93 -52.78
N ALA A 367 25.03 57.27 -51.51
CA ALA A 367 24.40 58.44 -50.92
C ALA A 367 24.98 59.73 -51.50
N THR A 368 24.14 60.77 -51.58
CA THR A 368 24.53 62.10 -52.04
C THR A 368 25.12 62.98 -50.92
N LYS A 369 24.62 62.85 -49.70
CA LYS A 369 25.03 63.63 -48.54
C LYS A 369 25.71 62.74 -47.51
N LYS A 370 26.33 63.37 -46.51
CA LYS A 370 27.04 62.62 -45.47
C LYS A 370 26.13 62.10 -44.36
N ASP A 371 24.96 62.74 -44.15
CA ASP A 371 24.02 62.33 -43.11
C ASP A 371 23.12 61.16 -43.52
N MET A 372 23.42 60.48 -44.63
CA MET A 372 22.63 59.35 -45.09
C MET A 372 23.07 58.09 -44.38
N SER A 373 22.10 57.29 -43.95
CA SER A 373 22.37 56.23 -42.97
C SER A 373 23.30 55.12 -43.47
N PRO A 374 22.96 54.27 -44.47
CA PRO A 374 23.97 53.28 -44.93
C PRO A 374 25.04 53.85 -45.85
N GLN A 375 24.79 54.97 -46.54
CA GLN A 375 25.77 55.65 -47.39
C GLN A 375 25.99 54.93 -48.72
N LYS A 376 26.11 53.59 -48.71
CA LYS A 376 26.18 52.81 -49.93
C LYS A 376 25.45 51.49 -49.71
N PHE A 377 24.62 51.10 -50.68
CA PHE A 377 23.97 49.80 -50.65
C PHE A 377 23.70 49.36 -52.09
N TRP A 378 23.06 48.20 -52.25
CA TRP A 378 22.86 47.62 -53.56
C TRP A 378 21.39 47.30 -53.78
N GLY A 379 20.94 47.49 -55.02
CA GLY A 379 19.62 47.12 -55.42
C GLY A 379 19.68 46.08 -56.53
N LEU A 380 19.47 44.82 -56.19
CA LEU A 380 19.53 43.71 -57.13
C LEU A 380 18.11 43.37 -57.60
N THR A 381 17.95 43.12 -58.89
CA THR A 381 16.66 42.69 -59.41
C THR A 381 16.53 41.17 -59.24
N ARG A 382 15.36 40.74 -58.75
CA ARG A 382 15.22 39.35 -58.28
C ARG A 382 15.36 38.35 -59.42
N SER A 383 14.73 38.64 -60.57
CA SER A 383 14.74 37.70 -61.69
C SER A 383 16.15 37.38 -62.18
N ALA A 384 17.13 38.21 -61.84
CA ALA A 384 18.51 38.00 -62.24
C ALA A 384 19.31 37.18 -61.22
N LEU A 385 18.71 36.83 -60.09
CA LEU A 385 19.38 36.09 -59.03
C LEU A 385 18.86 34.67 -58.91
N LEU A 386 19.64 33.83 -58.24
CA LEU A 386 19.33 32.44 -58.03
C LEU A 386 20.03 31.97 -56.76
N PRO A 387 19.32 31.33 -55.83
CA PRO A 387 19.95 30.95 -54.57
C PRO A 387 20.91 29.77 -54.75
N THR A 388 22.02 29.81 -54.02
CA THR A 388 23.02 28.76 -54.08
C THR A 388 23.70 28.62 -52.74
N ILE A 389 24.37 27.49 -52.55
CA ILE A 389 25.13 27.28 -51.31
C ILE A 389 26.38 28.15 -51.34
N PRO A 390 26.71 28.84 -50.26
CA PRO A 390 27.96 29.60 -50.23
C PRO A 390 29.13 28.67 -50.40
N ASP A 391 29.84 28.81 -51.52
CA ASP A 391 31.03 27.99 -51.75
C ASP A 391 32.22 28.57 -51.00
N THR A 392 33.13 27.70 -50.58
CA THR A 392 34.41 28.11 -49.99
C THR A 392 35.51 27.78 -50.99
N GLU A 393 35.58 28.60 -52.06
CA GLU A 393 36.68 28.51 -53.03
C GLU A 393 38.01 28.96 -52.43
N ASP A 394 37.97 29.76 -51.36
CA ASP A 394 39.16 30.04 -50.56
C ASP A 394 39.54 28.79 -49.79
N GLU A 395 40.65 28.14 -50.18
CA GLU A 395 41.08 26.88 -49.58
C GLU A 395 41.80 27.06 -48.24
N ILE A 396 41.71 28.23 -47.61
CA ILE A 396 42.31 28.45 -46.29
C ILE A 396 41.47 27.79 -45.19
N SER A 397 40.13 27.93 -45.24
CA SER A 397 39.23 27.24 -44.31
C SER A 397 38.11 26.54 -45.07
N PRO A 398 38.42 25.39 -45.75
CA PRO A 398 37.36 24.64 -46.47
C PRO A 398 36.76 23.51 -45.64
N ASP A 399 35.92 23.86 -44.66
CA ASP A 399 35.27 22.84 -43.84
C ASP A 399 34.19 22.14 -44.65
N LYS A 400 34.26 20.81 -44.71
CA LYS A 400 33.43 20.04 -45.63
C LYS A 400 31.95 20.10 -45.28
N VAL A 401 31.11 20.20 -46.32
CA VAL A 401 29.67 20.28 -46.12
C VAL A 401 29.14 18.88 -45.84
N ILE A 402 28.45 18.74 -44.71
CA ILE A 402 27.88 17.48 -44.25
C ILE A 402 26.37 17.56 -44.48
N LEU A 403 25.85 16.66 -45.30
CA LEU A 403 24.43 16.59 -45.54
C LEU A 403 23.75 15.62 -44.57
N CYS A 404 22.48 15.89 -44.26
CA CYS A 404 21.74 15.22 -43.20
C CYS A 404 20.74 14.22 -43.78
N LEU A 405 20.56 13.10 -43.06
CA LEU A 405 19.58 12.06 -43.36
C LEU A 405 18.69 11.75 -42.16
N MET B 1 29.44 -14.48 -36.84
CA MET B 1 30.61 -14.00 -36.11
C MET B 1 30.32 -13.68 -34.63
N SER B 2 29.13 -13.16 -34.36
CA SER B 2 28.63 -12.97 -33.01
C SER B 2 27.62 -14.06 -32.73
N TYR B 3 27.72 -14.65 -31.54
CA TYR B 3 26.90 -15.78 -31.15
C TYR B 3 26.07 -15.34 -29.94
N ASN B 4 24.80 -15.01 -30.17
CA ASN B 4 23.95 -14.44 -29.15
C ASN B 4 22.74 -15.33 -28.92
N TYR B 5 22.24 -15.29 -27.69
CA TYR B 5 21.15 -16.13 -27.20
C TYR B 5 20.06 -15.21 -26.66
N VAL B 6 18.81 -15.48 -27.05
CA VAL B 6 17.70 -14.59 -26.70
C VAL B 6 16.54 -15.41 -26.11
N VAL B 7 16.07 -14.98 -24.94
CA VAL B 7 15.08 -15.75 -24.19
C VAL B 7 14.04 -14.80 -23.57
N THR B 8 12.81 -15.30 -23.40
CA THR B 8 11.72 -14.52 -22.84
C THR B 8 11.76 -14.55 -21.32
N ALA B 9 11.74 -13.38 -20.70
CA ALA B 9 11.62 -13.30 -19.25
C ALA B 9 10.16 -13.20 -18.81
N GLN B 10 9.33 -12.52 -19.59
CA GLN B 10 7.91 -12.31 -19.34
C GLN B 10 7.19 -12.40 -20.67
N LYS B 11 6.19 -13.27 -20.77
CA LYS B 11 5.45 -13.39 -22.02
C LYS B 11 4.71 -12.08 -22.30
N PRO B 12 4.28 -11.85 -23.54
CA PRO B 12 3.49 -10.66 -23.82
C PRO B 12 2.21 -10.65 -22.99
N THR B 13 2.00 -9.54 -22.28
CA THR B 13 0.85 -9.37 -21.41
C THR B 13 -0.30 -8.64 -22.07
N ALA B 14 -0.06 -7.87 -23.12
CA ALA B 14 -1.12 -7.10 -23.75
C ALA B 14 -2.04 -7.98 -24.58
N VAL B 15 -3.33 -7.71 -24.49
CA VAL B 15 -4.37 -8.44 -25.20
C VAL B 15 -4.66 -7.74 -26.52
N ASN B 16 -4.60 -8.48 -27.62
CA ASN B 16 -4.95 -7.87 -28.90
C ASN B 16 -6.10 -8.59 -29.61
N GLY B 17 -6.84 -9.44 -28.90
CA GLY B 17 -8.02 -10.08 -29.47
C GLY B 17 -8.70 -10.96 -28.45
N CYS B 18 -9.99 -11.22 -28.69
CA CYS B 18 -10.76 -12.12 -27.84
C CYS B 18 -12.10 -12.46 -28.50
N VAL B 19 -12.50 -13.72 -28.40
CA VAL B 19 -13.78 -14.19 -28.91
C VAL B 19 -14.36 -15.21 -27.93
N THR B 20 -15.68 -15.36 -27.98
CA THR B 20 -16.35 -16.39 -27.21
C THR B 20 -16.96 -17.41 -28.15
N GLY B 21 -17.25 -18.58 -27.59
CA GLY B 21 -17.84 -19.66 -28.35
C GLY B 21 -17.74 -20.96 -27.59
N HIS B 22 -17.94 -22.04 -28.33
CA HIS B 22 -17.90 -23.39 -27.77
C HIS B 22 -16.82 -24.16 -28.52
N PHE B 23 -15.59 -24.02 -28.04
CA PHE B 23 -14.39 -24.58 -28.66
C PHE B 23 -13.90 -25.85 -27.99
N THR B 24 -13.98 -25.92 -26.66
CA THR B 24 -13.58 -27.13 -25.95
C THR B 24 -14.62 -28.23 -26.09
N SER B 25 -15.87 -27.94 -25.73
CA SER B 25 -16.98 -28.84 -25.98
C SER B 25 -18.23 -28.00 -26.24
N ALA B 26 -19.21 -28.62 -26.91
CA ALA B 26 -20.41 -27.90 -27.27
C ALA B 26 -21.14 -27.29 -26.07
N GLU B 27 -20.91 -27.81 -24.86
CA GLU B 27 -21.69 -27.38 -23.69
C GLU B 27 -21.10 -26.13 -23.06
N ASP B 28 -19.93 -26.27 -22.43
CA ASP B 28 -19.35 -25.14 -21.71
C ASP B 28 -18.97 -24.02 -22.66
N LEU B 29 -18.96 -22.79 -22.13
CA LEU B 29 -18.69 -21.59 -22.90
C LEU B 29 -17.24 -21.18 -22.78
N ASN B 30 -16.59 -20.97 -23.91
CA ASN B 30 -15.17 -20.66 -23.89
C ASN B 30 -14.93 -19.16 -24.07
N LEU B 31 -13.76 -18.72 -23.58
CA LEU B 31 -13.23 -17.40 -23.88
C LEU B 31 -11.80 -17.61 -24.34
N LEU B 32 -11.49 -17.14 -25.54
CA LEU B 32 -10.16 -17.29 -26.13
C LEU B 32 -9.52 -15.91 -26.27
N ILE B 33 -8.33 -15.75 -25.68
CA ILE B 33 -7.63 -14.46 -25.67
C ILE B 33 -6.34 -14.61 -26.45
N ALA B 34 -6.02 -13.62 -27.26
CA ALA B 34 -4.78 -13.57 -28.02
C ALA B 34 -3.86 -12.52 -27.41
N LYS B 35 -2.66 -12.95 -27.00
CA LYS B 35 -1.64 -12.05 -26.49
C LYS B 35 -0.42 -12.11 -27.42
N ASN B 36 -0.55 -11.49 -28.60
CA ASN B 36 0.46 -11.49 -29.65
C ASN B 36 0.76 -12.90 -30.15
N THR B 37 1.82 -13.53 -29.62
CA THR B 37 2.14 -14.89 -30.02
C THR B 37 1.51 -15.96 -29.13
N ARG B 38 0.89 -15.57 -28.02
CA ARG B 38 0.25 -16.48 -27.09
C ARG B 38 -1.24 -16.57 -27.35
N LEU B 39 -1.83 -17.71 -27.02
CA LEU B 39 -3.28 -17.91 -27.14
C LEU B 39 -3.79 -18.61 -25.90
N GLU B 40 -4.68 -17.95 -25.16
CA GLU B 40 -5.18 -18.48 -23.89
C GLU B 40 -6.63 -18.93 -24.06
N ILE B 41 -6.96 -20.12 -23.57
CA ILE B 41 -8.31 -20.68 -23.63
C ILE B 41 -8.85 -20.81 -22.22
N TYR B 42 -10.03 -20.26 -21.99
CA TYR B 42 -10.69 -20.33 -20.69
C TYR B 42 -12.06 -21.00 -20.84
N VAL B 43 -12.63 -21.33 -19.68
CA VAL B 43 -14.02 -21.77 -19.59
C VAL B 43 -14.71 -20.82 -18.63
N VAL B 44 -15.86 -20.32 -19.05
CA VAL B 44 -16.63 -19.34 -18.29
C VAL B 44 -17.43 -20.05 -17.21
N THR B 45 -17.00 -19.92 -15.96
CA THR B 45 -17.76 -20.39 -14.82
C THR B 45 -18.64 -19.25 -14.29
N ALA B 46 -19.48 -19.57 -13.31
CA ALA B 46 -20.25 -18.54 -12.63
C ALA B 46 -19.41 -17.72 -11.65
N GLU B 47 -18.30 -18.28 -11.18
CA GLU B 47 -17.41 -17.55 -10.27
C GLU B 47 -16.57 -16.55 -11.04
N GLY B 48 -15.80 -17.04 -12.01
CA GLY B 48 -14.94 -16.19 -12.82
C GLY B 48 -14.54 -16.85 -14.12
N LEU B 49 -13.24 -17.06 -14.31
CA LEU B 49 -12.72 -17.75 -15.49
C LEU B 49 -11.85 -18.93 -15.08
N ARG B 50 -12.20 -20.12 -15.58
CA ARG B 50 -11.41 -21.30 -15.28
C ARG B 50 -10.43 -21.55 -16.41
N PRO B 51 -9.14 -21.31 -16.22
CA PRO B 51 -8.17 -21.56 -17.29
C PRO B 51 -8.04 -23.03 -17.61
N VAL B 52 -7.93 -23.34 -18.90
CA VAL B 52 -7.98 -24.71 -19.40
C VAL B 52 -6.69 -25.06 -20.14
N LYS B 53 -6.22 -24.18 -21.00
CA LYS B 53 -5.05 -24.44 -21.84
C LYS B 53 -4.48 -23.10 -22.27
N GLU B 54 -3.18 -23.10 -22.55
CA GLU B 54 -2.47 -21.92 -23.04
C GLU B 54 -1.40 -22.41 -24.00
N VAL B 55 -1.49 -21.99 -25.26
CA VAL B 55 -0.55 -22.44 -26.27
C VAL B 55 0.06 -21.24 -26.96
N GLY B 56 1.27 -21.43 -27.48
CA GLY B 56 1.97 -20.41 -28.23
C GLY B 56 2.08 -20.84 -29.68
N MET B 57 2.18 -19.86 -30.56
CA MET B 57 2.30 -20.11 -31.97
C MET B 57 3.63 -19.58 -32.49
N TYR B 58 3.96 -20.02 -33.69
CA TYR B 58 5.11 -19.50 -34.42
C TYR B 58 4.69 -18.34 -35.32
N GLY B 59 4.08 -17.32 -34.71
CA GLY B 59 3.58 -16.20 -35.48
C GLY B 59 2.81 -15.20 -34.64
N LYS B 60 2.72 -13.95 -35.11
CA LYS B 60 1.89 -12.97 -34.44
C LYS B 60 0.44 -13.18 -34.88
N ILE B 61 -0.43 -13.49 -33.93
CA ILE B 61 -1.82 -13.83 -34.26
C ILE B 61 -2.53 -12.57 -34.72
N ALA B 62 -2.91 -12.51 -36.00
CA ALA B 62 -3.60 -11.36 -36.61
C ALA B 62 -5.11 -11.55 -36.76
N VAL B 63 -5.58 -12.76 -37.03
CA VAL B 63 -7.01 -13.06 -37.12
C VAL B 63 -7.32 -14.24 -36.22
N MET B 64 -8.44 -14.18 -35.49
CA MET B 64 -8.83 -15.27 -34.62
C MET B 64 -10.35 -15.34 -34.53
N GLU B 65 -10.96 -16.31 -35.20
CA GLU B 65 -12.42 -16.36 -35.27
C GLU B 65 -12.90 -17.79 -35.06
N LEU B 66 -13.93 -17.94 -34.25
CA LEU B 66 -14.57 -19.23 -34.06
C LEU B 66 -15.71 -19.39 -35.07
N PHE B 67 -16.06 -20.65 -35.35
CA PHE B 67 -17.11 -20.99 -36.30
C PHE B 67 -17.36 -22.49 -36.23
N ARG B 68 -18.61 -22.87 -36.47
CA ARG B 68 -18.99 -24.29 -36.48
C ARG B 68 -19.57 -24.64 -37.84
N PRO B 69 -18.80 -25.29 -38.72
CA PRO B 69 -19.37 -25.74 -40.00
C PRO B 69 -20.40 -26.83 -39.77
N LYS B 70 -21.10 -27.20 -40.85
CA LYS B 70 -22.17 -28.18 -40.70
C LYS B 70 -21.59 -29.55 -40.42
N GLY B 71 -22.17 -30.23 -39.42
CA GLY B 71 -21.67 -31.52 -39.02
C GLY B 71 -20.44 -31.44 -38.13
N GLU B 72 -20.51 -30.60 -37.10
CA GLU B 72 -19.42 -30.45 -36.15
C GLU B 72 -19.99 -30.39 -34.75
N SER B 73 -19.34 -31.07 -33.80
CA SER B 73 -19.80 -31.06 -32.41
C SER B 73 -19.55 -29.71 -31.75
N LYS B 74 -18.35 -29.16 -31.92
CA LYS B 74 -17.95 -27.89 -31.33
C LYS B 74 -17.33 -26.99 -32.39
N ASP B 75 -17.12 -25.73 -32.01
CA ASP B 75 -16.56 -24.74 -32.92
C ASP B 75 -15.11 -25.08 -33.27
N LEU B 76 -14.69 -24.64 -34.45
CA LEU B 76 -13.31 -24.68 -34.86
C LEU B 76 -12.73 -23.28 -34.80
N LEU B 77 -11.42 -23.17 -34.65
CA LEU B 77 -10.73 -21.89 -34.51
C LEU B 77 -9.87 -21.64 -35.75
N PHE B 78 -10.08 -20.50 -36.39
CA PHE B 78 -9.26 -20.07 -37.52
C PHE B 78 -8.32 -18.97 -37.08
N ILE B 79 -7.04 -19.12 -37.41
CA ILE B 79 -6.05 -18.12 -37.06
C ILE B 79 -5.20 -17.80 -38.28
N LEU B 80 -4.84 -16.52 -38.43
CA LEU B 80 -3.98 -16.04 -39.50
C LEU B 80 -2.86 -15.23 -38.87
N THR B 81 -1.62 -15.64 -39.10
CA THR B 81 -0.49 -14.98 -38.47
C THR B 81 -0.07 -13.75 -39.27
N ALA B 82 0.85 -12.98 -38.67
CA ALA B 82 1.35 -11.79 -39.33
C ALA B 82 2.11 -12.12 -40.61
N LYS B 83 2.79 -13.26 -40.67
CA LYS B 83 3.48 -13.68 -41.87
C LYS B 83 2.56 -14.42 -42.85
N TYR B 84 1.25 -14.31 -42.64
CA TYR B 84 0.19 -14.85 -43.51
C TYR B 84 0.08 -16.38 -43.44
N ASN B 85 0.30 -16.96 -42.25
CA ASN B 85 0.05 -18.38 -42.06
C ASN B 85 -1.42 -18.57 -41.64
N ALA B 86 -2.13 -19.40 -42.39
CA ALA B 86 -3.51 -19.74 -42.08
C ALA B 86 -3.61 -21.14 -41.47
N CYS B 87 -4.68 -21.37 -40.71
CA CYS B 87 -4.88 -22.67 -40.10
C CYS B 87 -6.24 -22.75 -39.45
N ILE B 88 -6.76 -23.98 -39.34
CA ILE B 88 -7.98 -24.29 -38.60
C ILE B 88 -7.62 -25.28 -37.51
N LEU B 89 -7.99 -24.97 -36.27
CA LEU B 89 -7.56 -25.73 -35.10
C LEU B 89 -8.76 -26.30 -34.37
N GLU B 90 -8.58 -27.48 -33.79
CA GLU B 90 -9.61 -28.19 -33.04
C GLU B 90 -9.10 -28.52 -31.64
N TYR B 91 -9.97 -28.31 -30.67
CA TYR B 91 -9.67 -28.69 -29.29
C TYR B 91 -9.96 -30.18 -29.13
N LYS B 92 -8.96 -30.92 -28.66
CA LYS B 92 -9.07 -32.37 -28.48
C LYS B 92 -8.52 -32.73 -27.11
N GLN B 93 -9.34 -33.39 -26.30
CA GLN B 93 -8.93 -33.87 -24.98
C GLN B 93 -9.17 -35.37 -24.89
N SER B 94 -8.18 -36.10 -24.37
CA SER B 94 -8.25 -37.55 -24.19
C SER B 94 -7.98 -37.84 -22.72
N GLY B 95 -9.05 -37.85 -21.93
CA GLY B 95 -8.93 -37.91 -20.48
C GLY B 95 -8.43 -36.59 -19.91
N GLU B 96 -7.11 -36.45 -19.75
CA GLU B 96 -6.55 -35.21 -19.22
C GLU B 96 -5.35 -34.72 -20.04
N SER B 97 -5.22 -35.19 -21.28
CA SER B 97 -4.16 -34.74 -22.18
C SER B 97 -4.82 -33.81 -23.21
N ILE B 98 -4.52 -32.53 -23.12
CA ILE B 98 -5.12 -31.51 -23.96
C ILE B 98 -4.19 -31.18 -25.11
N ASP B 99 -4.73 -31.20 -26.33
CA ASP B 99 -3.92 -30.95 -27.52
C ASP B 99 -4.74 -30.21 -28.58
N ILE B 100 -4.11 -29.24 -29.22
CA ILE B 100 -4.73 -28.42 -30.26
C ILE B 100 -4.23 -28.95 -31.61
N ILE B 101 -5.10 -29.69 -32.32
CA ILE B 101 -4.70 -30.35 -33.55
C ILE B 101 -4.93 -29.42 -34.74
N THR B 102 -4.11 -29.59 -35.77
CA THR B 102 -4.15 -28.75 -36.97
C THR B 102 -4.98 -29.45 -38.04
N ARG B 103 -6.25 -29.04 -38.17
CA ARG B 103 -7.12 -29.66 -39.16
C ARG B 103 -6.69 -29.32 -40.58
N ALA B 104 -6.33 -28.06 -40.83
CA ALA B 104 -5.83 -27.62 -42.12
C ALA B 104 -4.92 -26.42 -41.89
N HIS B 105 -3.98 -26.21 -42.79
CA HIS B 105 -3.06 -25.10 -42.62
C HIS B 105 -2.53 -24.70 -43.99
N GLY B 106 -1.74 -23.65 -44.02
CA GLY B 106 -1.18 -23.15 -45.26
C GLY B 106 -0.81 -21.69 -45.13
N ASN B 107 0.06 -21.25 -46.02
CA ASN B 107 0.42 -19.84 -46.12
C ASN B 107 -0.32 -19.25 -47.31
N VAL B 108 -0.95 -18.11 -47.10
CA VAL B 108 -1.81 -17.51 -48.08
C VAL B 108 -1.22 -16.22 -48.64
N GLN B 109 0.08 -16.02 -48.47
CA GLN B 109 0.72 -14.81 -48.95
C GLN B 109 0.71 -14.76 -50.47
N ASP B 110 0.65 -13.54 -50.99
CA ASP B 110 0.75 -13.31 -52.42
C ASP B 110 2.06 -12.60 -52.71
N ARG B 111 2.86 -13.17 -53.60
CA ARG B 111 3.94 -12.40 -54.17
C ARG B 111 3.30 -11.31 -55.02
N ILE B 112 3.75 -10.06 -54.81
CA ILE B 112 3.14 -8.87 -55.40
C ILE B 112 1.79 -8.58 -54.76
N GLY B 113 1.62 -7.36 -54.25
CA GLY B 113 0.41 -6.93 -53.58
C GLY B 113 0.71 -5.96 -52.47
N ARG B 114 0.03 -4.80 -52.43
CA ARG B 114 0.32 -3.79 -51.42
C ARG B 114 -0.47 -4.08 -50.16
N PRO B 115 0.18 -4.33 -49.02
CA PRO B 115 -0.56 -4.52 -47.77
C PRO B 115 -1.42 -3.30 -47.47
N SER B 116 -2.72 -3.55 -47.23
CA SER B 116 -3.66 -2.44 -47.12
C SER B 116 -3.30 -1.55 -45.94
N GLU B 117 -3.65 -0.27 -46.08
CA GLU B 117 -3.47 0.65 -44.97
C GLU B 117 -4.23 0.18 -43.75
N THR B 118 -5.34 -0.51 -43.97
CA THR B 118 -6.23 -0.93 -42.91
C THR B 118 -5.81 -2.25 -42.27
N GLY B 119 -4.71 -2.84 -42.72
CA GLY B 119 -4.20 -4.06 -42.13
C GLY B 119 -4.97 -5.28 -42.55
N ILE B 120 -4.59 -6.41 -41.96
CA ILE B 120 -5.23 -7.67 -42.32
C ILE B 120 -6.64 -7.69 -41.72
N ILE B 121 -7.60 -8.14 -42.52
CA ILE B 121 -8.97 -8.32 -42.05
C ILE B 121 -9.39 -9.73 -42.42
N GLY B 122 -9.89 -10.48 -41.43
CA GLY B 122 -10.36 -11.82 -41.70
C GLY B 122 -11.80 -12.00 -41.26
N ILE B 123 -12.67 -12.45 -42.16
CA ILE B 123 -14.08 -12.63 -41.86
C ILE B 123 -14.53 -13.96 -42.42
N ILE B 124 -15.40 -14.65 -41.68
CA ILE B 124 -15.95 -15.94 -42.09
C ILE B 124 -17.45 -15.79 -42.29
N ASP B 125 -17.94 -16.31 -43.41
CA ASP B 125 -19.36 -16.24 -43.70
C ASP B 125 -20.15 -16.93 -42.58
N PRO B 126 -21.27 -16.35 -42.15
CA PRO B 126 -22.00 -16.92 -41.00
C PRO B 126 -22.53 -18.31 -41.26
N GLU B 127 -22.71 -18.69 -42.51
CA GLU B 127 -23.05 -20.05 -42.89
C GLU B 127 -21.81 -20.95 -43.05
N CYS B 128 -20.62 -20.44 -42.74
CA CYS B 128 -19.37 -21.20 -42.82
C CYS B 128 -19.20 -21.85 -44.19
N ARG B 129 -19.59 -21.10 -45.23
CA ARG B 129 -19.31 -21.53 -46.59
C ARG B 129 -17.92 -21.15 -47.06
N MET B 130 -17.27 -20.18 -46.43
CA MET B 130 -16.03 -19.64 -46.99
C MET B 130 -15.38 -18.72 -45.97
N ILE B 131 -14.10 -18.42 -46.21
CA ILE B 131 -13.36 -17.42 -45.47
C ILE B 131 -12.87 -16.37 -46.45
N GLY B 132 -13.11 -15.11 -46.11
CA GLY B 132 -12.64 -13.98 -46.89
C GLY B 132 -11.50 -13.30 -46.15
N LEU B 133 -10.47 -12.91 -46.90
CA LEU B 133 -9.34 -12.19 -46.35
C LEU B 133 -9.12 -10.94 -47.17
N ARG B 134 -8.98 -9.81 -46.51
CA ARG B 134 -8.57 -8.57 -47.16
C ARG B 134 -7.14 -8.33 -46.68
N LEU B 135 -6.19 -8.76 -47.52
CA LEU B 135 -4.76 -8.60 -47.24
C LEU B 135 -4.14 -7.47 -48.02
N TYR B 136 -4.53 -7.32 -49.28
CA TYR B 136 -3.98 -6.29 -50.16
C TYR B 136 -5.08 -5.43 -50.76
N ASP B 137 -4.72 -4.17 -51.02
CA ASP B 137 -5.62 -3.24 -51.69
C ASP B 137 -5.96 -3.79 -53.07
N GLY B 138 -7.24 -3.70 -53.44
CA GLY B 138 -7.66 -4.11 -54.77
C GLY B 138 -7.88 -5.60 -54.96
N LEU B 139 -7.66 -6.42 -53.93
CA LEU B 139 -7.88 -7.86 -53.97
C LEU B 139 -8.71 -8.31 -52.78
N PHE B 140 -9.44 -9.41 -52.99
CA PHE B 140 -10.21 -10.09 -51.96
C PHE B 140 -9.97 -11.60 -52.10
N LYS B 141 -9.22 -12.17 -51.16
CA LYS B 141 -8.93 -13.61 -51.15
C LYS B 141 -10.08 -14.39 -50.54
N VAL B 142 -10.50 -15.47 -51.22
CA VAL B 142 -11.59 -16.33 -50.76
C VAL B 142 -11.07 -17.74 -50.63
N ILE B 143 -11.16 -18.31 -49.43
CA ILE B 143 -10.83 -19.72 -49.19
C ILE B 143 -12.15 -20.50 -49.10
N PRO B 144 -12.45 -21.38 -50.05
CA PRO B 144 -13.70 -22.15 -49.95
C PRO B 144 -13.58 -23.22 -48.89
N LEU B 145 -14.61 -23.33 -48.05
CA LEU B 145 -14.61 -24.22 -46.88
C LEU B 145 -15.15 -25.59 -47.27
N ASP B 146 -14.27 -26.41 -47.83
CA ASP B 146 -14.54 -27.80 -48.15
C ASP B 146 -13.73 -28.71 -47.23
N ARG B 147 -14.31 -29.87 -46.94
CA ARG B 147 -13.51 -30.91 -46.29
C ARG B 147 -12.26 -31.21 -47.10
N ASP B 148 -12.32 -30.99 -48.43
CA ASP B 148 -11.19 -31.27 -49.32
C ASP B 148 -10.02 -30.32 -49.08
N ASN B 149 -10.32 -29.06 -48.83
CA ASN B 149 -9.29 -28.02 -48.79
C ASN B 149 -8.57 -28.08 -47.45
N LYS B 150 -7.61 -29.01 -47.36
CA LYS B 150 -6.76 -29.10 -46.17
C LYS B 150 -5.52 -28.22 -46.27
N GLU B 151 -5.14 -27.81 -47.50
CA GLU B 151 -4.04 -26.89 -47.77
C GLU B 151 -4.48 -25.44 -47.86
N LEU B 152 -5.79 -25.19 -47.77
CA LEU B 152 -6.37 -23.85 -47.87
C LEU B 152 -5.99 -23.17 -49.18
N LYS B 153 -6.29 -23.84 -50.28
CA LYS B 153 -6.13 -23.25 -51.60
C LYS B 153 -7.22 -22.21 -51.78
N ALA B 154 -6.84 -21.01 -52.23
CA ALA B 154 -7.75 -19.88 -52.31
C ALA B 154 -7.55 -19.13 -53.62
N PHE B 155 -8.50 -18.25 -53.92
CA PHE B 155 -8.46 -17.41 -55.12
C PHE B 155 -8.75 -15.96 -54.75
N ASN B 156 -8.10 -15.04 -55.46
CA ASN B 156 -8.37 -13.62 -55.29
C ASN B 156 -9.47 -13.17 -56.25
N ILE B 157 -10.15 -12.09 -55.89
CA ILE B 157 -11.18 -11.50 -56.73
C ILE B 157 -10.87 -10.03 -56.91
N ARG B 158 -10.83 -9.59 -58.17
CA ARG B 158 -10.66 -8.17 -58.49
C ARG B 158 -11.61 -7.32 -57.65
N LEU B 159 -11.06 -6.32 -56.97
CA LEU B 159 -11.85 -5.45 -56.09
C LEU B 159 -11.65 -4.01 -56.56
N GLU B 160 -12.67 -3.46 -57.22
CA GLU B 160 -12.51 -2.14 -57.83
C GLU B 160 -12.27 -1.06 -56.79
N GLU B 161 -12.80 -1.24 -55.59
CA GLU B 161 -12.63 -0.27 -54.51
C GLU B 161 -11.31 -0.54 -53.81
N LEU B 162 -10.42 0.45 -53.79
CA LEU B 162 -9.10 0.19 -53.26
C LEU B 162 -9.01 0.43 -51.75
N HIS B 163 -9.45 1.59 -51.28
CA HIS B 163 -9.27 1.95 -49.88
C HIS B 163 -10.47 1.52 -49.06
N VAL B 164 -10.49 0.23 -48.75
CA VAL B 164 -11.52 -0.37 -47.90
C VAL B 164 -11.11 -0.22 -46.44
N ILE B 165 -12.05 0.24 -45.62
CA ILE B 165 -11.77 0.51 -44.21
C ILE B 165 -12.24 -0.63 -43.31
N ASP B 166 -13.40 -1.21 -43.58
CA ASP B 166 -13.79 -2.39 -42.82
C ASP B 166 -14.76 -3.18 -43.68
N VAL B 167 -14.84 -4.48 -43.39
CA VAL B 167 -15.74 -5.36 -44.13
C VAL B 167 -16.21 -6.47 -43.19
N LYS B 168 -17.48 -6.86 -43.35
CA LYS B 168 -18.06 -7.96 -42.59
C LYS B 168 -18.93 -8.78 -43.54
N PHE B 169 -19.31 -9.98 -43.09
CA PHE B 169 -20.24 -10.83 -43.80
C PHE B 169 -21.65 -10.64 -43.24
N LEU B 170 -22.62 -10.44 -44.13
CA LEU B 170 -23.97 -10.14 -43.69
C LEU B 170 -24.76 -11.41 -43.39
N TYR B 171 -25.69 -11.28 -42.45
CA TYR B 171 -26.56 -12.37 -42.05
C TYR B 171 -27.85 -12.36 -42.88
N GLY B 172 -28.42 -13.55 -43.04
CA GLY B 172 -29.71 -13.70 -43.70
C GLY B 172 -29.74 -13.34 -45.17
N CYS B 173 -28.68 -13.65 -45.89
CA CYS B 173 -28.60 -13.39 -47.33
C CYS B 173 -28.66 -14.68 -48.12
N GLN B 174 -29.25 -14.58 -49.31
CA GLN B 174 -29.41 -15.76 -50.16
C GLN B 174 -28.07 -16.42 -50.44
N ALA B 175 -27.14 -15.64 -50.99
CA ALA B 175 -25.75 -16.01 -51.19
C ALA B 175 -24.89 -15.31 -50.16
N PRO B 176 -23.68 -15.80 -49.90
CA PRO B 176 -22.77 -15.07 -49.00
C PRO B 176 -22.50 -13.67 -49.51
N THR B 177 -22.88 -12.67 -48.70
CA THR B 177 -22.79 -11.27 -49.07
C THR B 177 -21.86 -10.52 -48.11
N ILE B 178 -20.97 -9.70 -48.68
CA ILE B 178 -20.06 -8.87 -47.91
C ILE B 178 -20.48 -7.42 -48.01
N CYS B 179 -20.32 -6.70 -46.90
CA CYS B 179 -20.65 -5.30 -46.78
C CYS B 179 -19.42 -4.58 -46.26
N PHE B 180 -19.03 -3.50 -46.92
CA PHE B 180 -17.79 -2.84 -46.56
C PHE B 180 -17.90 -1.34 -46.77
N VAL B 181 -17.11 -0.59 -46.01
CA VAL B 181 -16.97 0.85 -46.16
C VAL B 181 -15.64 1.12 -46.84
N TYR B 182 -15.67 1.89 -47.91
CA TYR B 182 -14.49 2.18 -48.70
C TYR B 182 -14.40 3.69 -48.89
N GLN B 183 -13.25 4.15 -49.36
CA GLN B 183 -13.09 5.57 -49.66
C GLN B 183 -12.59 5.76 -51.07
N ASP B 184 -13.09 6.82 -51.70
CA ASP B 184 -12.76 7.27 -53.04
C ASP B 184 -12.79 8.80 -52.95
N PRO B 185 -12.54 9.54 -54.03
CA PRO B 185 -12.47 11.01 -53.89
C PRO B 185 -13.73 11.69 -53.35
N GLN B 186 -14.93 11.09 -53.49
CA GLN B 186 -16.16 11.78 -53.10
C GLN B 186 -16.52 11.62 -51.62
N GLY B 187 -15.63 11.04 -50.82
CA GLY B 187 -15.92 10.76 -49.43
C GLY B 187 -15.99 9.26 -49.20
N ARG B 188 -16.56 8.89 -48.07
CA ARG B 188 -16.71 7.48 -47.73
C ARG B 188 -18.11 7.00 -48.07
N HIS B 189 -18.21 5.71 -48.37
CA HIS B 189 -19.44 5.08 -48.83
C HIS B 189 -19.48 3.66 -48.28
N VAL B 190 -20.66 3.04 -48.32
CA VAL B 190 -20.84 1.64 -47.93
C VAL B 190 -21.50 0.90 -49.10
N LYS B 191 -20.97 -0.29 -49.43
CA LYS B 191 -21.39 -1.03 -50.62
C LYS B 191 -21.42 -2.52 -50.29
N THR B 192 -22.15 -3.30 -51.09
CA THR B 192 -22.24 -4.74 -50.90
C THR B 192 -21.98 -5.48 -52.21
N TYR B 193 -21.37 -6.66 -52.10
CA TYR B 193 -21.17 -7.60 -53.20
C TYR B 193 -21.57 -8.99 -52.73
N GLU B 194 -22.14 -9.77 -53.65
CA GLU B 194 -22.36 -11.19 -53.41
C GLU B 194 -21.15 -11.95 -53.91
N VAL B 195 -20.80 -13.03 -53.21
CA VAL B 195 -19.65 -13.85 -53.56
C VAL B 195 -20.15 -15.16 -54.16
N SER B 196 -19.76 -15.43 -55.40
CA SER B 196 -20.16 -16.66 -56.09
C SER B 196 -18.96 -17.59 -56.09
N LEU B 197 -19.08 -18.71 -55.36
CA LEU B 197 -18.00 -19.69 -55.40
C LEU B 197 -17.96 -20.42 -56.74
N ARG B 198 -19.11 -20.55 -57.40
CA ARG B 198 -19.14 -21.18 -58.72
C ARG B 198 -18.43 -20.31 -59.75
N GLU B 199 -18.88 -19.06 -59.92
CA GLU B 199 -18.22 -18.15 -60.85
C GLU B 199 -16.85 -17.70 -60.37
N LYS B 200 -16.57 -17.82 -59.06
CA LYS B 200 -15.36 -17.25 -58.45
C LYS B 200 -15.27 -15.76 -58.77
N GLU B 201 -16.38 -15.06 -58.57
CA GLU B 201 -16.50 -13.68 -59.01
C GLU B 201 -17.43 -12.92 -58.07
N PHE B 202 -17.52 -11.61 -58.30
CA PHE B 202 -18.51 -10.78 -57.61
C PHE B 202 -19.77 -10.58 -58.45
N ASN B 203 -20.89 -10.42 -57.75
CA ASN B 203 -22.17 -10.06 -58.32
C ASN B 203 -22.74 -8.87 -57.55
N LYS B 204 -23.80 -8.28 -58.11
CA LYS B 204 -24.46 -7.16 -57.46
C LYS B 204 -25.04 -7.58 -56.11
N GLY B 205 -24.84 -6.73 -55.10
CA GLY B 205 -25.32 -7.01 -53.76
C GLY B 205 -26.80 -6.72 -53.58
N PRO B 206 -27.26 -6.90 -52.34
CA PRO B 206 -28.69 -6.66 -52.08
C PRO B 206 -29.10 -5.21 -52.22
N TRP B 207 -28.31 -4.28 -51.74
CA TRP B 207 -28.67 -2.86 -51.77
C TRP B 207 -27.45 -2.03 -52.08
N LYS B 208 -27.48 -1.29 -53.19
CA LYS B 208 -26.30 -0.65 -53.75
C LYS B 208 -25.70 0.39 -52.82
N GLN B 209 -24.62 1.00 -53.31
CA GLN B 209 -23.84 1.99 -52.58
C GLN B 209 -24.73 3.05 -51.94
N GLU B 210 -24.33 3.48 -50.74
CA GLU B 210 -24.94 4.57 -50.00
C GLU B 210 -23.83 5.39 -49.38
N ASN B 211 -24.05 6.70 -49.27
CA ASN B 211 -23.05 7.58 -48.70
C ASN B 211 -23.10 7.55 -47.18
N VAL B 212 -21.93 7.56 -46.54
CA VAL B 212 -21.83 7.52 -45.09
C VAL B 212 -21.13 8.77 -44.59
N GLU B 213 -20.79 8.79 -43.30
CA GLU B 213 -20.16 9.95 -42.75
C GLU B 213 -18.67 9.95 -43.07
N ALA B 214 -18.04 11.11 -42.87
CA ALA B 214 -16.64 11.26 -43.22
C ALA B 214 -15.73 10.29 -42.49
N GLU B 215 -16.07 9.92 -41.26
CA GLU B 215 -15.20 9.14 -40.40
C GLU B 215 -15.68 7.71 -40.16
N ALA B 216 -16.52 7.17 -41.07
CA ALA B 216 -16.98 5.80 -40.92
C ALA B 216 -15.80 4.85 -40.73
N SER B 217 -15.68 4.25 -39.53
CA SER B 217 -14.51 3.46 -39.19
C SER B 217 -14.83 2.00 -38.84
N MET B 218 -16.08 1.60 -38.80
CA MET B 218 -16.39 0.29 -38.26
C MET B 218 -17.67 -0.24 -38.89
N VAL B 219 -17.69 -1.54 -39.17
CA VAL B 219 -18.85 -2.17 -39.77
C VAL B 219 -19.25 -3.34 -38.89
N ILE B 220 -20.54 -3.41 -38.55
CA ILE B 220 -21.09 -4.46 -37.68
C ILE B 220 -22.18 -5.17 -38.45
N ALA B 221 -22.02 -6.47 -38.65
CA ALA B 221 -23.09 -7.27 -39.23
C ALA B 221 -24.09 -7.62 -38.14
N VAL B 222 -25.37 -7.37 -38.41
CA VAL B 222 -26.43 -7.56 -37.42
C VAL B 222 -27.10 -8.91 -37.69
N PRO B 223 -27.27 -9.74 -36.67
CA PRO B 223 -27.73 -11.12 -36.88
C PRO B 223 -29.12 -11.20 -37.49
N GLU B 224 -29.46 -12.43 -37.90
CA GLU B 224 -30.55 -12.79 -38.80
C GLU B 224 -31.84 -11.98 -38.61
N PRO B 225 -32.44 -11.88 -37.37
CA PRO B 225 -33.69 -11.11 -37.24
C PRO B 225 -33.70 -9.81 -38.03
N PHE B 226 -32.65 -8.99 -37.85
CA PHE B 226 -32.59 -7.66 -38.44
C PHE B 226 -32.12 -7.71 -39.89
N GLY B 227 -30.97 -8.32 -40.14
CA GLY B 227 -30.31 -8.22 -41.42
C GLY B 227 -29.51 -6.93 -41.53
N GLY B 228 -28.82 -6.77 -42.64
CA GLY B 228 -28.13 -5.49 -42.82
C GLY B 228 -27.02 -5.29 -41.81
N ALA B 229 -26.65 -4.01 -41.59
CA ALA B 229 -25.42 -3.67 -40.89
C ALA B 229 -25.53 -2.32 -40.16
N ILE B 230 -24.69 -2.17 -39.14
CA ILE B 230 -24.52 -0.92 -38.40
C ILE B 230 -23.11 -0.41 -38.68
N ILE B 231 -23.00 0.89 -39.01
CA ILE B 231 -21.73 1.54 -39.31
C ILE B 231 -21.48 2.60 -38.26
N ILE B 232 -20.37 2.48 -37.54
CA ILE B 232 -20.03 3.42 -36.47
C ILE B 232 -18.94 4.35 -36.94
N GLY B 233 -19.16 5.65 -36.75
CA GLY B 233 -18.19 6.63 -37.15
C GLY B 233 -17.72 7.47 -36.00
N GLN B 234 -17.20 8.65 -36.29
CA GLN B 234 -16.65 9.45 -35.21
C GLN B 234 -17.77 10.07 -34.39
N GLU B 235 -18.81 10.58 -35.06
CA GLU B 235 -19.91 11.23 -34.34
C GLU B 235 -21.28 10.61 -34.58
N SER B 236 -21.43 9.68 -35.53
CA SER B 236 -22.72 9.07 -35.81
C SER B 236 -22.68 7.55 -35.64
N ILE B 237 -23.86 7.01 -35.37
CA ILE B 237 -24.13 5.57 -35.41
C ILE B 237 -25.29 5.39 -36.37
N THR B 238 -25.07 4.60 -37.43
CA THR B 238 -26.10 4.43 -38.44
C THR B 238 -26.38 2.95 -38.64
N TYR B 239 -27.61 2.63 -39.01
CA TYR B 239 -28.03 1.30 -39.39
C TYR B 239 -28.50 1.34 -40.82
N HIS B 240 -28.02 0.42 -41.66
CA HIS B 240 -28.49 0.37 -43.03
C HIS B 240 -28.96 -1.02 -43.41
N ASN B 241 -30.10 -1.08 -44.10
CA ASN B 241 -30.67 -2.31 -44.65
C ASN B 241 -31.53 -2.03 -45.87
N GLY B 242 -30.91 -1.52 -46.92
CA GLY B 242 -31.65 -1.26 -48.14
C GLY B 242 -32.69 -0.17 -48.02
N ASP B 243 -33.92 -0.57 -47.68
CA ASP B 243 -35.01 0.40 -47.57
C ASP B 243 -34.72 1.45 -46.50
N LYS B 244 -34.14 1.05 -45.38
CA LYS B 244 -33.97 1.95 -44.26
C LYS B 244 -32.51 2.35 -44.09
N TYR B 245 -32.31 3.57 -43.58
CA TYR B 245 -30.99 4.10 -43.26
C TYR B 245 -31.22 5.07 -42.12
N LEU B 246 -30.95 4.65 -40.90
CA LEU B 246 -31.17 5.47 -39.71
C LEU B 246 -29.82 5.83 -39.12
N ALA B 247 -29.65 7.10 -38.77
CA ALA B 247 -28.38 7.57 -38.23
C ALA B 247 -28.67 8.50 -37.07
N ILE B 248 -27.97 8.30 -35.96
CA ILE B 248 -28.16 9.11 -34.76
C ILE B 248 -26.82 9.56 -34.23
N ALA B 249 -26.79 10.78 -33.71
CA ALA B 249 -25.63 11.36 -33.05
C ALA B 249 -26.08 11.87 -31.69
N PRO B 250 -26.33 10.95 -30.75
CA PRO B 250 -26.77 11.35 -29.42
C PRO B 250 -25.66 12.10 -28.71
N PRO B 251 -26.02 13.13 -27.92
CA PRO B 251 -24.98 14.00 -27.32
C PRO B 251 -24.02 13.26 -26.41
N ILE B 252 -24.43 12.10 -25.87
CA ILE B 252 -23.59 11.34 -24.96
C ILE B 252 -22.34 10.79 -25.64
N ILE B 253 -22.32 10.69 -26.97
CA ILE B 253 -21.20 10.08 -27.67
C ILE B 253 -20.30 11.08 -28.39
N LYS B 254 -20.79 12.29 -28.69
CA LYS B 254 -20.03 13.18 -29.55
C LYS B 254 -18.63 13.43 -29.01
N GLN B 255 -18.45 13.36 -27.68
CA GLN B 255 -17.18 13.65 -27.02
C GLN B 255 -16.08 12.62 -27.23
N SER B 256 -16.37 11.45 -27.80
CA SER B 256 -15.29 10.49 -27.95
C SER B 256 -15.46 9.67 -29.22
N THR B 257 -14.39 8.97 -29.56
CA THR B 257 -14.32 8.17 -30.78
C THR B 257 -14.46 6.70 -30.36
N ILE B 258 -15.35 5.97 -31.01
CA ILE B 258 -15.60 4.57 -30.69
C ILE B 258 -14.61 3.71 -31.46
N VAL B 259 -14.02 2.71 -30.79
CA VAL B 259 -12.95 1.90 -31.38
C VAL B 259 -13.18 0.38 -31.32
N CYS B 260 -14.14 -0.06 -30.50
CA CYS B 260 -14.40 -1.49 -30.42
C CYS B 260 -15.86 -1.74 -30.07
N HIS B 261 -16.30 -2.97 -30.33
CA HIS B 261 -17.69 -3.35 -30.15
C HIS B 261 -17.78 -4.86 -29.90
N ASN B 262 -18.93 -5.26 -29.34
CA ASN B 262 -19.21 -6.68 -29.16
C ASN B 262 -20.70 -6.87 -28.96
N ARG B 263 -21.20 -8.00 -29.46
CA ARG B 263 -22.62 -8.30 -29.44
C ARG B 263 -23.03 -8.91 -28.11
N VAL B 264 -24.16 -8.44 -27.58
CA VAL B 264 -24.65 -8.93 -26.29
C VAL B 264 -25.75 -9.95 -26.51
N ASP B 265 -26.89 -9.53 -27.07
CA ASP B 265 -27.96 -10.47 -27.36
C ASP B 265 -27.61 -11.27 -28.60
N PRO B 266 -27.77 -12.59 -28.58
CA PRO B 266 -27.38 -13.39 -29.75
C PRO B 266 -28.14 -13.04 -31.00
N ASN B 267 -29.36 -12.53 -30.86
CA ASN B 267 -30.12 -12.08 -32.02
C ASN B 267 -29.71 -10.71 -32.50
N GLY B 268 -28.91 -9.99 -31.73
CA GLY B 268 -28.38 -8.70 -32.13
C GLY B 268 -29.08 -7.49 -31.55
N SER B 269 -29.96 -7.66 -30.57
CA SER B 269 -30.76 -6.54 -30.09
C SER B 269 -29.90 -5.53 -29.32
N ARG B 270 -28.79 -5.98 -28.73
CA ARG B 270 -27.94 -5.07 -27.98
C ARG B 270 -26.45 -5.33 -28.28
N TYR B 271 -25.67 -4.24 -28.22
CA TYR B 271 -24.25 -4.24 -28.53
C TYR B 271 -23.51 -3.43 -27.48
N LEU B 272 -22.28 -3.83 -27.18
CA LEU B 272 -21.42 -3.07 -26.27
C LEU B 272 -20.43 -2.24 -27.09
N LEU B 273 -20.20 -1.00 -26.66
CA LEU B 273 -19.34 -0.06 -27.37
C LEU B 273 -18.36 0.57 -26.41
N GLY B 274 -17.10 0.61 -26.81
CA GLY B 274 -16.07 1.24 -26.01
C GLY B 274 -15.32 2.28 -26.82
N ASP B 275 -14.97 3.37 -26.17
CA ASP B 275 -14.28 4.46 -26.84
C ASP B 275 -12.80 4.52 -26.42
N MET B 276 -12.11 5.55 -26.93
CA MET B 276 -10.67 5.64 -26.71
C MET B 276 -10.31 6.03 -25.30
N GLU B 277 -11.25 6.55 -24.51
CA GLU B 277 -10.94 7.09 -23.20
C GLU B 277 -11.39 6.20 -22.05
N GLY B 278 -11.81 4.97 -22.35
CA GLY B 278 -12.22 4.01 -21.34
C GLY B 278 -13.71 3.93 -21.10
N ARG B 279 -14.50 4.84 -21.66
CA ARG B 279 -15.94 4.79 -21.45
C ARG B 279 -16.52 3.49 -22.02
N LEU B 280 -17.71 3.16 -21.52
CA LEU B 280 -18.41 1.96 -21.95
C LEU B 280 -19.87 2.31 -22.19
N PHE B 281 -20.38 1.94 -23.37
CA PHE B 281 -21.75 2.25 -23.74
C PHE B 281 -22.53 0.97 -24.03
N MET B 282 -23.84 1.11 -24.12
CA MET B 282 -24.73 0.05 -24.54
C MET B 282 -25.59 0.59 -25.67
N LEU B 283 -25.72 -0.17 -26.75
CA LEU B 283 -26.53 0.22 -27.90
C LEU B 283 -27.74 -0.68 -27.99
N LEU B 284 -28.91 -0.09 -28.22
CA LEU B 284 -30.16 -0.83 -28.26
C LEU B 284 -30.77 -0.75 -29.66
N LEU B 285 -31.21 -1.87 -30.18
CA LEU B 285 -31.85 -1.93 -31.48
C LEU B 285 -33.32 -2.29 -31.26
N GLU B 286 -34.18 -1.27 -31.35
CA GLU B 286 -35.61 -1.48 -31.11
C GLU B 286 -36.26 -2.21 -32.28
N LYS B 287 -37.08 -3.19 -31.96
CA LYS B 287 -37.64 -4.13 -32.94
C LYS B 287 -39.11 -3.86 -33.16
N GLU B 288 -39.69 -4.63 -34.07
CA GLU B 288 -41.15 -4.67 -34.25
C GLU B 288 -41.48 -5.91 -35.07
N GLU B 289 -42.22 -6.86 -34.47
CA GLU B 289 -42.40 -8.15 -35.11
C GLU B 289 -43.33 -8.13 -36.33
N GLN B 290 -44.14 -7.09 -36.50
CA GLN B 290 -44.95 -6.90 -37.73
C GLN B 290 -45.58 -8.20 -38.23
N MET B 291 -46.15 -8.96 -37.32
CA MET B 291 -46.87 -10.19 -37.62
C MET B 291 -45.95 -11.22 -38.28
N ASP B 292 -46.01 -11.37 -39.63
CA ASP B 292 -45.26 -12.39 -40.39
C ASP B 292 -44.17 -13.06 -39.60
N GLY B 293 -43.09 -12.35 -39.42
CA GLY B 293 -42.00 -12.79 -38.58
C GLY B 293 -40.91 -11.85 -39.00
N THR B 294 -41.33 -10.85 -39.76
CA THR B 294 -40.43 -9.86 -40.34
C THR B 294 -40.19 -8.76 -39.32
N VAL B 295 -39.12 -8.87 -38.54
CA VAL B 295 -38.77 -7.82 -37.60
C VAL B 295 -38.10 -6.66 -38.34
N THR B 296 -38.57 -5.44 -38.10
CA THR B 296 -38.04 -4.22 -38.70
C THR B 296 -37.44 -3.36 -37.60
N LEU B 297 -36.30 -2.74 -37.88
CA LEU B 297 -35.64 -1.87 -36.91
C LEU B 297 -36.40 -0.56 -36.76
N LYS B 298 -36.68 -0.15 -35.53
CA LYS B 298 -37.41 1.10 -35.29
C LYS B 298 -36.51 2.25 -34.87
N ASP B 299 -35.59 2.03 -33.94
CA ASP B 299 -34.77 3.12 -33.44
C ASP B 299 -33.46 2.57 -32.87
N LEU B 300 -32.58 3.51 -32.47
CA LEU B 300 -31.30 3.22 -31.84
C LEU B 300 -31.15 4.14 -30.64
N ARG B 301 -30.81 3.56 -29.50
CA ARG B 301 -30.61 4.27 -28.24
C ARG B 301 -29.28 3.88 -27.64
N VAL B 302 -28.60 4.83 -27.02
CA VAL B 302 -27.29 4.60 -26.41
C VAL B 302 -27.31 5.09 -24.97
N GLU B 303 -26.77 4.27 -24.07
CA GLU B 303 -26.64 4.58 -22.65
C GLU B 303 -25.17 4.48 -22.26
N LEU B 304 -24.73 5.39 -21.40
CA LEU B 304 -23.39 5.35 -20.82
C LEU B 304 -23.41 4.46 -19.58
N LEU B 305 -22.62 3.39 -19.60
CA LEU B 305 -22.56 2.44 -18.48
C LEU B 305 -21.54 2.85 -17.42
N GLY B 306 -20.32 3.18 -17.82
CA GLY B 306 -19.32 3.58 -16.85
C GLY B 306 -17.96 3.72 -17.50
N GLU B 307 -16.93 3.69 -16.66
CA GLU B 307 -15.56 3.82 -17.09
C GLU B 307 -14.83 2.51 -16.82
N THR B 308 -14.02 2.07 -17.79
CA THR B 308 -13.17 0.89 -17.60
C THR B 308 -11.73 1.21 -17.97
N SER B 309 -10.90 0.18 -18.06
CA SER B 309 -9.59 0.41 -18.64
C SER B 309 -9.74 0.60 -20.14
N ILE B 310 -8.76 1.24 -20.76
CA ILE B 310 -8.88 1.58 -22.18
C ILE B 310 -8.92 0.29 -23.00
N ALA B 311 -10.09 -0.02 -23.55
CA ALA B 311 -10.36 -1.32 -24.12
C ALA B 311 -9.88 -1.41 -25.56
N GLU B 312 -9.04 -2.41 -25.83
CA GLU B 312 -8.72 -2.76 -27.20
C GLU B 312 -9.84 -3.60 -27.81
N CYS B 313 -10.36 -4.55 -27.07
CA CYS B 313 -11.50 -5.35 -27.51
C CYS B 313 -12.37 -5.65 -26.32
N LEU B 314 -13.63 -5.97 -26.61
CA LEU B 314 -14.62 -6.31 -25.60
C LEU B 314 -15.20 -7.68 -25.93
N THR B 315 -15.79 -8.31 -24.92
CA THR B 315 -16.53 -9.54 -25.16
C THR B 315 -17.45 -9.79 -23.98
N TYR B 316 -18.75 -9.89 -24.27
CA TYR B 316 -19.72 -10.18 -23.24
C TYR B 316 -19.73 -11.69 -23.01
N LEU B 317 -19.67 -12.08 -21.74
CA LEU B 317 -19.63 -13.49 -21.41
C LEU B 317 -21.04 -13.97 -21.10
N ASP B 318 -21.49 -13.72 -19.88
CA ASP B 318 -22.89 -13.96 -19.52
C ASP B 318 -23.09 -13.43 -18.11
N ASN B 319 -24.36 -13.20 -17.76
CA ASN B 319 -24.74 -12.69 -16.45
C ASN B 319 -24.08 -11.34 -16.18
N GLY B 320 -24.04 -10.51 -17.21
CA GLY B 320 -23.49 -9.18 -17.06
C GLY B 320 -22.03 -9.13 -16.74
N VAL B 321 -21.31 -10.20 -17.00
CA VAL B 321 -19.87 -10.23 -16.80
C VAL B 321 -19.22 -9.97 -18.15
N VAL B 322 -18.32 -8.98 -18.20
CA VAL B 322 -17.71 -8.57 -19.45
C VAL B 322 -16.19 -8.58 -19.28
N PHE B 323 -15.50 -9.13 -20.28
CA PHE B 323 -14.05 -9.14 -20.31
C PHE B 323 -13.58 -7.95 -21.14
N VAL B 324 -12.75 -7.10 -20.52
CA VAL B 324 -12.19 -5.93 -21.16
C VAL B 324 -10.75 -6.30 -21.51
N GLY B 325 -10.49 -6.52 -22.80
CA GLY B 325 -9.13 -6.74 -23.25
C GLY B 325 -8.43 -5.43 -23.52
N SER B 326 -7.39 -5.12 -22.76
CA SER B 326 -6.72 -3.84 -22.85
C SER B 326 -5.31 -4.00 -23.40
N ARG B 327 -4.86 -2.97 -24.12
CA ARG B 327 -3.50 -2.87 -24.62
C ARG B 327 -2.67 -1.85 -23.87
N LEU B 328 -3.29 -0.79 -23.34
CA LEU B 328 -2.54 0.22 -22.60
C LEU B 328 -2.50 -0.02 -21.09
N GLY B 329 -3.51 -0.69 -20.54
CA GLY B 329 -3.53 -0.91 -19.11
C GLY B 329 -4.01 -2.29 -18.75
N ASP B 330 -4.31 -2.51 -17.47
CA ASP B 330 -4.73 -3.84 -17.03
C ASP B 330 -6.02 -4.23 -17.71
N SER B 331 -6.08 -5.47 -18.18
CA SER B 331 -7.34 -6.04 -18.60
C SER B 331 -8.19 -6.37 -17.37
N GLN B 332 -9.52 -6.43 -17.54
CA GLN B 332 -10.44 -6.58 -16.41
C GLN B 332 -11.58 -7.54 -16.70
N LEU B 333 -12.25 -7.94 -15.62
CA LEU B 333 -13.63 -8.43 -15.63
C LEU B 333 -14.48 -7.39 -14.93
N VAL B 334 -15.61 -7.04 -15.53
CA VAL B 334 -16.49 -6.03 -14.93
C VAL B 334 -17.91 -6.61 -14.86
N LYS B 335 -18.63 -6.21 -13.82
CA LYS B 335 -20.02 -6.59 -13.65
C LYS B 335 -20.87 -5.42 -14.12
N LEU B 336 -21.98 -5.73 -14.76
CA LEU B 336 -22.90 -4.72 -15.22
C LEU B 336 -24.13 -4.79 -14.32
N ASN B 337 -24.25 -3.84 -13.39
CA ASN B 337 -25.40 -3.76 -12.50
C ASN B 337 -26.55 -3.01 -13.17
N VAL B 338 -27.76 -3.55 -13.00
CA VAL B 338 -28.96 -2.91 -13.54
C VAL B 338 -29.25 -1.59 -12.81
N ASP B 339 -28.93 -1.52 -11.52
CA ASP B 339 -29.11 -0.32 -10.72
C ASP B 339 -27.75 0.31 -10.43
N SER B 340 -27.65 1.62 -10.61
CA SER B 340 -26.38 2.32 -10.46
C SER B 340 -25.90 2.28 -9.01
N ASN B 341 -24.63 2.64 -8.82
CA ASN B 341 -24.07 2.80 -7.49
C ASN B 341 -24.11 4.29 -7.12
N GLU B 342 -23.32 4.70 -6.11
CA GLU B 342 -23.32 6.09 -5.67
C GLU B 342 -22.52 7.00 -6.59
N GLN B 343 -21.51 6.48 -7.28
CA GLN B 343 -20.79 7.28 -8.27
C GLN B 343 -21.58 7.44 -9.56
N GLY B 344 -22.64 6.66 -9.76
CA GLY B 344 -23.44 6.68 -10.96
C GLY B 344 -23.12 5.57 -11.93
N SER B 345 -22.00 4.87 -11.72
CA SER B 345 -21.53 3.86 -12.64
C SER B 345 -22.27 2.55 -12.39
N TYR B 346 -22.72 1.95 -13.49
CA TYR B 346 -23.33 0.63 -13.44
C TYR B 346 -22.29 -0.47 -13.61
N VAL B 347 -21.02 -0.13 -13.79
CA VAL B 347 -19.95 -1.09 -13.94
C VAL B 347 -19.13 -1.14 -12.66
N VAL B 348 -18.73 -2.36 -12.30
CA VAL B 348 -17.92 -2.62 -11.12
C VAL B 348 -16.83 -3.60 -11.52
N ALA B 349 -15.59 -3.29 -11.18
CA ALA B 349 -14.49 -4.18 -11.51
C ALA B 349 -14.52 -5.42 -10.63
N MET B 350 -14.41 -6.59 -11.27
CA MET B 350 -14.33 -7.84 -10.52
C MET B 350 -12.88 -8.28 -10.37
N GLU B 351 -12.24 -8.67 -11.47
CA GLU B 351 -10.84 -9.04 -11.47
C GLU B 351 -10.04 -8.04 -12.29
N THR B 352 -8.73 -7.98 -12.00
CA THR B 352 -7.77 -7.12 -12.69
C THR B 352 -6.57 -7.98 -13.05
N PHE B 353 -6.36 -8.18 -14.35
CA PHE B 353 -5.25 -8.95 -14.90
C PHE B 353 -4.12 -8.00 -15.30
N THR B 354 -2.92 -8.25 -14.77
CA THR B 354 -1.82 -7.33 -14.97
C THR B 354 -1.35 -7.34 -16.42
N ASN B 355 -1.16 -6.13 -16.96
CA ASN B 355 -0.61 -5.90 -18.30
C ASN B 355 0.52 -4.90 -18.16
N LEU B 356 1.74 -5.38 -18.38
CA LEU B 356 2.92 -4.52 -18.38
C LEU B 356 2.84 -3.50 -19.51
N GLY B 357 1.73 -3.49 -20.25
CA GLY B 357 1.36 -2.43 -21.17
C GLY B 357 2.46 -2.12 -22.14
N PRO B 358 2.41 -0.97 -22.78
CA PRO B 358 3.59 -0.49 -23.52
C PRO B 358 4.71 -0.13 -22.54
N ILE B 359 5.82 -0.87 -22.57
CA ILE B 359 7.02 -0.51 -21.81
C ILE B 359 7.80 0.51 -22.64
N VAL B 360 7.87 1.75 -22.17
CA VAL B 360 8.53 2.81 -22.93
C VAL B 360 9.91 3.18 -22.36
N ASP B 361 10.21 2.81 -21.12
CA ASP B 361 11.56 2.93 -20.58
C ASP B 361 11.63 1.97 -19.41
N MET B 362 12.84 1.74 -18.92
CA MET B 362 13.02 0.92 -17.73
C MET B 362 14.47 1.05 -17.25
N CYS B 363 14.70 0.51 -16.07
CA CYS B 363 16.05 0.40 -15.54
C CYS B 363 16.07 -0.75 -14.54
N VAL B 364 17.28 -1.22 -14.23
CA VAL B 364 17.47 -2.27 -13.26
C VAL B 364 18.10 -1.62 -12.04
N VAL B 365 17.60 -1.98 -10.87
CA VAL B 365 18.09 -1.45 -9.61
C VAL B 365 18.21 -2.63 -8.66
N ASP B 366 19.24 -2.62 -7.82
CA ASP B 366 19.30 -3.65 -6.79
C ASP B 366 18.32 -3.37 -5.66
N LEU B 367 18.07 -2.09 -5.41
CA LEU B 367 17.08 -1.56 -4.50
C LEU B 367 17.24 -2.04 -3.07
N GLU B 368 17.03 -3.33 -2.78
CA GLU B 368 17.07 -3.72 -1.37
C GLU B 368 17.99 -4.90 -1.06
N ARG B 369 18.14 -5.82 -2.00
CA ARG B 369 18.83 -7.07 -1.70
C ARG B 369 20.33 -6.88 -1.62
N GLN B 370 20.86 -5.90 -2.37
CA GLN B 370 22.30 -5.72 -2.53
C GLN B 370 22.93 -6.99 -3.09
N GLY B 371 22.18 -7.69 -3.94
CA GLY B 371 22.59 -8.90 -4.59
C GLY B 371 21.70 -9.29 -5.77
N GLN B 372 20.39 -9.04 -5.67
CA GLN B 372 19.42 -9.38 -6.71
C GLN B 372 18.77 -8.11 -7.24
N GLY B 373 18.94 -7.88 -8.54
CA GLY B 373 18.40 -6.67 -9.15
C GLY B 373 16.92 -6.74 -9.44
N GLN B 374 16.28 -5.57 -9.41
CA GLN B 374 14.87 -5.41 -9.70
C GLN B 374 14.69 -4.46 -10.87
N LEU B 375 13.65 -4.72 -11.67
CA LEU B 375 13.36 -4.00 -12.89
C LEU B 375 12.15 -3.11 -12.65
N VAL B 376 12.32 -1.80 -12.84
CA VAL B 376 11.25 -0.82 -12.71
C VAL B 376 11.00 -0.21 -14.08
N THR B 377 9.78 -0.33 -14.59
CA THR B 377 9.45 0.09 -15.95
C THR B 377 8.49 1.28 -15.96
N CYS B 378 8.41 1.93 -17.12
CA CYS B 378 7.38 2.93 -17.42
C CYS B 378 6.36 2.24 -18.31
N SER B 379 5.20 1.90 -17.76
CA SER B 379 4.23 1.11 -18.50
C SER B 379 2.95 1.91 -18.76
N GLY B 380 2.27 1.53 -19.82
CA GLY B 380 0.97 2.10 -20.14
C GLY B 380 0.99 3.54 -20.64
N ALA B 381 -0.22 4.06 -20.84
CA ALA B 381 -0.45 5.40 -21.37
C ALA B 381 -1.70 6.00 -20.75
N PHE B 382 -1.69 7.33 -20.66
CA PHE B 382 -2.87 8.11 -20.24
C PHE B 382 -3.26 7.70 -18.82
N LYS B 383 -4.56 7.50 -18.56
CA LYS B 383 -5.00 7.14 -17.22
C LYS B 383 -4.44 5.80 -16.78
N GLU B 384 -4.10 4.94 -17.74
CA GLU B 384 -3.42 3.66 -17.51
C GLU B 384 -1.93 3.81 -17.20
N GLY B 385 -1.39 5.02 -17.22
CA GLY B 385 0.00 5.26 -16.87
C GLY B 385 0.34 4.70 -15.51
N SER B 386 1.52 4.09 -15.42
CA SER B 386 1.87 3.28 -14.25
C SER B 386 3.38 3.04 -14.21
N LEU B 387 3.86 2.65 -13.03
CA LEU B 387 5.15 2.00 -12.88
C LEU B 387 4.92 0.54 -12.50
N ARG B 388 5.92 -0.29 -12.79
CA ARG B 388 5.86 -1.70 -12.44
C ARG B 388 7.20 -2.08 -11.87
N ILE B 389 7.18 -2.88 -10.80
CA ILE B 389 8.39 -3.39 -10.19
C ILE B 389 8.38 -4.90 -10.43
N ILE B 390 9.33 -5.38 -11.24
CA ILE B 390 9.45 -6.79 -11.56
C ILE B 390 10.71 -7.35 -10.90
N ARG B 391 10.58 -8.51 -10.27
CA ARG B 391 11.65 -9.23 -9.61
C ARG B 391 11.33 -10.71 -9.68
N ASN B 392 12.33 -11.53 -9.37
CA ASN B 392 12.09 -12.97 -9.39
C ASN B 392 11.47 -13.45 -8.08
N GLY B 393 10.62 -14.48 -8.20
CA GLY B 393 9.75 -14.88 -7.10
C GLY B 393 10.48 -15.27 -5.81
N ILE B 394 11.73 -15.71 -5.93
CA ILE B 394 12.58 -16.05 -4.78
C ILE B 394 11.91 -17.11 -3.89
N LYS B 405 9.42 -17.87 -10.72
CA LYS B 405 8.36 -17.10 -11.38
C LYS B 405 8.46 -15.60 -11.06
N LEU B 406 7.74 -14.75 -11.81
CA LEU B 406 7.86 -13.29 -11.72
C LEU B 406 6.83 -12.67 -10.78
N HIS B 407 7.31 -11.84 -9.85
CA HIS B 407 6.45 -11.08 -8.95
C HIS B 407 6.42 -9.64 -9.45
N ILE B 408 5.22 -9.11 -9.71
CA ILE B 408 5.04 -7.79 -10.27
C ILE B 408 4.18 -6.96 -9.33
N ARG B 409 4.67 -5.78 -8.95
CA ARG B 409 3.92 -4.85 -8.13
C ARG B 409 3.68 -3.58 -8.94
N THR B 410 2.44 -3.08 -8.90
CA THR B 410 2.03 -1.95 -9.72
C THR B 410 1.88 -0.66 -8.90
N VAL B 411 2.28 0.46 -9.51
CA VAL B 411 2.15 1.81 -8.93
C VAL B 411 1.47 2.73 -9.93
N PRO B 412 0.15 2.86 -9.93
CA PRO B 412 -0.52 3.67 -10.95
C PRO B 412 -0.25 5.16 -10.78
N LEU B 413 -0.16 5.82 -11.93
CA LEU B 413 0.16 7.24 -12.06
C LEU B 413 -0.96 8.06 -12.68
N TYR B 414 -1.87 7.44 -13.45
CA TYR B 414 -2.98 8.12 -14.10
C TYR B 414 -2.52 9.18 -15.09
N GLU B 415 -1.25 9.11 -15.50
CA GLU B 415 -0.71 9.95 -16.56
C GLU B 415 0.46 9.19 -17.17
N SER B 416 0.80 9.57 -18.41
CA SER B 416 1.76 8.79 -19.22
C SER B 416 3.17 8.98 -18.71
N PRO B 417 3.88 7.92 -18.30
CA PRO B 417 5.30 8.06 -17.97
C PRO B 417 6.16 7.78 -19.19
N ARG B 418 7.25 8.55 -19.31
CA ARG B 418 8.07 8.62 -20.52
C ARG B 418 9.48 8.06 -20.33
N LYS B 419 10.19 8.50 -19.29
CA LYS B 419 11.55 8.04 -19.01
C LYS B 419 11.66 7.77 -17.52
N ILE B 420 12.58 6.91 -17.15
CA ILE B 420 12.87 6.62 -15.76
C ILE B 420 14.37 6.44 -15.58
N CYS B 421 14.89 6.91 -14.46
CA CYS B 421 16.25 6.63 -14.07
C CYS B 421 16.35 6.69 -12.55
N TYR B 422 17.37 6.02 -12.03
CA TYR B 422 17.51 5.83 -10.59
C TYR B 422 18.67 6.66 -10.06
N GLN B 423 18.44 7.34 -8.94
CA GLN B 423 19.45 8.12 -8.23
C GLN B 423 19.62 7.51 -6.84
N GLU B 424 20.62 6.64 -6.70
CA GLU B 424 20.82 5.98 -5.41
C GLU B 424 21.09 6.96 -4.28
N VAL B 425 21.73 8.09 -4.59
CA VAL B 425 22.17 9.04 -3.56
C VAL B 425 20.98 9.53 -2.73
N SER B 426 19.82 9.71 -3.36
CA SER B 426 18.61 10.17 -2.68
C SER B 426 17.50 9.10 -2.63
N GLN B 427 17.86 7.82 -2.78
CA GLN B 427 16.95 6.68 -2.58
C GLN B 427 15.62 6.87 -3.32
N CYS B 428 15.69 7.36 -4.55
CA CYS B 428 14.47 7.68 -5.27
C CYS B 428 14.73 7.64 -6.78
N PHE B 429 13.66 7.76 -7.54
CA PHE B 429 13.67 7.68 -8.98
C PHE B 429 13.30 9.02 -9.60
N GLY B 430 13.91 9.30 -10.74
CA GLY B 430 13.51 10.40 -11.58
C GLY B 430 12.71 9.88 -12.76
N VAL B 431 11.53 10.45 -12.96
CA VAL B 431 10.61 10.01 -14.01
C VAL B 431 10.10 11.23 -14.76
N LEU B 432 10.17 11.18 -16.09
CA LEU B 432 9.55 12.19 -16.93
C LEU B 432 8.17 11.73 -17.31
N SER B 433 7.17 12.57 -17.12
CA SER B 433 5.80 12.21 -17.44
C SER B 433 5.08 13.38 -18.07
N SER B 434 4.00 13.09 -18.76
CA SER B 434 3.17 14.12 -19.35
C SER B 434 1.70 13.81 -19.11
N ARG B 435 0.94 14.83 -18.73
CA ARG B 435 -0.49 14.70 -18.51
C ARG B 435 -1.21 15.61 -19.49
N ILE B 436 -2.40 15.21 -19.88
CA ILE B 436 -3.20 16.01 -20.82
C ILE B 436 -4.09 16.97 -20.04
N GLU B 437 -4.09 18.23 -20.45
CA GLU B 437 -5.03 19.23 -19.97
C GLU B 437 -5.76 19.83 -21.16
N VAL B 438 -6.93 20.42 -20.91
CA VAL B 438 -7.72 21.03 -21.96
C VAL B 438 -7.68 22.53 -21.80
N GLN B 439 -7.71 23.23 -22.93
CA GLN B 439 -7.71 24.69 -22.91
C GLN B 439 -8.94 25.18 -22.17
N ASP B 440 -8.74 26.12 -21.26
CA ASP B 440 -9.85 26.72 -20.52
C ASP B 440 -10.30 27.99 -21.24
N THR B 441 -11.58 28.36 -21.05
CA THR B 441 -12.10 29.61 -21.60
C THR B 441 -11.41 30.85 -21.01
N SER B 442 -10.85 30.73 -19.81
CA SER B 442 -10.12 31.84 -19.18
C SER B 442 -8.83 32.15 -19.91
N GLY B 443 -8.24 31.15 -20.55
CA GLY B 443 -6.91 31.23 -21.13
C GLY B 443 -5.95 30.17 -20.62
N GLY B 444 -6.11 29.76 -19.37
CA GLY B 444 -5.34 28.69 -18.78
C GLY B 444 -5.83 27.34 -19.25
N THR B 445 -5.36 26.30 -18.55
CA THR B 445 -5.74 24.94 -18.86
C THR B 445 -6.35 24.25 -17.64
N THR B 446 -7.20 23.27 -17.92
CA THR B 446 -7.93 22.51 -16.91
C THR B 446 -7.50 21.05 -17.01
N ALA B 447 -7.11 20.46 -15.88
CA ALA B 447 -6.76 19.05 -15.87
C ALA B 447 -8.01 18.19 -16.07
N LEU B 448 -7.80 16.97 -16.55
CA LEU B 448 -8.90 16.04 -16.76
C LEU B 448 -9.21 15.22 -15.51
N ARG B 449 -8.19 14.81 -14.78
CA ARG B 449 -8.36 14.10 -13.53
C ARG B 449 -7.12 14.33 -12.71
N PRO B 450 -7.17 14.06 -11.40
CA PRO B 450 -5.93 14.14 -10.61
C PRO B 450 -5.02 12.96 -10.91
N SER B 451 -3.80 13.26 -11.29
CA SER B 451 -2.79 12.27 -11.60
C SER B 451 -1.54 12.55 -10.79
N ALA B 452 -0.50 11.74 -11.04
CA ALA B 452 0.71 11.77 -10.23
C ALA B 452 1.30 13.19 -10.14
N SER B 453 1.35 13.90 -11.28
CA SER B 453 1.97 15.23 -11.29
C SER B 453 1.13 16.27 -10.56
N THR B 454 -0.19 16.08 -10.51
CA THR B 454 -1.08 17.04 -9.86
C THR B 454 -1.15 16.77 -8.36
N GLN B 455 -1.25 15.50 -7.96
CA GLN B 455 -1.35 15.14 -6.55
C GLN B 455 0.01 14.81 -5.95
N ALA B 456 0.96 15.73 -6.14
CA ALA B 456 2.27 15.59 -5.54
C ALA B 456 2.32 16.36 -4.23
N LEU B 457 3.18 15.90 -3.33
CA LEU B 457 3.43 16.60 -2.07
C LEU B 457 3.96 18.01 -2.30
N SER B 458 5.15 18.13 -2.86
CA SER B 458 5.70 19.43 -3.24
C SER B 458 5.53 19.66 -4.74
N SER B 459 5.41 20.92 -5.13
CA SER B 459 5.22 21.28 -6.54
C SER B 459 6.12 22.45 -6.87
N SER B 460 6.42 22.61 -8.16
CA SER B 460 7.22 23.73 -8.66
C SER B 460 7.08 23.81 -10.18
N VAL B 461 7.31 25.02 -10.71
CA VAL B 461 7.39 25.27 -12.16
C VAL B 461 8.68 26.03 -12.43
N SER B 462 9.34 25.70 -13.55
CA SER B 462 10.62 26.34 -13.83
C SER B 462 10.38 27.79 -14.20
N SER B 463 11.26 28.66 -13.71
CA SER B 463 11.11 30.08 -13.94
C SER B 463 11.29 30.40 -15.42
N SER B 464 10.24 30.95 -16.04
CA SER B 464 10.27 31.40 -17.43
C SER B 464 11.33 32.46 -17.63
N LYS B 465 12.49 32.05 -18.16
CA LYS B 465 13.64 32.94 -18.22
C LYS B 465 14.15 33.07 -19.65
N LEU B 466 14.74 31.99 -20.19
CA LEU B 466 15.39 32.06 -21.49
C LEU B 466 14.42 32.49 -22.59
N PHE B 467 13.31 31.76 -22.73
CA PHE B 467 12.33 32.01 -23.78
C PHE B 467 11.14 32.81 -23.26
N SER B 468 11.25 33.40 -22.07
CA SER B 468 10.24 34.36 -21.63
C SER B 468 10.27 35.60 -22.52
N SER B 469 11.47 36.08 -22.88
CA SER B 469 11.61 37.18 -23.83
C SER B 469 11.54 36.69 -25.28
N SER B 470 12.15 35.54 -25.58
CA SER B 470 12.09 34.90 -26.89
C SER B 470 10.88 33.97 -26.98
N THR B 471 9.71 34.58 -27.16
CA THR B 471 8.43 33.88 -27.26
C THR B 471 7.78 34.19 -28.61
N ALA B 472 7.31 33.11 -29.32
CA ALA B 472 6.65 33.28 -30.62
C ALA B 472 5.18 33.62 -30.40
N PRO B 473 4.59 34.49 -31.24
CA PRO B 473 3.18 34.87 -31.08
C PRO B 473 2.24 33.87 -31.73
N HIS B 474 1.53 33.10 -30.89
CA HIS B 474 0.49 32.17 -31.33
C HIS B 474 -0.38 31.80 -30.13
N GLU B 475 -1.61 31.37 -30.43
CA GLU B 475 -2.62 31.09 -29.42
C GLU B 475 -3.27 29.72 -29.66
N THR B 476 -3.86 29.19 -28.58
CA THR B 476 -4.57 27.90 -28.59
C THR B 476 -6.07 28.11 -28.46
N SER B 477 -6.83 27.45 -29.33
CA SER B 477 -8.29 27.52 -29.29
C SER B 477 -8.86 26.73 -28.12
N PHE B 478 -10.06 27.11 -27.66
CA PHE B 478 -10.71 26.41 -26.56
C PHE B 478 -11.04 24.96 -26.94
N GLY B 479 -10.90 24.06 -25.97
CA GLY B 479 -11.13 22.65 -26.16
C GLY B 479 -9.92 21.86 -26.59
N GLU B 480 -8.93 22.50 -27.21
CA GLU B 480 -7.74 21.79 -27.68
C GLU B 480 -7.06 21.07 -26.53
N GLU B 481 -6.67 19.82 -26.79
CA GLU B 481 -5.87 19.07 -25.84
C GLU B 481 -4.42 19.51 -25.96
N VAL B 482 -3.81 19.79 -24.81
CA VAL B 482 -2.42 20.23 -24.72
C VAL B 482 -1.77 19.49 -23.56
N GLU B 483 -0.62 18.89 -23.80
CA GLU B 483 0.00 18.05 -22.79
C GLU B 483 1.09 18.82 -22.07
N VAL B 484 1.09 18.71 -20.74
CA VAL B 484 2.01 19.40 -19.85
C VAL B 484 3.00 18.36 -19.34
N HIS B 485 4.29 18.70 -19.39
CA HIS B 485 5.35 17.77 -18.99
C HIS B 485 5.87 18.07 -17.60
N ASN B 486 6.18 17.00 -16.87
CA ASN B 486 6.66 17.11 -15.50
C ASN B 486 7.87 16.21 -15.30
N LEU B 487 8.69 16.58 -14.32
CA LEU B 487 9.71 15.69 -13.77
C LEU B 487 9.25 15.25 -12.38
N LEU B 488 9.04 13.94 -12.22
CA LEU B 488 8.55 13.34 -10.97
C LEU B 488 9.70 12.75 -10.19
N ILE B 489 9.68 12.96 -8.88
CA ILE B 489 10.60 12.32 -7.94
C ILE B 489 9.78 11.34 -7.12
N ILE B 490 10.17 10.06 -7.16
CA ILE B 490 9.36 9.00 -6.57
C ILE B 490 10.23 8.21 -5.60
N ASP B 491 9.74 8.04 -4.37
CA ASP B 491 10.48 7.28 -3.37
C ASP B 491 10.68 5.84 -3.83
N GLN B 492 11.87 5.30 -3.56
CA GLN B 492 12.17 3.95 -4.01
C GLN B 492 11.57 2.87 -3.13
N HIS B 493 10.95 3.24 -2.00
CA HIS B 493 10.29 2.26 -1.16
C HIS B 493 8.77 2.36 -1.24
N THR B 494 8.19 3.50 -0.85
CA THR B 494 6.75 3.63 -0.86
C THR B 494 6.21 3.89 -2.26
N PHE B 495 7.02 4.53 -3.10
CA PHE B 495 6.69 4.95 -4.46
C PHE B 495 5.59 6.02 -4.49
N GLU B 496 5.65 6.97 -3.56
CA GLU B 496 4.79 8.13 -3.67
C GLU B 496 5.56 9.26 -4.33
N VAL B 497 4.82 10.19 -4.94
CA VAL B 497 5.40 11.31 -5.68
C VAL B 497 5.82 12.37 -4.65
N LEU B 498 7.13 12.43 -4.37
CA LEU B 498 7.64 13.38 -3.39
C LEU B 498 7.59 14.81 -3.89
N HIS B 499 7.85 15.02 -5.18
CA HIS B 499 7.88 16.34 -5.78
C HIS B 499 7.53 16.18 -7.26
N ALA B 500 6.88 17.20 -7.83
CA ALA B 500 6.56 17.21 -9.25
C ALA B 500 6.92 18.59 -9.80
N HIS B 501 7.96 18.64 -10.61
CA HIS B 501 8.39 19.88 -11.25
C HIS B 501 7.74 19.97 -12.62
N GLN B 502 6.95 21.02 -12.82
CA GLN B 502 6.29 21.25 -14.10
C GLN B 502 7.20 22.08 -15.00
N PHE B 503 7.35 21.65 -16.26
CA PHE B 503 8.19 22.38 -17.18
C PHE B 503 7.45 23.56 -17.81
N LEU B 504 8.19 24.38 -18.55
CA LEU B 504 7.57 25.54 -19.20
C LEU B 504 6.51 25.09 -20.19
N GLN B 505 5.61 26.01 -20.52
CA GLN B 505 4.57 25.71 -21.50
C GLN B 505 5.22 25.54 -22.87
N ASN B 506 4.81 24.49 -23.58
CA ASN B 506 5.36 24.02 -24.85
C ASN B 506 6.75 23.40 -24.70
N GLU B 507 7.24 23.19 -23.48
CA GLU B 507 8.54 22.58 -23.29
C GLU B 507 8.34 21.08 -23.22
N TYR B 508 9.04 20.37 -24.08
CA TYR B 508 8.89 18.93 -24.22
C TYR B 508 10.14 18.25 -23.69
N ALA B 509 9.97 17.38 -22.69
CA ALA B 509 11.09 16.68 -22.07
C ALA B 509 11.40 15.40 -22.83
N LEU B 510 12.65 15.25 -23.23
CA LEU B 510 13.06 14.15 -24.09
C LEU B 510 14.00 13.17 -23.41
N SER B 511 15.04 13.66 -22.75
CA SER B 511 16.07 12.81 -22.17
C SER B 511 16.22 13.14 -20.70
N LEU B 512 16.65 12.14 -19.93
CA LEU B 512 16.85 12.31 -18.50
C LEU B 512 17.96 11.38 -18.05
N VAL B 513 18.88 11.91 -17.24
CA VAL B 513 19.96 11.11 -16.68
C VAL B 513 20.23 11.55 -15.25
N SER B 514 20.84 10.65 -14.49
CA SER B 514 21.25 10.92 -13.12
C SER B 514 22.70 10.51 -12.96
N CYS B 515 23.56 11.47 -12.62
CA CYS B 515 25.00 11.20 -12.60
C CYS B 515 25.73 12.29 -11.84
N LYS B 516 27.03 12.06 -11.67
CA LYS B 516 27.95 13.02 -11.08
C LYS B 516 28.80 13.62 -12.20
N LEU B 517 29.06 14.91 -12.12
CA LEU B 517 29.75 15.64 -13.15
C LEU B 517 31.04 16.24 -12.62
N GLY B 518 32.10 16.12 -13.41
CA GLY B 518 33.35 16.80 -13.11
C GLY B 518 33.89 16.42 -11.75
N LYS B 519 34.39 17.44 -11.04
CA LYS B 519 34.89 17.30 -9.68
C LYS B 519 33.77 17.35 -8.63
N ASP B 520 32.53 17.69 -9.03
CA ASP B 520 31.41 17.86 -8.09
C ASP B 520 30.95 16.51 -7.54
N PRO B 521 30.88 16.34 -6.21
CA PRO B 521 30.37 15.08 -5.64
C PRO B 521 28.85 15.00 -5.54
N ASN B 522 28.12 16.10 -5.79
CA ASN B 522 26.67 16.05 -5.80
C ASN B 522 26.18 15.25 -7.01
N THR B 523 25.10 14.51 -6.84
CA THR B 523 24.47 13.79 -7.94
C THR B 523 23.23 14.55 -8.40
N TYR B 524 23.11 14.76 -9.72
CA TYR B 524 22.11 15.64 -10.27
C TYR B 524 21.12 14.88 -11.16
N PHE B 525 19.94 15.46 -11.32
CA PHE B 525 18.97 15.02 -12.31
C PHE B 525 19.07 15.98 -13.49
N ILE B 526 19.53 15.47 -14.62
CA ILE B 526 19.68 16.27 -15.83
C ILE B 526 18.61 15.85 -16.83
N VAL B 527 17.93 16.84 -17.38
CA VAL B 527 16.85 16.62 -18.33
C VAL B 527 17.17 17.41 -19.60
N GLY B 528 16.98 16.79 -20.76
CA GLY B 528 17.08 17.48 -22.03
C GLY B 528 15.69 17.75 -22.56
N THR B 529 15.44 19.00 -22.92
CA THR B 529 14.11 19.41 -23.37
C THR B 529 14.18 19.96 -24.79
N ALA B 530 13.03 20.40 -25.27
CA ALA B 530 12.89 20.93 -26.62
C ALA B 530 11.61 21.74 -26.69
N MET B 531 11.71 22.99 -27.10
CA MET B 531 10.54 23.85 -27.24
C MET B 531 9.84 23.45 -28.52
N VAL B 532 8.63 22.92 -28.38
CA VAL B 532 7.88 22.35 -29.50
C VAL B 532 6.75 23.30 -29.83
N TYR B 533 6.80 23.85 -31.03
CA TYR B 533 5.76 24.72 -31.55
C TYR B 533 5.13 24.07 -32.77
N PRO B 534 3.89 24.44 -33.11
CA PRO B 534 3.21 23.77 -34.23
C PRO B 534 3.69 24.23 -35.60
N GLU B 535 3.87 25.54 -35.79
CA GLU B 535 4.37 26.02 -37.07
C GLU B 535 5.86 25.73 -37.25
N GLU B 536 6.60 25.61 -36.15
CA GLU B 536 8.02 25.31 -36.20
C GLU B 536 8.17 23.79 -36.36
N ALA B 537 8.61 23.34 -37.54
CA ALA B 537 8.65 21.92 -37.86
C ALA B 537 9.77 21.19 -37.12
N GLU B 538 11.00 21.62 -37.32
CA GLU B 538 12.11 21.08 -36.55
C GLU B 538 12.39 21.97 -35.34
N PRO B 539 12.72 21.44 -34.16
CA PRO B 539 12.81 22.31 -32.97
C PRO B 539 14.05 23.19 -33.01
N LYS B 540 13.86 24.47 -32.70
CA LYS B 540 14.95 25.44 -32.70
C LYS B 540 15.27 25.98 -31.32
N GLN B 541 14.63 25.49 -30.26
CA GLN B 541 14.89 25.97 -28.92
C GLN B 541 14.79 24.81 -27.95
N GLY B 542 15.72 24.74 -27.01
CA GLY B 542 15.67 23.70 -25.99
C GLY B 542 16.62 24.03 -24.87
N ARG B 543 16.44 23.32 -23.75
CA ARG B 543 17.31 23.51 -22.60
C ARG B 543 17.91 22.19 -22.18
N ILE B 544 19.00 22.31 -21.42
CA ILE B 544 19.53 21.23 -20.60
C ILE B 544 19.56 21.78 -19.18
N VAL B 545 18.66 21.28 -18.34
CA VAL B 545 18.52 21.75 -16.97
C VAL B 545 19.19 20.74 -16.05
N VAL B 546 19.90 21.26 -15.05
CA VAL B 546 20.51 20.44 -14.02
C VAL B 546 19.71 20.68 -12.75
N PHE B 547 19.13 19.62 -12.21
CA PHE B 547 18.38 19.70 -10.97
C PHE B 547 19.16 19.00 -9.87
N GLN B 548 18.93 19.42 -8.63
CA GLN B 548 19.45 18.72 -7.47
C GLN B 548 18.33 18.50 -6.48
N TYR B 549 18.15 17.26 -6.05
CA TYR B 549 17.14 16.91 -5.07
C TYR B 549 17.81 16.76 -3.72
N SER B 550 17.51 17.71 -2.81
CA SER B 550 18.10 17.76 -1.48
C SER B 550 17.05 18.21 -0.49
N ASP B 551 16.88 17.43 0.58
CA ASP B 551 15.96 17.77 1.67
C ASP B 551 14.54 17.92 1.16
N GLY B 552 14.10 16.93 0.37
CA GLY B 552 12.73 16.90 -0.08
C GLY B 552 12.32 17.97 -1.06
N LYS B 553 13.26 18.80 -1.52
CA LYS B 553 12.94 19.91 -2.41
C LYS B 553 13.85 19.84 -3.63
N LEU B 554 13.29 20.21 -4.79
CA LEU B 554 13.99 20.14 -6.06
C LEU B 554 14.38 21.54 -6.48
N GLN B 555 15.67 21.74 -6.75
CA GLN B 555 16.20 23.06 -7.09
C GLN B 555 16.89 23.04 -8.44
N THR B 556 16.61 24.05 -9.24
CA THR B 556 17.24 24.19 -10.54
C THR B 556 18.65 24.73 -10.34
N VAL B 557 19.66 23.94 -10.75
CA VAL B 557 21.06 24.29 -10.53
C VAL B 557 21.64 25.11 -11.68
N ALA B 558 21.48 24.62 -12.92
CA ALA B 558 21.95 25.34 -14.10
C ALA B 558 20.90 25.19 -15.20
N GLU B 559 20.91 26.14 -16.13
CA GLU B 559 19.89 26.22 -17.19
C GLU B 559 20.66 26.61 -18.44
N LYS B 560 20.96 25.61 -19.29
CA LYS B 560 21.82 25.77 -20.46
C LYS B 560 20.98 25.72 -21.72
N GLU B 561 20.84 26.85 -22.39
CA GLU B 561 20.11 26.91 -23.65
C GLU B 561 20.89 26.24 -24.77
N VAL B 562 20.16 25.64 -25.71
CA VAL B 562 20.72 25.05 -26.92
C VAL B 562 19.84 25.45 -28.11
N LYS B 563 20.32 25.13 -29.31
CA LYS B 563 19.72 25.52 -30.58
C LYS B 563 18.61 24.58 -31.03
N GLY B 564 18.36 23.51 -30.30
CA GLY B 564 17.40 22.52 -30.76
C GLY B 564 16.96 21.53 -29.71
N ALA B 565 16.66 20.31 -30.15
CA ALA B 565 16.13 19.29 -29.26
C ALA B 565 17.25 18.43 -28.70
N VAL B 566 17.19 18.18 -27.39
CA VAL B 566 18.17 17.32 -26.73
C VAL B 566 17.54 15.93 -26.71
N TYR B 567 17.76 15.17 -27.79
CA TYR B 567 17.14 13.86 -27.89
C TYR B 567 17.71 12.87 -26.88
N SER B 568 19.01 12.90 -26.64
CA SER B 568 19.62 11.90 -25.77
C SER B 568 20.71 12.56 -24.93
N MET B 569 21.01 11.91 -23.81
CA MET B 569 22.14 12.27 -22.97
C MET B 569 22.68 10.99 -22.34
N VAL B 570 23.99 10.96 -22.11
CA VAL B 570 24.63 9.87 -21.40
C VAL B 570 25.78 10.43 -20.57
N GLU B 571 26.09 9.74 -19.48
CA GLU B 571 27.29 10.04 -18.73
C GLU B 571 28.49 9.53 -19.52
N PHE B 572 29.44 10.43 -19.81
CA PHE B 572 30.60 10.07 -20.62
C PHE B 572 31.89 10.44 -19.86
N ASN B 573 32.34 9.52 -18.99
CA ASN B 573 33.55 9.70 -18.20
C ASN B 573 33.65 11.09 -17.59
N GLY B 574 32.74 11.42 -16.68
CA GLY B 574 32.73 12.69 -15.99
C GLY B 574 32.16 13.87 -16.76
N LYS B 575 31.76 13.70 -18.02
CA LYS B 575 31.21 14.78 -18.82
C LYS B 575 29.83 14.39 -19.33
N LEU B 576 29.05 15.41 -19.72
CA LEU B 576 27.67 15.25 -20.17
C LEU B 576 27.64 15.23 -21.69
N LEU B 577 27.27 14.10 -22.27
CA LEU B 577 27.26 13.92 -23.72
C LEU B 577 25.82 14.05 -24.19
N ALA B 578 25.50 15.18 -24.82
CA ALA B 578 24.17 15.46 -25.33
C ALA B 578 24.16 15.45 -26.85
N SER B 579 22.98 15.26 -27.42
CA SER B 579 22.82 15.24 -28.87
C SER B 579 21.74 16.24 -29.23
N ILE B 580 22.14 17.31 -29.91
CA ILE B 580 21.22 18.37 -30.33
C ILE B 580 21.04 18.25 -31.83
N ASN B 581 19.88 17.79 -32.25
CA ASN B 581 19.58 17.50 -33.65
C ASN B 581 20.64 16.55 -34.20
N SER B 582 21.49 17.03 -35.11
CA SER B 582 22.55 16.20 -35.66
C SER B 582 23.88 16.36 -34.94
N THR B 583 24.03 17.37 -34.09
CA THR B 583 25.29 17.57 -33.39
C THR B 583 25.40 16.61 -32.20
N VAL B 584 26.63 16.14 -31.96
CA VAL B 584 26.96 15.39 -30.76
C VAL B 584 27.88 16.27 -29.92
N ARG B 585 27.28 17.01 -28.98
CA ARG B 585 27.98 18.02 -28.18
C ARG B 585 28.38 17.42 -26.84
N LEU B 586 29.60 17.72 -26.42
CA LEU B 586 30.13 17.27 -25.15
C LEU B 586 30.26 18.48 -24.23
N TYR B 587 29.60 18.42 -23.09
CA TYR B 587 29.64 19.52 -22.12
C TYR B 587 30.57 19.15 -20.96
N GLU B 588 31.06 20.18 -20.27
CA GLU B 588 31.91 20.01 -19.10
C GLU B 588 31.34 20.80 -17.95
N TRP B 589 31.48 20.24 -16.75
CA TRP B 589 30.88 20.83 -15.54
C TRP B 589 31.97 21.68 -14.89
N THR B 590 31.87 23.00 -15.08
CA THR B 590 32.83 23.92 -14.50
C THR B 590 32.73 23.92 -12.97
N THR B 591 33.81 24.38 -12.34
CA THR B 591 33.81 24.51 -10.88
C THR B 591 32.77 25.53 -10.42
N GLU B 592 32.42 26.49 -11.26
CA GLU B 592 31.37 27.46 -10.97
C GLU B 592 29.98 26.88 -11.20
N LYS B 593 29.88 25.57 -11.37
CA LYS B 593 28.63 24.83 -11.51
C LYS B 593 27.81 25.36 -12.69
N GLU B 594 28.43 25.33 -13.87
CA GLU B 594 27.80 25.67 -15.14
C GLU B 594 28.36 24.73 -16.21
N LEU B 595 27.66 24.67 -17.36
CA LEU B 595 28.02 23.77 -18.45
C LEU B 595 28.75 24.54 -19.54
N ARG B 596 29.95 24.08 -19.87
CA ARG B 596 30.81 24.72 -20.86
C ARG B 596 31.11 23.73 -21.98
N THR B 597 30.76 24.09 -23.21
CA THR B 597 31.02 23.24 -24.36
C THR B 597 32.50 22.95 -24.52
N GLU B 598 32.84 21.68 -24.68
CA GLU B 598 34.19 21.26 -25.03
C GLU B 598 34.30 20.78 -26.47
N CYS B 599 33.42 19.88 -26.89
CA CYS B 599 33.50 19.26 -28.20
C CYS B 599 32.18 19.39 -28.96
N ASN B 600 32.30 19.24 -30.27
CA ASN B 600 31.17 19.11 -31.17
C ASN B 600 31.54 18.05 -32.20
N HIS B 601 30.54 17.35 -32.70
CA HIS B 601 30.73 16.47 -33.84
C HIS B 601 29.45 16.53 -34.66
N TYR B 602 29.53 17.05 -35.86
CA TYR B 602 28.33 17.27 -36.65
C TYR B 602 28.14 16.06 -37.56
N ASN B 603 26.98 15.41 -37.48
CA ASN B 603 26.76 14.10 -38.11
C ASN B 603 25.86 14.23 -39.33
N ASN B 604 25.83 13.13 -40.07
CA ASN B 604 24.94 12.98 -41.21
C ASN B 604 23.53 12.62 -40.80
N ILE B 605 23.32 12.29 -39.52
CA ILE B 605 22.07 11.72 -39.06
C ILE B 605 21.70 12.40 -37.76
N MET B 606 20.43 12.31 -37.41
CA MET B 606 19.96 12.90 -36.15
C MET B 606 20.27 11.92 -35.03
N ALA B 607 21.01 12.39 -34.01
CA ALA B 607 21.57 11.49 -32.99
C ALA B 607 20.51 11.12 -31.94
N LEU B 608 19.58 10.26 -32.35
CA LEU B 608 18.45 9.93 -31.49
C LEU B 608 18.80 8.87 -30.46
N TYR B 609 19.36 7.77 -30.90
CA TYR B 609 19.76 6.72 -29.97
C TYR B 609 21.22 6.89 -29.61
N LEU B 610 21.51 6.75 -28.33
CA LEU B 610 22.84 7.00 -27.80
C LEU B 610 23.13 5.99 -26.71
N LYS B 611 24.14 5.15 -26.91
CA LYS B 611 24.66 4.27 -25.88
C LYS B 611 26.16 4.45 -25.84
N THR B 612 26.76 4.32 -24.66
CA THR B 612 28.18 4.59 -24.52
C THR B 612 28.88 3.53 -23.69
N LYS B 613 30.10 3.20 -24.10
CA LYS B 613 30.97 2.30 -23.35
C LYS B 613 32.38 2.91 -23.38
N GLY B 614 32.78 3.52 -22.27
CA GLY B 614 34.12 4.10 -22.19
C GLY B 614 34.35 5.28 -23.13
N ASP B 615 35.18 5.10 -24.16
CA ASP B 615 35.40 6.14 -25.17
C ASP B 615 34.68 5.88 -26.48
N PHE B 616 33.95 4.76 -26.60
CA PHE B 616 33.09 4.50 -27.75
C PHE B 616 31.73 5.13 -27.53
N ILE B 617 31.13 5.62 -28.60
CA ILE B 617 29.77 6.13 -28.58
C ILE B 617 29.02 5.50 -29.75
N LEU B 618 27.88 4.90 -29.47
CA LEU B 618 27.03 4.35 -30.49
C LEU B 618 25.88 5.33 -30.70
N VAL B 619 25.66 5.68 -31.96
CA VAL B 619 24.67 6.67 -32.33
C VAL B 619 23.75 6.06 -33.37
N GLY B 620 22.48 6.39 -33.31
CA GLY B 620 21.54 5.88 -34.29
C GLY B 620 20.41 6.86 -34.51
N ASP B 621 19.87 6.87 -35.73
CA ASP B 621 18.69 7.64 -36.04
C ASP B 621 17.52 6.68 -36.28
N LEU B 622 16.38 7.24 -36.66
CA LEU B 622 15.15 6.45 -36.78
C LEU B 622 15.17 5.49 -37.97
N MET B 623 16.17 5.58 -38.84
CA MET B 623 16.22 4.81 -40.07
C MET B 623 17.40 3.85 -40.11
N ARG B 624 17.71 3.23 -38.97
CA ARG B 624 18.68 2.16 -38.88
C ARG B 624 20.06 2.59 -39.39
N SER B 625 20.37 3.89 -39.28
CA SER B 625 21.70 4.41 -39.56
C SER B 625 22.54 4.27 -38.29
N VAL B 626 23.42 3.27 -38.26
CA VAL B 626 24.28 2.99 -37.12
C VAL B 626 25.62 3.67 -37.33
N LEU B 627 26.13 4.35 -36.29
CA LEU B 627 27.32 5.17 -36.40
C LEU B 627 28.14 5.06 -35.12
N LEU B 628 29.44 4.86 -35.25
CA LEU B 628 30.31 4.57 -34.10
C LEU B 628 31.38 5.66 -33.98
N LEU B 629 31.33 6.42 -32.89
CA LEU B 629 32.29 7.49 -32.63
C LEU B 629 33.23 7.11 -31.49
N ALA B 630 34.32 7.87 -31.39
CA ALA B 630 35.33 7.65 -30.36
C ALA B 630 35.92 8.99 -29.94
N TYR B 631 36.08 9.18 -28.63
CA TYR B 631 36.70 10.40 -28.11
C TYR B 631 38.21 10.25 -28.16
N LYS B 632 38.88 11.16 -28.85
CA LYS B 632 40.34 11.19 -28.88
C LYS B 632 40.86 12.12 -27.79
N PRO B 633 41.51 11.61 -26.72
CA PRO B 633 41.86 12.46 -25.57
C PRO B 633 42.90 13.53 -25.89
N MET B 634 43.98 13.15 -26.57
CA MET B 634 45.03 14.12 -26.91
C MET B 634 44.48 15.22 -27.82
N GLU B 635 43.62 14.85 -28.77
CA GLU B 635 43.10 15.81 -29.73
C GLU B 635 42.01 16.69 -29.13
N GLY B 636 41.20 16.14 -28.21
CA GLY B 636 40.14 16.89 -27.56
C GLY B 636 38.92 17.15 -28.43
N ASN B 637 38.46 16.12 -29.13
CA ASN B 637 37.33 16.19 -30.06
C ASN B 637 36.99 14.76 -30.50
N PHE B 638 35.96 14.64 -31.33
CA PHE B 638 35.47 13.32 -31.72
C PHE B 638 35.98 12.92 -33.10
N GLU B 639 36.12 11.60 -33.29
CA GLU B 639 36.59 11.03 -34.55
C GLU B 639 35.71 9.83 -34.87
N GLU B 640 35.28 9.72 -36.13
CA GLU B 640 34.41 8.62 -36.51
C GLU B 640 35.19 7.34 -36.75
N ILE B 641 34.61 6.22 -36.29
CA ILE B 641 35.22 4.90 -36.41
C ILE B 641 34.66 4.12 -37.59
N ALA B 642 33.36 3.85 -37.58
CA ALA B 642 32.75 3.05 -38.62
C ALA B 642 31.27 3.39 -38.70
N ARG B 643 30.56 2.79 -39.67
CA ARG B 643 29.12 3.03 -39.85
C ARG B 643 28.51 1.93 -40.69
N ASP B 644 27.16 1.88 -40.67
CA ASP B 644 26.39 0.98 -41.54
C ASP B 644 25.00 1.60 -41.67
N PHE B 645 24.77 2.34 -42.76
CA PHE B 645 23.48 2.98 -43.02
C PHE B 645 22.71 2.12 -44.02
N ASN B 646 21.82 1.28 -43.50
CA ASN B 646 20.88 0.59 -44.35
C ASN B 646 19.50 1.09 -43.93
N PRO B 647 18.75 1.76 -44.80
CA PRO B 647 17.47 2.36 -44.37
C PRO B 647 16.44 1.29 -44.01
N ASN B 648 15.89 1.45 -42.81
CA ASN B 648 14.82 0.64 -42.24
C ASN B 648 14.48 1.29 -40.91
N TRP B 649 13.25 1.14 -40.43
CA TRP B 649 12.87 1.75 -39.16
C TRP B 649 13.60 1.10 -38.00
N MET B 650 14.16 1.91 -37.11
CA MET B 650 14.88 1.40 -35.95
C MET B 650 14.26 1.98 -34.67
N SER B 651 14.12 1.13 -33.65
CA SER B 651 13.39 1.48 -32.44
C SER B 651 14.26 1.61 -31.19
N ALA B 652 15.36 0.86 -31.09
CA ALA B 652 16.29 1.05 -29.97
C ALA B 652 17.58 0.34 -30.32
N VAL B 653 18.61 0.61 -29.52
CA VAL B 653 19.95 0.12 -29.82
C VAL B 653 20.75 0.03 -28.53
N GLU B 654 21.74 -0.85 -28.52
CA GLU B 654 22.53 -1.13 -27.34
C GLU B 654 23.90 -1.68 -27.72
N ILE B 655 24.91 -1.33 -26.92
CA ILE B 655 26.27 -1.82 -27.11
C ILE B 655 26.42 -3.15 -26.38
N LEU B 656 26.63 -4.23 -27.13
CA LEU B 656 26.89 -5.52 -26.48
C LEU B 656 28.28 -5.55 -25.85
N ASP B 657 29.32 -5.42 -26.68
CA ASP B 657 30.68 -5.26 -26.20
C ASP B 657 31.37 -4.25 -27.11
N ASP B 658 32.69 -4.16 -27.00
CA ASP B 658 33.44 -3.18 -27.78
C ASP B 658 33.25 -3.38 -29.29
N ASP B 659 32.93 -4.61 -29.71
CA ASP B 659 32.88 -4.96 -31.12
C ASP B 659 31.48 -5.29 -31.62
N ASN B 660 30.55 -5.63 -30.74
CA ASN B 660 29.20 -5.97 -31.15
C ASN B 660 28.23 -4.84 -30.82
N PHE B 661 27.20 -4.70 -31.66
CA PHE B 661 26.17 -3.70 -31.45
C PHE B 661 24.82 -4.33 -31.75
N LEU B 662 23.87 -4.15 -30.84
CA LEU B 662 22.55 -4.75 -30.96
C LEU B 662 21.53 -3.64 -31.20
N GLY B 663 20.64 -3.88 -32.15
CA GLY B 663 19.58 -2.94 -32.43
C GLY B 663 18.32 -3.69 -32.81
N ALA B 664 17.19 -2.99 -32.71
CA ALA B 664 15.89 -3.54 -33.04
C ALA B 664 15.29 -2.76 -34.18
N GLU B 665 14.89 -3.46 -35.24
CA GLU B 665 14.47 -2.78 -36.46
C GLU B 665 13.14 -3.35 -36.96
N ASN B 666 12.69 -2.74 -38.08
CA ASN B 666 11.33 -2.88 -38.58
C ASN B 666 10.94 -4.32 -38.82
N ALA B 667 9.64 -4.54 -38.59
CA ALA B 667 8.98 -5.82 -38.66
C ALA B 667 9.36 -6.70 -37.49
N PHE B 668 9.57 -6.09 -36.31
CA PHE B 668 9.82 -6.83 -35.08
C PHE B 668 11.07 -7.69 -35.17
N ASN B 669 12.12 -7.15 -35.76
CA ASN B 669 13.36 -7.88 -35.95
C ASN B 669 14.43 -7.39 -34.97
N LEU B 670 15.43 -8.24 -34.76
CA LEU B 670 16.65 -7.90 -34.05
C LEU B 670 17.84 -8.05 -35.00
N PHE B 671 18.85 -7.18 -34.84
CA PHE B 671 20.06 -7.30 -35.65
C PHE B 671 21.29 -6.96 -34.83
N VAL B 672 22.41 -7.56 -35.22
CA VAL B 672 23.70 -7.31 -34.59
C VAL B 672 24.67 -6.83 -35.66
N CYS B 673 25.23 -5.64 -35.47
CA CYS B 673 26.31 -5.14 -36.30
C CYS B 673 27.63 -5.30 -35.56
N GLN B 674 28.68 -5.65 -36.29
CA GLN B 674 29.93 -6.02 -35.66
C GLN B 674 31.09 -5.28 -36.33
N LYS B 675 32.04 -4.84 -35.51
CA LYS B 675 33.29 -4.27 -36.02
C LYS B 675 34.07 -5.34 -36.76
N ASP B 676 34.29 -5.12 -38.06
CA ASP B 676 34.86 -6.09 -38.99
C ASP B 676 36.26 -6.56 -38.55
N SER B 677 36.38 -7.80 -38.11
CA SER B 677 37.71 -8.39 -37.95
C SER B 677 38.28 -8.72 -39.32
N ALA B 678 39.61 -8.82 -39.40
CA ALA B 678 40.32 -8.91 -40.66
C ALA B 678 40.05 -7.68 -41.53
N ALA B 679 40.03 -6.52 -40.89
CA ALA B 679 39.82 -5.24 -41.57
C ALA B 679 41.19 -4.63 -41.86
N THR B 680 41.62 -4.73 -43.12
CA THR B 680 42.91 -4.25 -43.63
C THR B 680 42.82 -2.90 -44.33
N THR B 681 41.85 -2.70 -45.22
CA THR B 681 41.61 -1.38 -45.83
C THR B 681 40.91 -0.46 -44.82
N ASP B 682 41.18 0.83 -44.92
CA ASP B 682 40.36 1.79 -44.19
C ASP B 682 38.90 1.78 -44.68
N GLU B 683 38.66 1.24 -45.88
CA GLU B 683 37.29 1.08 -46.35
C GLU B 683 36.52 0.07 -45.50
N GLU B 684 37.08 -1.13 -45.32
CA GLU B 684 36.38 -2.17 -44.56
C GLU B 684 36.56 -2.05 -43.05
N ARG B 685 37.61 -1.37 -42.58
CA ARG B 685 37.66 -1.01 -41.15
C ARG B 685 36.44 -0.17 -40.78
N GLN B 686 36.15 0.84 -41.60
CA GLN B 686 35.08 1.79 -41.39
C GLN B 686 33.71 1.29 -41.87
N HIS B 687 33.54 -0.02 -42.07
CA HIS B 687 32.22 -0.58 -42.36
C HIS B 687 31.94 -1.73 -41.41
N LEU B 688 30.78 -1.68 -40.80
CA LEU B 688 30.34 -2.71 -39.87
C LEU B 688 29.53 -3.72 -40.64
N GLN B 689 29.75 -5.00 -40.34
CA GLN B 689 29.04 -6.07 -41.03
C GLN B 689 27.86 -6.55 -40.18
N GLU B 690 26.69 -6.65 -40.80
CA GLU B 690 25.55 -7.29 -40.15
C GLU B 690 25.83 -8.77 -40.00
N VAL B 691 25.97 -9.24 -38.76
CA VAL B 691 26.37 -10.62 -38.46
C VAL B 691 25.25 -11.43 -37.81
N GLY B 692 24.16 -10.78 -37.39
CA GLY B 692 23.02 -11.46 -36.78
C GLY B 692 21.71 -10.79 -37.16
N LEU B 693 20.71 -11.60 -37.54
CA LEU B 693 19.36 -11.16 -37.91
C LEU B 693 18.37 -12.12 -37.27
N PHE B 694 17.25 -11.59 -36.78
CA PHE B 694 16.32 -12.41 -36.01
C PHE B 694 14.96 -11.71 -35.98
N HIS B 695 13.90 -12.46 -36.29
CA HIS B 695 12.53 -11.94 -36.18
C HIS B 695 12.03 -12.25 -34.77
N LEU B 696 12.04 -11.24 -33.91
CA LEU B 696 11.65 -11.43 -32.50
C LEU B 696 10.15 -11.56 -32.34
N GLY B 697 9.36 -10.88 -33.16
CA GLY B 697 7.93 -10.89 -32.99
C GLY B 697 7.44 -9.79 -32.09
N GLU B 698 8.34 -9.05 -31.46
CA GLU B 698 7.96 -7.97 -30.56
C GLU B 698 8.65 -6.69 -31.03
N PHE B 699 8.12 -5.56 -30.57
CA PHE B 699 8.65 -4.23 -30.86
C PHE B 699 9.46 -3.76 -29.65
N VAL B 700 10.77 -3.68 -29.78
CA VAL B 700 11.62 -3.34 -28.65
C VAL B 700 11.69 -1.82 -28.51
N ASN B 701 11.43 -1.34 -27.30
CA ASN B 701 11.46 0.10 -27.03
C ASN B 701 12.68 0.56 -26.28
N VAL B 702 13.30 -0.30 -25.48
CA VAL B 702 14.36 0.12 -24.57
C VAL B 702 15.28 -1.06 -24.35
N PHE B 703 16.58 -0.79 -24.26
CA PHE B 703 17.57 -1.80 -23.92
C PHE B 703 18.24 -1.42 -22.60
N CYS B 704 18.56 -2.44 -21.81
CA CYS B 704 19.04 -2.21 -20.46
C CYS B 704 20.05 -3.30 -20.09
N HIS B 705 21.17 -2.90 -19.51
CA HIS B 705 22.12 -3.87 -18.98
C HIS B 705 21.73 -4.25 -17.56
N GLY B 706 21.66 -5.54 -17.29
CA GLY B 706 21.39 -6.02 -15.94
C GLY B 706 20.72 -7.37 -16.01
N SER B 707 20.61 -8.00 -14.83
CA SER B 707 19.99 -9.31 -14.73
C SER B 707 19.11 -9.40 -13.49
N LEU B 708 18.00 -10.13 -13.65
CA LEU B 708 17.02 -10.31 -12.60
C LEU B 708 17.31 -11.54 -11.72
N VAL B 709 18.53 -12.06 -11.80
CA VAL B 709 18.95 -13.22 -11.03
C VAL B 709 20.00 -12.75 -10.04
N MET B 710 20.36 -13.65 -9.12
CA MET B 710 21.41 -13.35 -8.16
C MET B 710 22.72 -13.24 -8.95
N GLN B 711 23.21 -12.00 -9.04
CA GLN B 711 24.32 -11.66 -9.93
C GLN B 711 25.51 -12.59 -9.77
N ASN B 712 25.59 -13.32 -8.66
CA ASN B 712 26.61 -14.35 -8.45
C ASN B 712 27.96 -13.66 -8.27
N LEU B 713 28.37 -13.49 -7.01
CA LEU B 713 29.60 -12.81 -6.64
C LEU B 713 30.81 -13.54 -7.20
N GLY B 714 31.15 -14.71 -6.64
CA GLY B 714 32.21 -15.54 -7.19
C GLY B 714 31.90 -16.01 -8.60
N GLU B 715 32.76 -15.68 -9.57
CA GLU B 715 32.52 -15.99 -10.98
C GLU B 715 32.45 -17.50 -11.20
N THR B 716 31.24 -18.06 -11.18
CA THR B 716 31.02 -19.50 -11.27
C THR B 716 30.96 -20.01 -12.71
N SER B 717 31.95 -19.66 -13.54
CA SER B 717 32.02 -20.07 -14.95
C SER B 717 30.70 -19.82 -15.69
N THR B 718 30.21 -18.57 -15.61
CA THR B 718 29.02 -18.14 -16.32
C THR B 718 29.11 -18.56 -17.80
N PRO B 719 28.16 -19.37 -18.29
CA PRO B 719 28.30 -19.92 -19.66
C PRO B 719 28.09 -18.86 -20.73
N THR B 720 27.35 -17.81 -20.41
CA THR B 720 27.10 -16.69 -21.29
C THR B 720 27.87 -15.47 -20.80
N GLN B 721 28.20 -14.57 -21.74
CA GLN B 721 28.86 -13.31 -21.41
C GLN B 721 27.92 -12.17 -21.76
N GLY B 722 27.76 -11.24 -20.82
CA GLY B 722 26.84 -10.13 -20.98
C GLY B 722 25.41 -10.48 -20.59
N SER B 723 24.64 -9.43 -20.32
CA SER B 723 23.23 -9.61 -19.99
C SER B 723 22.50 -8.32 -20.32
N VAL B 724 21.62 -8.38 -21.30
CA VAL B 724 20.85 -7.24 -21.74
C VAL B 724 19.38 -7.59 -21.65
N LEU B 725 18.62 -6.76 -20.96
CA LEU B 725 17.17 -6.89 -20.92
C LEU B 725 16.53 -5.93 -21.92
N PHE B 726 15.29 -6.22 -22.30
CA PHE B 726 14.58 -5.28 -23.15
C PHE B 726 13.08 -5.41 -22.93
N GLY B 727 12.41 -4.26 -22.96
CA GLY B 727 10.96 -4.18 -22.82
C GLY B 727 10.29 -3.81 -24.12
N THR B 728 9.11 -4.38 -24.35
CA THR B 728 8.45 -4.28 -25.64
C THR B 728 7.08 -3.62 -25.52
N VAL B 729 6.44 -3.48 -26.68
CA VAL B 729 5.16 -2.82 -26.72
C VAL B 729 4.08 -3.69 -26.07
N ASN B 730 4.16 -5.01 -26.27
CA ASN B 730 3.15 -5.91 -25.77
C ASN B 730 3.44 -6.38 -24.36
N GLY B 731 4.28 -5.66 -23.62
CA GLY B 731 4.60 -6.03 -22.25
C GLY B 731 5.60 -7.15 -22.11
N MET B 732 5.98 -7.79 -23.21
CA MET B 732 6.99 -8.83 -23.16
C MET B 732 8.30 -8.22 -22.68
N ILE B 733 8.99 -8.90 -21.76
CA ILE B 733 10.33 -8.53 -21.34
C ILE B 733 11.27 -9.65 -21.74
N GLY B 734 12.31 -9.31 -22.50
CA GLY B 734 13.26 -10.32 -22.94
C GLY B 734 14.68 -10.09 -22.45
N LEU B 735 15.52 -11.13 -22.52
CA LEU B 735 16.93 -11.01 -22.13
C LEU B 735 17.81 -11.56 -23.25
N VAL B 736 18.88 -10.82 -23.57
CA VAL B 736 19.83 -11.23 -24.61
C VAL B 736 21.23 -11.31 -24.03
N THR B 737 21.93 -12.38 -24.37
CA THR B 737 23.23 -12.65 -23.81
C THR B 737 24.07 -13.31 -24.90
N SER B 738 25.38 -13.11 -24.80
CA SER B 738 26.29 -13.61 -25.81
C SER B 738 26.78 -15.01 -25.42
N LEU B 739 27.19 -15.79 -26.42
CA LEU B 739 27.65 -17.16 -26.25
C LEU B 739 29.06 -17.33 -26.82
N SER B 740 29.56 -18.55 -26.67
CA SER B 740 30.80 -19.00 -27.27
C SER B 740 30.51 -19.79 -28.53
N GLU B 741 31.56 -19.92 -29.36
CA GLU B 741 31.39 -20.49 -30.69
C GLU B 741 30.90 -21.94 -30.62
N SER B 742 31.46 -22.75 -29.73
CA SER B 742 31.06 -24.15 -29.65
C SER B 742 29.61 -24.31 -29.19
N TRP B 743 29.16 -23.45 -28.26
CA TRP B 743 27.77 -23.54 -27.78
C TRP B 743 26.78 -23.15 -28.86
N TYR B 744 27.03 -22.04 -29.52
CA TYR B 744 26.18 -21.62 -30.63
C TYR B 744 26.04 -22.73 -31.68
N ASN B 745 27.16 -23.26 -32.18
CA ASN B 745 27.11 -24.37 -33.13
C ASN B 745 26.38 -25.58 -32.59
N LEU B 746 26.49 -25.85 -31.29
CA LEU B 746 25.76 -26.96 -30.67
C LEU B 746 24.28 -26.65 -30.55
N LEU B 747 23.96 -25.53 -29.89
CA LEU B 747 22.57 -25.15 -29.68
C LEU B 747 21.84 -24.95 -30.99
N LEU B 748 22.53 -24.50 -32.04
CA LEU B 748 21.91 -24.39 -33.34
C LEU B 748 21.45 -25.76 -33.84
N ASP B 749 22.34 -26.76 -33.76
CA ASP B 749 21.96 -28.12 -34.14
C ASP B 749 20.86 -28.65 -33.23
N MET B 750 20.84 -28.21 -31.97
CA MET B 750 19.71 -28.53 -31.08
C MET B 750 18.40 -27.98 -31.62
N GLN B 751 18.43 -26.72 -32.08
CA GLN B 751 17.21 -26.12 -32.63
C GLN B 751 16.67 -26.94 -33.79
N ASN B 752 17.52 -27.34 -34.74
CA ASN B 752 17.04 -28.04 -35.93
C ASN B 752 16.59 -29.47 -35.66
N ARG B 753 17.08 -30.10 -34.58
CA ARG B 753 16.57 -31.40 -34.18
C ARG B 753 15.25 -31.26 -33.43
N LEU B 754 15.13 -30.26 -32.56
CA LEU B 754 13.86 -30.04 -31.86
C LEU B 754 12.73 -29.78 -32.86
N ASN B 755 13.02 -29.07 -33.95
CA ASN B 755 11.98 -28.73 -34.92
C ASN B 755 11.34 -29.96 -35.53
N LYS B 756 12.09 -31.06 -35.62
CA LYS B 756 11.54 -32.28 -36.22
C LYS B 756 10.59 -33.01 -35.27
N VAL B 757 10.89 -33.01 -33.97
CA VAL B 757 10.02 -33.72 -33.02
C VAL B 757 8.94 -32.85 -32.41
N ILE B 758 9.11 -31.52 -32.42
CA ILE B 758 8.16 -30.61 -31.77
C ILE B 758 6.92 -30.46 -32.63
N LYS B 759 5.76 -30.43 -31.97
CA LYS B 759 4.48 -30.27 -32.67
C LYS B 759 4.16 -28.79 -32.67
N SER B 760 4.20 -28.18 -33.85
CA SER B 760 3.91 -26.76 -33.99
C SER B 760 2.41 -26.52 -34.10
N VAL B 761 1.93 -25.53 -33.35
CA VAL B 761 0.53 -25.14 -33.48
C VAL B 761 0.31 -24.57 -34.87
N GLY B 762 -0.68 -25.12 -35.58
CA GLY B 762 -0.93 -24.71 -36.94
C GLY B 762 0.07 -25.19 -37.97
N LYS B 763 1.00 -26.05 -37.57
CA LYS B 763 2.01 -26.62 -38.46
C LYS B 763 2.83 -25.53 -39.17
N ILE B 764 3.23 -24.52 -38.40
CA ILE B 764 4.10 -23.45 -38.87
C ILE B 764 5.55 -23.87 -38.65
N GLU B 765 6.37 -23.71 -39.68
CA GLU B 765 7.77 -24.09 -39.61
C GLU B 765 8.53 -23.07 -38.78
N HIS B 766 9.24 -23.53 -37.75
CA HIS B 766 9.94 -22.61 -36.87
C HIS B 766 10.90 -21.72 -37.63
N SER B 767 11.71 -22.32 -38.52
CA SER B 767 12.67 -21.54 -39.29
C SER B 767 12.00 -20.38 -40.03
N PHE B 768 10.78 -20.62 -40.54
CA PHE B 768 10.02 -19.56 -41.20
C PHE B 768 9.62 -18.47 -40.23
N TRP B 769 9.23 -18.84 -39.01
CA TRP B 769 8.76 -17.85 -38.05
C TRP B 769 9.88 -16.90 -37.65
N ARG B 770 11.08 -17.42 -37.39
CA ARG B 770 12.18 -16.57 -36.98
C ARG B 770 12.93 -15.94 -38.16
N SER B 771 12.64 -16.37 -39.39
CA SER B 771 13.31 -15.80 -40.56
C SER B 771 13.15 -14.30 -40.59
N PHE B 772 14.26 -13.58 -40.72
CA PHE B 772 14.22 -12.13 -40.86
C PHE B 772 13.27 -11.75 -41.98
N HIS B 773 12.32 -10.87 -41.67
CA HIS B 773 11.25 -10.52 -42.59
C HIS B 773 11.02 -9.02 -42.58
N THR B 774 10.95 -8.42 -43.76
CA THR B 774 10.38 -7.11 -44.00
C THR B 774 9.50 -7.20 -45.23
N GLU B 775 8.79 -6.12 -45.54
CA GLU B 775 7.85 -6.15 -46.66
C GLU B 775 8.54 -6.48 -47.98
N ARG B 776 9.81 -6.11 -48.14
CA ARG B 776 10.58 -6.36 -49.35
C ARG B 776 11.45 -7.62 -49.25
N LYS B 777 12.21 -7.75 -48.17
CA LYS B 777 13.28 -8.74 -48.04
C LYS B 777 12.92 -9.75 -46.95
N THR B 778 13.21 -11.03 -47.21
CA THR B 778 12.97 -12.10 -46.24
C THR B 778 14.11 -13.11 -46.35
N GLU B 779 14.97 -13.14 -45.32
CA GLU B 779 16.14 -14.00 -45.26
C GLU B 779 16.08 -14.86 -44.00
N PRO B 780 16.92 -15.89 -43.89
CA PRO B 780 16.90 -16.70 -42.66
C PRO B 780 17.71 -16.08 -41.54
N ALA B 781 17.36 -16.47 -40.32
CA ALA B 781 17.96 -15.89 -39.13
C ALA B 781 19.36 -16.43 -38.92
N THR B 782 20.25 -15.57 -38.44
CA THR B 782 21.64 -15.92 -38.17
C THR B 782 22.08 -15.25 -36.87
N GLY B 783 23.06 -15.85 -36.20
CA GLY B 783 23.63 -15.24 -35.03
C GLY B 783 22.74 -15.19 -33.81
N PHE B 784 21.66 -15.96 -33.79
CA PHE B 784 20.68 -15.89 -32.71
C PHE B 784 20.12 -17.26 -32.42
N ILE B 785 20.08 -17.60 -31.13
CA ILE B 785 19.54 -18.87 -30.63
C ILE B 785 18.20 -18.58 -29.99
N ASP B 786 17.16 -19.32 -30.38
CA ASP B 786 15.83 -19.12 -29.80
C ASP B 786 15.84 -19.79 -28.42
N GLY B 787 16.12 -18.99 -27.39
CA GLY B 787 16.21 -19.55 -26.05
C GLY B 787 14.93 -20.23 -25.61
N ASP B 788 13.78 -19.69 -26.03
CA ASP B 788 12.50 -20.31 -25.71
C ASP B 788 12.37 -21.69 -26.36
N LEU B 789 12.98 -21.90 -27.52
CA LEU B 789 12.95 -23.22 -28.13
C LEU B 789 13.83 -24.20 -27.38
N ILE B 790 15.04 -23.77 -27.01
CA ILE B 790 15.95 -24.64 -26.28
C ILE B 790 15.34 -25.05 -24.93
N GLU B 791 14.83 -24.08 -24.18
CA GLU B 791 14.28 -24.36 -22.86
C GLU B 791 13.03 -25.23 -22.92
N SER B 792 12.41 -25.34 -24.10
CA SER B 792 11.30 -26.27 -24.27
C SER B 792 11.75 -27.73 -24.37
N PHE B 793 13.06 -27.99 -24.45
CA PHE B 793 13.54 -29.37 -24.44
C PHE B 793 13.20 -30.06 -23.14
N LEU B 794 13.10 -29.31 -22.05
CA LEU B 794 12.83 -29.90 -20.74
C LEU B 794 11.39 -30.38 -20.59
N ASP B 795 10.46 -29.90 -21.42
CA ASP B 795 9.05 -30.24 -21.29
C ASP B 795 8.60 -31.43 -22.14
N ILE B 796 9.44 -31.94 -23.03
CA ILE B 796 9.10 -33.11 -23.83
C ILE B 796 9.42 -34.37 -23.02
N SER B 797 9.03 -35.54 -23.54
CA SER B 797 9.26 -36.79 -22.82
C SER B 797 10.65 -37.34 -23.13
N ARG B 798 11.18 -38.14 -22.21
CA ARG B 798 12.45 -38.82 -22.45
C ARG B 798 12.51 -39.60 -23.76
N PRO B 799 11.46 -40.30 -24.20
CA PRO B 799 11.51 -40.90 -25.55
C PRO B 799 11.69 -39.88 -26.66
N LYS B 800 11.07 -38.70 -26.54
CA LYS B 800 11.31 -37.64 -27.51
C LYS B 800 12.70 -37.03 -27.34
N MET B 801 13.22 -36.99 -26.11
CA MET B 801 14.61 -36.56 -25.91
C MET B 801 15.59 -37.51 -26.58
N GLN B 802 15.37 -38.82 -26.44
CA GLN B 802 16.23 -39.79 -27.12
C GLN B 802 16.12 -39.68 -28.63
N GLU B 803 14.97 -39.25 -29.14
CA GLU B 803 14.84 -38.97 -30.57
C GLU B 803 15.69 -37.78 -30.95
N VAL B 804 15.73 -36.76 -30.07
CA VAL B 804 16.47 -35.53 -30.35
C VAL B 804 17.98 -35.77 -30.29
N VAL B 805 18.45 -36.38 -29.20
CA VAL B 805 19.88 -36.57 -28.98
C VAL B 805 20.49 -37.61 -29.91
N ALA B 806 19.65 -38.46 -30.54
CA ALA B 806 20.13 -39.54 -31.40
C ALA B 806 21.15 -39.05 -32.42
N ASN B 807 22.37 -39.58 -32.33
CA ASN B 807 23.47 -39.27 -33.25
C ASN B 807 23.87 -37.78 -33.18
N LEU B 808 24.20 -37.34 -31.98
CA LEU B 808 24.57 -35.94 -31.74
C LEU B 808 25.87 -35.86 -30.95
N GLN B 809 26.81 -35.10 -31.49
CA GLN B 809 28.17 -34.93 -30.98
C GLN B 809 28.41 -33.48 -30.56
N TYR B 810 29.34 -33.28 -29.61
CA TYR B 810 29.73 -31.92 -29.26
C TYR B 810 31.07 -31.64 -29.91
N ASP B 811 31.83 -30.73 -29.30
CA ASP B 811 33.18 -30.47 -29.76
C ASP B 811 34.10 -30.22 -28.57
N ASP B 812 33.76 -30.81 -27.42
CA ASP B 812 34.39 -30.55 -26.14
C ASP B 812 35.79 -31.15 -26.12
N GLY B 813 36.79 -30.29 -26.34
CA GLY B 813 38.17 -30.70 -26.49
C GLY B 813 38.60 -30.92 -27.91
N SER B 814 37.68 -30.90 -28.87
CA SER B 814 37.96 -31.26 -30.25
C SER B 814 38.59 -32.66 -30.33
N GLY B 815 37.95 -33.62 -29.65
CA GLY B 815 38.49 -34.96 -29.52
C GLY B 815 37.58 -35.93 -28.78
N MET B 816 36.78 -35.41 -27.84
CA MET B 816 35.82 -36.17 -27.06
C MET B 816 34.36 -35.97 -27.51
N LYS B 817 34.13 -35.65 -28.79
CA LYS B 817 32.76 -35.54 -29.31
C LYS B 817 32.04 -36.87 -29.25
N ARG B 818 31.04 -37.01 -28.39
CA ARG B 818 30.38 -38.30 -28.21
C ARG B 818 28.88 -38.10 -28.22
N GLU B 819 28.16 -39.21 -28.37
CA GLU B 819 26.70 -39.18 -28.29
C GLU B 819 26.27 -38.45 -27.03
N ALA B 820 25.59 -37.32 -27.22
CA ALA B 820 25.05 -36.59 -26.10
C ALA B 820 23.97 -37.42 -25.44
N THR B 821 24.10 -37.68 -24.16
CA THR B 821 22.98 -38.33 -23.51
C THR B 821 21.90 -37.30 -23.23
N ALA B 822 20.67 -37.78 -23.11
CA ALA B 822 19.60 -36.87 -22.72
C ALA B 822 19.82 -36.31 -21.33
N ASP B 823 20.64 -36.97 -20.50
CA ASP B 823 20.89 -36.52 -19.14
C ASP B 823 22.02 -35.48 -19.09
N ASP B 824 23.05 -35.66 -19.92
CA ASP B 824 24.02 -34.61 -20.16
C ASP B 824 23.34 -33.36 -20.66
N LEU B 825 22.42 -33.53 -21.61
CA LEU B 825 21.80 -32.38 -22.27
C LEU B 825 20.79 -31.70 -21.34
N ILE B 826 20.06 -32.48 -20.54
CA ILE B 826 19.09 -31.90 -19.61
C ILE B 826 19.78 -30.94 -18.65
N LYS B 827 20.93 -31.35 -18.09
CA LYS B 827 21.65 -30.49 -17.16
C LYS B 827 22.16 -29.23 -17.84
N VAL B 828 22.33 -29.29 -19.18
CA VAL B 828 22.81 -28.15 -19.96
C VAL B 828 21.74 -27.07 -20.10
N VAL B 829 20.52 -27.46 -20.46
CA VAL B 829 19.42 -26.51 -20.57
C VAL B 829 19.10 -25.91 -19.21
N GLU B 830 19.17 -26.73 -18.16
CA GLU B 830 19.04 -26.20 -16.80
C GLU B 830 20.05 -25.10 -16.54
N GLU B 831 21.27 -25.25 -17.06
CA GLU B 831 22.26 -24.17 -16.93
C GLU B 831 21.78 -22.88 -17.59
N LEU B 832 20.94 -23.00 -18.63
CA LEU B 832 20.45 -21.84 -19.36
C LEU B 832 19.18 -21.25 -18.74
N THR B 833 18.35 -22.06 -18.10
CA THR B 833 17.18 -21.52 -17.42
C THR B 833 17.59 -20.60 -16.26
N ARG B 834 18.82 -20.73 -15.78
CA ARG B 834 19.28 -19.96 -14.63
C ARG B 834 19.69 -18.54 -14.99
N ILE B 835 19.65 -18.15 -16.26
CA ILE B 835 19.99 -16.77 -16.62
C ILE B 835 18.81 -15.81 -16.49
N HIS B 836 17.62 -16.32 -16.19
CA HIS B 836 16.47 -15.48 -15.91
C HIS B 836 15.55 -16.15 -14.89
N SER C 1 32.03 60.80 -74.69
CA SER C 1 32.13 60.35 -73.30
C SER C 1 31.01 60.96 -72.47
N GLU C 2 29.96 61.42 -73.15
CA GLU C 2 28.75 61.81 -72.45
C GLU C 2 27.69 60.72 -72.46
N ARG C 3 27.94 59.65 -73.22
CA ARG C 3 27.14 58.43 -73.15
C ARG C 3 25.67 58.75 -73.43
N PRO C 4 25.30 59.00 -74.69
CA PRO C 4 23.92 59.36 -75.00
C PRO C 4 23.11 58.20 -75.53
N PHE C 5 23.58 56.98 -75.26
CA PHE C 5 22.91 55.75 -75.65
C PHE C 5 22.49 55.04 -74.36
N HIS C 6 21.20 55.10 -74.07
CA HIS C 6 20.65 54.60 -72.83
C HIS C 6 19.86 53.32 -73.08
N CYS C 7 19.90 52.41 -72.12
CA CYS C 7 19.07 51.23 -72.17
C CYS C 7 17.80 51.50 -71.35
N ASN C 8 16.63 51.33 -71.96
CA ASN C 8 15.41 51.58 -71.18
C ASN C 8 15.16 50.54 -70.12
N GLN C 9 15.82 49.39 -70.20
CA GLN C 9 15.54 48.34 -69.23
C GLN C 9 16.29 48.58 -67.92
N CYS C 10 17.62 48.58 -67.96
CA CYS C 10 18.44 48.79 -66.76
C CYS C 10 18.95 50.21 -66.56
N GLY C 11 19.03 51.03 -67.61
CA GLY C 11 19.53 52.38 -67.48
C GLY C 11 20.97 52.60 -67.89
N ALA C 12 21.68 51.56 -68.29
CA ALA C 12 23.07 51.67 -68.65
C ALA C 12 23.29 52.76 -69.69
N SER C 13 24.34 53.57 -69.50
CA SER C 13 24.78 54.53 -70.50
C SER C 13 25.92 53.94 -71.34
N PHE C 14 25.88 54.23 -72.63
CA PHE C 14 26.94 53.80 -73.54
C PHE C 14 27.32 54.94 -74.46
N THR C 15 28.55 54.87 -74.96
CA THR C 15 29.10 55.97 -75.72
C THR C 15 28.97 55.80 -77.23
N GLN C 16 28.78 54.59 -77.73
CA GLN C 16 28.44 54.37 -79.12
C GLN C 16 27.23 53.44 -79.21
N LYS C 17 26.47 53.59 -80.30
CA LYS C 17 25.23 52.84 -80.46
C LYS C 17 25.47 51.34 -80.38
N GLY C 18 26.29 50.80 -81.28
CA GLY C 18 26.52 49.36 -81.38
C GLY C 18 26.92 48.64 -80.10
N ASN C 19 27.42 49.40 -79.11
CA ASN C 19 27.70 48.84 -77.80
C ASN C 19 26.45 48.66 -76.97
N LEU C 20 25.48 49.56 -77.12
CA LEU C 20 24.22 49.41 -76.42
C LEU C 20 23.44 48.22 -76.98
N LEU C 21 23.47 48.04 -78.31
CA LEU C 21 22.82 46.86 -78.88
C LEU C 21 23.39 45.56 -78.33
N ARG C 22 24.72 45.47 -78.18
CA ARG C 22 25.27 44.30 -77.52
C ARG C 22 24.71 44.12 -76.12
N HIS C 23 24.36 45.23 -75.45
CA HIS C 23 23.84 45.18 -74.09
C HIS C 23 22.39 44.71 -74.05
N ILE C 24 21.50 45.35 -74.81
CA ILE C 24 20.08 45.00 -74.75
C ILE C 24 19.84 43.55 -75.20
N LYS C 25 20.80 42.92 -75.86
CA LYS C 25 20.67 41.51 -76.24
C LYS C 25 20.93 40.57 -75.08
N LEU C 26 21.84 40.95 -74.18
CA LEU C 26 22.10 40.17 -72.98
C LEU C 26 20.93 40.21 -72.00
N HIS C 27 20.05 41.21 -72.11
CA HIS C 27 18.90 41.28 -71.20
C HIS C 27 17.91 40.16 -71.45
N SER C 28 17.80 39.72 -72.70
CA SER C 28 16.81 38.71 -73.07
C SER C 28 17.16 37.34 -72.49
N GLY D 32 11.16 -19.75 66.52
CA GLY D 32 10.56 -18.72 65.71
C GLY D 32 9.67 -19.20 64.57
N ARG D 33 9.99 -18.82 63.34
CA ARG D 33 9.20 -19.16 62.15
C ARG D 33 10.16 -19.36 60.99
N THR D 34 10.15 -20.58 60.41
CA THR D 34 11.01 -20.94 59.28
C THR D 34 10.23 -20.76 57.98
N LEU D 35 10.72 -19.90 57.11
CA LEU D 35 10.12 -19.66 55.80
C LEU D 35 11.23 -19.69 54.76
N HIS D 36 11.08 -20.59 53.79
CA HIS D 36 12.00 -20.68 52.67
C HIS D 36 11.65 -19.62 51.64
N ASP D 37 12.51 -19.49 50.64
CA ASP D 37 12.23 -18.53 49.58
C ASP D 37 11.30 -19.15 48.54
N ASP D 38 10.57 -18.29 47.84
CA ASP D 38 9.67 -18.73 46.79
C ASP D 38 10.46 -19.37 45.65
N ASP D 39 9.88 -20.39 45.03
CA ASP D 39 10.42 -21.08 43.85
C ASP D 39 11.75 -21.80 44.12
N SER D 40 12.18 -21.92 45.38
CA SER D 40 13.43 -22.60 45.68
C SER D 40 13.22 -24.11 45.80
N CYS D 41 14.28 -24.86 45.51
CA CYS D 41 14.27 -26.31 45.71
C CYS D 41 14.62 -26.64 47.15
N GLN D 42 13.77 -27.45 47.79
CA GLN D 42 14.01 -27.91 49.14
C GLN D 42 13.86 -29.43 49.20
N VAL D 43 14.60 -30.04 50.12
CA VAL D 43 14.51 -31.49 50.36
C VAL D 43 14.14 -31.68 51.81
N ILE D 44 12.92 -32.17 52.06
CA ILE D 44 12.40 -32.26 53.41
C ILE D 44 11.67 -33.58 53.57
N PRO D 45 11.67 -34.13 54.78
CA PRO D 45 11.16 -35.49 54.99
C PRO D 45 9.64 -35.55 54.94
N VAL D 46 9.14 -36.76 54.64
CA VAL D 46 7.70 -37.04 54.59
C VAL D 46 7.38 -38.10 55.64
N LEU D 47 6.35 -37.83 56.45
CA LEU D 47 5.89 -38.83 57.41
C LEU D 47 4.93 -39.79 56.71
N PRO D 48 5.13 -41.10 56.84
CA PRO D 48 4.40 -42.06 55.99
C PRO D 48 2.99 -42.36 56.46
N GLN D 49 2.74 -42.21 57.76
CA GLN D 49 1.40 -42.46 58.30
C GLN D 49 0.38 -41.43 57.83
N VAL D 50 0.82 -40.23 57.47
CA VAL D 50 -0.08 -39.16 57.06
C VAL D 50 -0.52 -39.41 55.62
N MET D 51 -1.75 -38.98 55.30
CA MET D 51 -2.29 -39.14 53.96
C MET D 51 -3.21 -37.97 53.64
N MET D 52 -3.84 -37.42 54.67
CA MET D 52 -4.81 -36.36 54.48
C MET D 52 -4.11 -35.09 53.97
N ILE D 53 -4.78 -34.40 53.04
CA ILE D 53 -4.26 -33.16 52.47
C ILE D 53 -4.26 -32.08 53.55
N LEU D 54 -3.16 -31.35 53.67
CA LEU D 54 -3.01 -30.29 54.67
C LEU D 54 -3.06 -28.93 53.97
N ILE D 55 -4.04 -28.12 54.34
CA ILE D 55 -4.15 -26.76 53.80
C ILE D 55 -3.30 -25.82 54.65
N PRO D 56 -2.60 -24.87 54.04
CA PRO D 56 -1.83 -23.90 54.83
C PRO D 56 -2.72 -23.19 55.83
N GLY D 57 -2.17 -22.93 57.02
CA GLY D 57 -2.96 -22.26 58.02
C GLY D 57 -3.59 -23.24 58.97
N GLN D 58 -4.19 -24.30 58.44
CA GLN D 58 -4.83 -25.30 59.28
C GLN D 58 -3.83 -26.08 60.11
N THR D 59 -4.31 -26.53 61.26
CA THR D 59 -3.50 -27.30 62.20
C THR D 59 -3.66 -28.79 61.96
N LEU D 60 -2.57 -29.52 62.11
CA LEU D 60 -2.54 -30.97 62.04
C LEU D 60 -1.98 -31.50 63.35
N PRO D 61 -2.77 -32.22 64.15
CA PRO D 61 -2.20 -32.93 65.30
C PRO D 61 -1.74 -34.33 64.93
N LEU D 62 -0.66 -34.77 65.56
CA LEU D 62 -0.10 -36.07 65.24
C LEU D 62 0.13 -36.91 66.49
N GLN D 63 0.05 -38.21 66.30
CA GLN D 63 0.32 -39.21 67.33
C GLN D 63 1.32 -40.19 66.77
N LEU D 64 2.52 -40.23 67.36
CA LEU D 64 3.61 -41.05 66.86
C LEU D 64 3.91 -42.17 67.84
N PHE D 65 4.06 -43.39 67.33
CA PHE D 65 4.43 -44.57 68.09
C PHE D 65 5.79 -45.11 67.72
N HIS D 66 6.11 -45.13 66.43
CA HIS D 66 7.33 -45.75 65.97
C HIS D 66 8.54 -44.90 66.37
N PRO D 67 9.67 -45.52 66.69
CA PRO D 67 10.83 -44.75 67.17
C PRO D 67 11.50 -43.89 66.10
N GLN D 68 11.54 -44.33 64.83
CA GLN D 68 12.12 -43.49 63.78
C GLN D 68 11.30 -42.24 63.51
N GLU D 69 9.97 -42.35 63.64
CA GLU D 69 9.10 -41.17 63.59
C GLU D 69 9.45 -40.19 64.69
N VAL D 70 9.63 -40.70 65.92
CA VAL D 70 10.02 -39.85 67.04
C VAL D 70 11.44 -39.32 66.84
N SER D 71 12.37 -40.20 66.49
CA SER D 71 13.75 -39.77 66.30
C SER D 71 13.85 -38.71 65.21
N MET D 72 13.14 -38.90 64.11
CA MET D 72 13.22 -37.94 63.01
C MET D 72 12.57 -36.59 63.37
N VAL D 73 11.47 -36.61 64.12
CA VAL D 73 10.83 -35.36 64.55
C VAL D 73 11.73 -34.58 65.50
N ARG D 74 12.37 -35.27 66.45
CA ARG D 74 13.28 -34.59 67.37
C ARG D 74 14.42 -33.88 66.64
N ASN D 75 14.92 -34.47 65.55
CA ASN D 75 15.98 -33.79 64.81
C ASN D 75 15.45 -32.56 64.10
N LEU D 76 14.18 -32.60 63.66
CA LEU D 76 13.59 -31.40 63.09
C LEU D 76 13.41 -30.30 64.13
N ILE D 77 13.04 -30.66 65.36
CA ILE D 77 12.96 -29.65 66.42
C ILE D 77 14.31 -28.97 66.61
N GLN D 78 15.41 -29.70 66.38
CA GLN D 78 16.75 -29.12 66.46
C GLN D 78 17.02 -28.16 65.30
N LYS D 79 16.54 -28.49 64.11
CA LYS D 79 16.83 -27.73 62.90
C LYS D 79 15.63 -26.82 62.59
N ASP D 80 15.05 -26.84 61.38
CA ASP D 80 14.05 -25.86 60.97
C ASP D 80 12.65 -26.17 61.50
N ARG D 81 12.39 -27.42 61.91
CA ARG D 81 11.12 -27.85 62.46
C ARG D 81 10.03 -28.00 61.41
N THR D 82 10.42 -28.31 60.17
CA THR D 82 9.48 -28.38 59.04
C THR D 82 9.59 -29.70 58.32
N PHE D 83 8.43 -30.30 57.99
CA PHE D 83 8.35 -31.54 57.24
C PHE D 83 7.24 -31.42 56.21
N ALA D 84 7.19 -32.41 55.30
CA ALA D 84 6.29 -32.36 54.15
C ALA D 84 5.06 -33.22 54.41
N VAL D 85 3.91 -32.73 53.95
CA VAL D 85 2.64 -33.44 54.03
C VAL D 85 2.11 -33.52 52.61
N LEU D 86 2.22 -34.69 51.98
CA LEU D 86 1.87 -34.80 50.58
C LEU D 86 0.35 -34.83 50.38
N ALA D 87 -0.06 -34.41 49.20
CA ALA D 87 -1.45 -34.40 48.75
C ALA D 87 -1.63 -35.51 47.72
N TYR D 88 -1.95 -36.71 48.21
CA TYR D 88 -1.97 -37.87 47.34
C TYR D 88 -3.15 -37.78 46.38
N SER D 89 -2.89 -38.11 45.10
CA SER D 89 -3.97 -38.27 44.14
C SER D 89 -4.54 -39.68 44.20
N ASN D 90 -3.70 -40.66 44.54
CA ASN D 90 -4.12 -42.03 44.85
C ASN D 90 -3.28 -42.49 46.04
N VAL D 91 -3.87 -42.44 47.23
CA VAL D 91 -3.09 -42.73 48.44
C VAL D 91 -2.63 -44.18 48.42
N GLN D 92 -3.38 -45.06 47.78
CA GLN D 92 -3.03 -46.48 47.76
C GLN D 92 -1.71 -46.69 47.02
N GLU D 93 -1.55 -46.04 45.86
CA GLU D 93 -0.27 -46.09 45.15
C GLU D 93 0.73 -45.06 45.67
N ARG D 94 0.28 -44.10 46.50
CA ARG D 94 1.13 -43.02 46.99
C ARG D 94 1.67 -42.19 45.83
N GLU D 95 0.74 -41.68 45.03
CA GLU D 95 1.06 -40.84 43.89
C GLU D 95 0.70 -39.40 44.27
N ALA D 96 1.69 -38.51 44.22
CA ALA D 96 1.45 -37.15 44.63
C ALA D 96 2.36 -36.19 43.86
N GLN D 97 1.76 -35.07 43.42
CA GLN D 97 2.48 -34.02 42.70
C GLN D 97 2.61 -32.74 43.51
N PHE D 98 1.82 -32.55 44.56
CA PHE D 98 1.88 -31.35 45.38
C PHE D 98 1.68 -31.71 46.84
N GLY D 99 1.85 -30.69 47.69
CA GLY D 99 1.60 -30.84 49.11
C GLY D 99 1.90 -29.55 49.83
N THR D 100 2.00 -29.64 51.15
CA THR D 100 2.19 -28.49 52.02
C THR D 100 3.28 -28.77 53.04
N THR D 101 4.08 -27.77 53.34
CA THR D 101 5.01 -27.94 54.46
C THR D 101 4.30 -27.72 55.78
N ALA D 102 4.77 -28.42 56.81
CA ALA D 102 4.21 -28.34 58.14
C ALA D 102 5.30 -27.99 59.14
N GLU D 103 5.08 -26.94 59.93
CA GLU D 103 6.02 -26.50 60.93
C GLU D 103 5.56 -27.01 62.29
N ILE D 104 6.43 -27.75 62.98
CA ILE D 104 6.09 -28.22 64.31
C ILE D 104 6.15 -27.05 65.28
N TYR D 105 5.16 -26.99 66.17
CA TYR D 105 5.14 -25.96 67.21
C TYR D 105 4.79 -26.47 68.58
N ALA D 106 4.39 -27.74 68.73
CA ALA D 106 4.01 -28.32 70.01
C ALA D 106 4.52 -29.74 70.05
N TYR D 107 5.15 -30.11 71.16
CA TYR D 107 5.69 -31.45 71.33
C TYR D 107 5.54 -31.86 72.78
N ARG D 108 5.06 -33.09 72.99
CA ARG D 108 4.79 -33.57 74.34
C ARG D 108 4.73 -35.10 74.32
N GLU D 109 5.44 -35.72 75.27
CA GLU D 109 5.45 -37.18 75.40
C GLU D 109 4.37 -37.60 76.38
N GLU D 110 3.21 -38.02 75.86
CA GLU D 110 2.07 -38.31 76.70
C GLU D 110 1.96 -39.81 76.95
N GLN D 111 0.90 -40.18 77.67
CA GLN D 111 0.52 -41.57 77.93
C GLN D 111 -0.98 -41.73 77.83
N ASP D 112 -1.42 -42.74 77.07
CA ASP D 112 -2.84 -43.00 76.95
C ASP D 112 -3.02 -44.50 76.75
N PHE D 113 -3.89 -45.11 77.58
CA PHE D 113 -4.20 -46.53 77.49
C PHE D 113 -2.96 -47.38 77.69
N GLY D 114 -2.10 -46.98 78.63
CA GLY D 114 -0.87 -47.69 78.86
C GLY D 114 0.10 -47.70 77.70
N ILE D 115 -0.03 -46.76 76.78
CA ILE D 115 0.86 -46.63 75.63
C ILE D 115 1.63 -45.34 75.77
N GLU D 116 2.93 -45.38 75.53
CA GLU D 116 3.75 -44.17 75.57
C GLU D 116 3.88 -43.60 74.16
N ILE D 117 3.19 -42.50 73.90
CA ILE D 117 3.15 -41.88 72.57
C ILE D 117 3.55 -40.42 72.69
N VAL D 118 4.17 -39.89 71.63
CA VAL D 118 4.46 -38.46 71.54
C VAL D 118 3.40 -37.79 70.69
N LYS D 119 2.82 -36.72 71.21
CA LYS D 119 1.81 -35.97 70.50
C LYS D 119 2.45 -34.69 69.99
N VAL D 120 2.30 -34.46 68.69
CA VAL D 120 2.92 -33.33 68.02
C VAL D 120 1.82 -32.58 67.28
N LYS D 121 1.88 -31.25 67.35
CA LYS D 121 0.97 -30.36 66.62
C LYS D 121 1.79 -29.52 65.65
N ALA D 122 1.35 -29.49 64.40
CA ALA D 122 2.02 -28.73 63.35
C ALA D 122 1.01 -27.89 62.60
N ILE D 123 1.51 -26.88 61.89
CA ILE D 123 0.68 -25.95 61.13
C ILE D 123 1.18 -25.88 59.69
N GLY D 124 0.27 -25.93 58.73
CA GLY D 124 0.66 -25.83 57.34
C GLY D 124 1.20 -24.45 57.01
N ARG D 125 2.32 -24.42 56.26
CA ARG D 125 2.95 -23.17 55.85
C ARG D 125 2.98 -23.11 54.33
N GLN D 126 4.11 -23.36 53.69
CA GLN D 126 4.23 -23.16 52.25
C GLN D 126 3.69 -24.35 51.45
N ARG D 127 3.18 -24.05 50.26
CA ARG D 127 2.79 -25.05 49.27
C ARG D 127 4.01 -25.46 48.46
N PHE D 128 3.90 -26.58 47.75
CA PHE D 128 5.02 -27.02 46.92
C PHE D 128 4.57 -27.97 45.82
N LYS D 129 5.48 -28.17 44.86
CA LYS D 129 5.33 -29.11 43.76
C LYS D 129 6.38 -30.21 43.91
N VAL D 130 5.93 -31.46 43.93
CA VAL D 130 6.82 -32.60 44.14
C VAL D 130 7.74 -32.79 42.95
N LEU D 131 9.03 -32.99 43.22
CA LEU D 131 10.01 -33.33 42.20
C LEU D 131 10.45 -34.78 42.29
N GLU D 132 10.92 -35.24 43.45
CA GLU D 132 11.34 -36.63 43.62
C GLU D 132 10.81 -37.20 44.93
N LEU D 133 10.61 -38.52 44.93
CA LEU D 133 10.24 -39.27 46.12
C LEU D 133 11.19 -40.47 46.28
N ARG D 134 12.44 -40.17 46.60
CA ARG D 134 13.36 -41.20 47.07
C ARG D 134 13.01 -41.59 48.49
N THR D 135 12.87 -42.88 48.74
CA THR D 135 12.54 -43.37 50.08
C THR D 135 13.79 -43.92 50.77
N GLN D 136 13.95 -43.58 52.06
CA GLN D 136 15.15 -43.93 52.81
C GLN D 136 15.13 -45.41 53.22
N SER D 137 16.17 -45.80 53.96
CA SER D 137 16.20 -47.11 54.58
C SER D 137 15.10 -47.28 55.61
N ASP D 138 14.79 -46.22 56.37
CA ASP D 138 13.66 -46.25 57.29
C ASP D 138 12.35 -46.33 56.50
N GLY D 139 11.23 -46.26 57.23
CA GLY D 139 9.96 -45.95 56.60
C GLY D 139 9.87 -44.51 56.15
N ILE D 140 10.69 -43.64 56.73
CA ILE D 140 10.73 -42.22 56.37
C ILE D 140 11.27 -42.07 54.97
N GLN D 141 10.63 -41.21 54.18
CA GLN D 141 11.04 -40.94 52.81
C GLN D 141 11.24 -39.44 52.63
N GLN D 142 12.29 -39.07 51.91
CA GLN D 142 12.62 -37.68 51.61
C GLN D 142 11.89 -37.23 50.35
N ALA D 143 11.88 -35.91 50.15
CA ALA D 143 11.10 -35.34 49.05
C ALA D 143 11.79 -34.08 48.56
N LYS D 144 12.36 -34.15 47.35
CA LYS D 144 12.84 -32.97 46.66
C LYS D 144 11.65 -32.21 46.11
N VAL D 145 11.57 -30.91 46.38
CA VAL D 145 10.33 -30.20 46.14
C VAL D 145 10.61 -28.75 45.85
N GLN D 146 9.70 -28.12 45.12
CA GLN D 146 9.83 -26.73 44.67
C GLN D 146 8.75 -25.88 45.33
N ILE D 147 9.16 -24.87 46.08
CA ILE D 147 8.24 -24.03 46.86
C ILE D 147 7.37 -23.22 45.91
N LEU D 148 6.03 -23.40 46.02
CA LEU D 148 5.11 -22.61 45.18
C LEU D 148 4.79 -21.29 45.87
N PRO D 149 4.97 -20.16 45.20
CA PRO D 149 4.81 -18.86 45.86
C PRO D 149 3.35 -18.45 45.93
N GLU D 150 3.02 -17.72 46.99
CA GLU D 150 1.69 -17.13 47.11
C GLU D 150 1.65 -15.87 46.26
N CYS D 151 0.88 -15.91 45.18
CA CYS D 151 0.84 -14.82 44.23
C CYS D 151 -0.13 -13.75 44.75
N VAL D 152 0.41 -12.56 45.01
CA VAL D 152 -0.35 -11.41 45.56
C VAL D 152 -0.41 -10.31 44.51
N LEU D 153 -1.61 -9.92 44.16
CA LEU D 153 -1.73 -8.87 43.18
C LEU D 153 -2.21 -7.59 43.83
N PRO D 154 -1.70 -6.44 43.40
CA PRO D 154 -2.23 -5.17 43.90
C PRO D 154 -3.64 -4.94 43.40
N SER D 155 -4.29 -3.85 43.81
CA SER D 155 -5.66 -3.61 43.40
C SER D 155 -5.75 -3.65 41.89
N THR D 156 -6.78 -4.32 41.38
CA THR D 156 -6.94 -4.43 39.94
C THR D 156 -6.93 -3.04 39.28
N MET D 157 -7.52 -2.04 39.94
CA MET D 157 -7.52 -0.68 39.41
C MET D 157 -6.23 0.09 39.65
N SER D 158 -5.38 -0.36 40.57
CA SER D 158 -4.10 0.31 40.80
C SER D 158 -3.27 0.37 39.53
N ALA D 159 -3.53 -0.54 38.58
CA ALA D 159 -2.83 -0.62 37.31
C ALA D 159 -3.12 0.55 36.38
N VAL D 160 -4.15 1.34 36.66
CA VAL D 160 -4.45 2.48 35.80
C VAL D 160 -3.97 3.74 36.51
N GLN D 161 -2.95 3.59 37.37
CA GLN D 161 -2.28 4.67 38.10
C GLN D 161 -3.15 5.30 39.19
N LEU D 162 -2.53 5.59 40.33
CA LEU D 162 -3.22 6.09 41.53
C LEU D 162 -3.12 7.62 41.53
N GLU D 163 -4.09 8.28 40.88
CA GLU D 163 -4.00 9.72 40.59
C GLU D 163 -4.93 10.60 41.43
N SER D 164 -5.79 11.41 40.80
CA SER D 164 -6.63 12.34 41.57
C SER D 164 -7.91 11.67 42.05
N LEU D 165 -8.51 10.81 41.22
CA LEU D 165 -9.60 9.94 41.63
C LEU D 165 -9.14 8.90 42.64
N ASN D 166 -7.84 8.86 42.90
CA ASN D 166 -7.31 8.01 43.95
C ASN D 166 -7.80 8.39 45.34
N LYS D 167 -7.78 9.68 45.68
CA LYS D 167 -8.14 10.07 47.04
C LYS D 167 -9.55 9.62 47.40
N CYS D 168 -10.39 9.35 46.38
CA CYS D 168 -11.71 8.75 46.49
C CYS D 168 -11.67 7.24 46.36
N GLN D 169 -10.47 6.63 46.30
CA GLN D 169 -10.37 5.17 46.31
C GLN D 169 -10.65 4.63 47.71
N ILE D 170 -10.19 5.32 48.76
CA ILE D 170 -10.40 4.88 50.14
C ILE D 170 -11.85 5.16 50.53
N PHE D 171 -12.39 4.32 51.43
CA PHE D 171 -13.80 4.26 51.78
C PHE D 171 -14.05 4.77 53.19
N PRO D 172 -15.30 5.21 53.52
CA PRO D 172 -15.57 5.81 54.84
C PRO D 172 -15.80 4.75 55.93
N SER D 173 -14.75 3.94 56.17
CA SER D 173 -14.83 2.74 57.01
C SER D 173 -15.86 1.77 56.45
N LYS D 174 -16.02 0.63 57.11
CA LYS D 174 -17.17 -0.21 56.87
C LYS D 174 -18.32 0.26 57.74
N PRO D 175 -19.57 -0.13 57.45
CA PRO D 175 -20.67 0.29 58.32
C PRO D 175 -20.68 -0.40 59.68
N VAL D 176 -19.77 -1.36 59.91
CA VAL D 176 -19.73 -2.29 61.04
C VAL D 176 -21.14 -2.64 61.46
N SER D 177 -22.03 -2.78 60.47
CA SER D 177 -23.41 -3.17 60.68
C SER D 177 -23.68 -4.36 59.78
N ARG D 178 -24.08 -5.48 60.38
CA ARG D 178 -24.53 -6.61 59.59
C ARG D 178 -25.65 -6.21 58.63
N GLU D 179 -26.53 -5.27 59.04
CA GLU D 179 -27.71 -4.89 58.27
C GLU D 179 -27.44 -3.80 57.22
N ASP D 180 -26.53 -2.86 57.48
CA ASP D 180 -26.14 -1.88 56.45
C ASP D 180 -25.12 -2.44 55.47
N GLN D 181 -24.38 -3.47 55.87
CA GLN D 181 -23.45 -4.18 54.99
C GLN D 181 -24.11 -5.37 54.29
N CYS D 182 -25.21 -5.90 54.82
CA CYS D 182 -26.09 -6.72 54.01
C CYS D 182 -26.82 -5.88 52.96
N SER D 183 -27.09 -4.60 53.27
CA SER D 183 -27.69 -3.69 52.30
C SER D 183 -26.79 -3.63 51.08
N TYR D 184 -27.21 -4.30 50.00
CA TYR D 184 -26.46 -4.22 48.76
C TYR D 184 -26.35 -2.78 48.27
N LYS D 185 -27.17 -1.86 48.81
CA LYS D 185 -26.92 -0.44 48.63
C LYS D 185 -25.50 -0.07 49.05
N TRP D 186 -24.96 -0.69 50.10
CA TRP D 186 -23.56 -0.45 50.44
C TRP D 186 -22.63 -1.07 49.42
N TRP D 187 -22.87 -2.34 49.07
CA TRP D 187 -22.04 -3.00 48.07
C TRP D 187 -22.18 -2.33 46.72
N GLN D 188 -23.32 -1.68 46.47
CA GLN D 188 -23.46 -0.94 45.22
C GLN D 188 -22.63 0.33 45.25
N LYS D 189 -22.66 1.06 46.38
CA LYS D 189 -21.78 2.21 46.52
C LYS D 189 -20.32 1.78 46.55
N TYR D 190 -20.04 0.62 47.13
CA TYR D 190 -18.68 0.09 47.12
C TYR D 190 -18.20 -0.12 45.69
N GLN D 191 -19.01 -0.78 44.86
CA GLN D 191 -18.58 -1.10 43.50
C GLN D 191 -18.30 0.18 42.71
N LYS D 192 -19.23 1.14 42.74
CA LYS D 192 -19.04 2.38 42.01
C LYS D 192 -17.75 3.09 42.41
N ARG D 193 -17.37 3.03 43.68
CA ARG D 193 -16.23 3.83 44.13
C ARG D 193 -14.91 3.13 43.90
N LYS D 194 -14.80 1.86 44.28
CA LYS D 194 -13.54 1.15 44.13
C LYS D 194 -13.11 1.09 42.67
N PHE D 195 -14.05 0.84 41.77
CA PHE D 195 -13.79 0.70 40.34
C PHE D 195 -14.31 1.90 39.56
N HIS D 196 -14.13 3.10 40.09
CA HIS D 196 -14.57 4.26 39.34
C HIS D 196 -13.86 4.33 38.01
N CYS D 197 -12.57 4.01 37.99
CA CYS D 197 -11.70 4.04 36.82
C CYS D 197 -11.97 2.95 35.86
N ALA D 198 -13.00 2.13 36.07
CA ALA D 198 -13.30 1.06 35.12
C ALA D 198 -13.61 1.59 33.73
N ASN D 199 -14.11 2.82 33.64
CA ASN D 199 -14.43 3.41 32.34
C ASN D 199 -13.19 3.80 31.53
N LEU D 200 -11.99 3.81 32.13
CA LEU D 200 -10.75 3.99 31.37
C LEU D 200 -10.32 2.74 30.63
N THR D 201 -10.87 1.58 30.97
CA THR D 201 -10.59 0.29 30.38
C THR D 201 -11.75 -0.16 29.50
N SER D 202 -11.66 -1.40 29.04
CA SER D 202 -12.67 -1.98 28.16
C SER D 202 -13.73 -2.81 28.90
N TRP D 203 -13.74 -2.77 30.23
CA TRP D 203 -14.63 -3.60 31.04
C TRP D 203 -15.41 -2.78 32.05
N PRO D 204 -16.61 -3.22 32.41
CA PRO D 204 -17.44 -2.45 33.35
C PRO D 204 -17.11 -2.77 34.81
N ARG D 205 -17.62 -1.92 35.70
CA ARG D 205 -17.31 -2.11 37.11
C ARG D 205 -17.73 -3.50 37.56
N TRP D 206 -18.88 -3.98 37.10
CA TRP D 206 -19.41 -5.22 37.64
C TRP D 206 -18.56 -6.43 37.29
N LEU D 207 -17.80 -6.38 36.19
CA LEU D 207 -16.86 -7.45 35.89
C LEU D 207 -15.71 -7.45 36.89
N TYR D 208 -15.18 -6.28 37.21
CA TYR D 208 -14.09 -6.21 38.18
C TYR D 208 -14.50 -6.74 39.54
N SER D 209 -15.80 -6.66 39.91
CA SER D 209 -16.24 -7.25 41.16
C SER D 209 -16.00 -8.74 41.19
N LEU D 210 -16.16 -9.41 40.05
CA LEU D 210 -15.95 -10.85 39.98
C LEU D 210 -14.49 -11.24 40.20
N TYR D 211 -13.57 -10.28 40.25
CA TYR D 211 -12.19 -10.57 40.60
C TYR D 211 -11.76 -9.79 41.83
N ASP D 212 -12.70 -9.19 42.55
CA ASP D 212 -12.43 -8.45 43.78
C ASP D 212 -12.57 -9.35 45.00
N ALA D 213 -11.53 -9.39 45.82
CA ALA D 213 -11.51 -10.33 46.94
C ALA D 213 -12.65 -10.07 47.93
N GLU D 214 -12.74 -8.82 48.45
CA GLU D 214 -13.74 -8.53 49.47
C GLU D 214 -15.15 -8.90 49.01
N THR D 215 -15.48 -8.58 47.75
CA THR D 215 -16.75 -9.02 47.19
C THR D 215 -16.84 -10.54 47.14
N LEU D 216 -15.78 -11.19 46.65
CA LEU D 216 -15.77 -12.64 46.55
C LEU D 216 -15.93 -13.30 47.92
N MET D 217 -15.18 -12.81 48.92
CA MET D 217 -15.30 -13.29 50.29
C MET D 217 -16.74 -13.19 50.80
N ASP D 218 -17.33 -12.01 50.68
CA ASP D 218 -18.68 -11.81 51.20
C ASP D 218 -19.70 -12.67 50.46
N ARG D 219 -19.49 -12.92 49.18
CA ARG D 219 -20.36 -13.86 48.46
C ARG D 219 -20.32 -15.24 49.09
N ILE D 220 -19.13 -15.68 49.51
CA ILE D 220 -18.99 -16.96 50.20
C ILE D 220 -19.68 -16.93 51.56
N LYS D 221 -19.25 -16.00 52.43
CA LYS D 221 -19.82 -15.81 53.76
C LYS D 221 -21.34 -15.84 53.70
N LYS D 222 -21.92 -15.15 52.71
CA LYS D 222 -23.37 -15.15 52.57
C LYS D 222 -23.92 -16.52 52.25
N GLN D 223 -23.17 -17.37 51.53
CA GLN D 223 -23.67 -18.71 51.27
C GLN D 223 -23.31 -19.71 52.37
N LEU D 224 -22.19 -19.51 53.05
CA LEU D 224 -21.89 -20.35 54.19
C LEU D 224 -22.95 -20.18 55.27
N ARG D 225 -23.40 -18.94 55.51
CA ARG D 225 -24.44 -18.71 56.51
C ARG D 225 -25.77 -19.32 56.09
N GLU D 226 -26.03 -19.41 54.79
CA GLU D 226 -27.22 -20.11 54.30
C GLU D 226 -27.17 -21.59 54.63
N TRP D 227 -25.97 -22.18 54.60
CA TRP D 227 -25.79 -23.60 54.90
C TRP D 227 -25.88 -23.89 56.40
N ASP D 228 -25.28 -23.03 57.21
CA ASP D 228 -25.18 -23.24 58.65
C ASP D 228 -25.11 -21.87 59.32
N GLU D 229 -26.02 -21.59 60.25
CA GLU D 229 -25.94 -20.34 60.98
C GLU D 229 -24.71 -20.31 61.88
N ASN D 230 -23.96 -19.20 61.84
CA ASN D 230 -22.79 -19.00 62.69
C ASN D 230 -22.35 -17.54 62.62
N LEU D 231 -21.62 -17.12 63.66
CA LEU D 231 -21.12 -15.75 63.79
C LEU D 231 -20.05 -15.48 62.75
N LYS D 232 -20.30 -14.52 61.85
CA LYS D 232 -19.34 -14.28 60.77
C LYS D 232 -18.09 -13.59 61.27
N ASP D 233 -18.22 -12.70 62.26
CA ASP D 233 -17.07 -11.89 62.67
C ASP D 233 -15.97 -12.77 63.25
N ASP D 234 -16.35 -13.70 64.13
CA ASP D 234 -15.35 -14.46 64.87
C ASP D 234 -14.76 -15.59 64.03
N SER D 235 -15.63 -16.38 63.38
CA SER D 235 -15.19 -17.64 62.77
C SER D 235 -14.28 -17.43 61.56
N LEU D 236 -14.46 -16.35 60.82
CA LEU D 236 -13.67 -16.29 59.61
C LEU D 236 -12.65 -15.16 59.62
N PRO D 237 -11.46 -15.40 59.09
CA PRO D 237 -10.44 -14.35 59.02
C PRO D 237 -10.78 -13.27 58.00
N SER D 238 -10.27 -12.05 58.25
CA SER D 238 -10.57 -10.94 57.36
C SER D 238 -9.64 -10.91 56.15
N ASN D 239 -8.41 -11.42 56.28
CA ASN D 239 -7.46 -11.41 55.18
C ASN D 239 -7.91 -12.43 54.13
N PRO D 240 -7.95 -12.05 52.84
CA PRO D 240 -8.44 -12.99 51.83
C PRO D 240 -7.55 -14.22 51.63
N ILE D 241 -6.23 -14.12 51.81
CA ILE D 241 -5.39 -15.32 51.70
C ILE D 241 -5.74 -16.32 52.79
N ASP D 242 -5.75 -15.88 54.05
CA ASP D 242 -6.16 -16.77 55.13
C ASP D 242 -7.60 -17.23 54.95
N PHE D 243 -8.47 -16.36 54.44
CA PHE D 243 -9.87 -16.75 54.25
C PHE D 243 -9.98 -17.86 53.20
N SER D 244 -9.29 -17.73 52.07
CA SER D 244 -9.39 -18.72 51.02
C SER D 244 -8.97 -20.10 51.52
N TYR D 245 -7.86 -20.17 52.27
CA TYR D 245 -7.40 -21.45 52.83
C TYR D 245 -8.37 -21.99 53.87
N ARG D 246 -8.76 -21.15 54.83
CA ARG D 246 -9.74 -21.56 55.82
C ARG D 246 -10.98 -22.18 55.17
N VAL D 247 -11.44 -21.60 54.05
CA VAL D 247 -12.62 -22.14 53.37
C VAL D 247 -12.29 -23.43 52.64
N ALA D 248 -11.09 -23.52 52.08
CA ALA D 248 -10.69 -24.73 51.37
C ALA D 248 -10.67 -25.94 52.30
N ALA D 249 -10.37 -25.72 53.58
CA ALA D 249 -10.40 -26.82 54.54
C ALA D 249 -11.84 -27.24 54.86
N CYS D 250 -12.67 -26.30 55.27
CA CYS D 250 -13.99 -26.64 55.80
C CYS D 250 -15.04 -26.94 54.72
N LEU D 251 -14.70 -26.88 53.45
CA LEU D 251 -15.68 -27.17 52.41
C LEU D 251 -16.00 -28.67 52.37
N PRO D 252 -17.26 -29.05 52.20
CA PRO D 252 -17.67 -30.47 52.13
C PRO D 252 -17.37 -31.13 50.79
N ILE D 253 -16.09 -31.42 50.56
CA ILE D 253 -15.63 -31.92 49.26
C ILE D 253 -14.60 -33.04 49.44
N ASP D 254 -14.49 -33.83 48.38
CA ASP D 254 -13.50 -34.89 48.30
C ASP D 254 -12.09 -34.29 48.31
N ASP D 255 -11.14 -34.98 48.95
CA ASP D 255 -9.76 -34.49 49.01
C ASP D 255 -9.05 -34.50 47.65
N VAL D 256 -9.53 -35.30 46.68
CA VAL D 256 -9.01 -35.18 45.32
C VAL D 256 -9.44 -33.86 44.70
N LEU D 257 -10.71 -33.47 44.93
CA LEU D 257 -11.17 -32.16 44.48
C LEU D 257 -10.43 -31.04 45.23
N ARG D 258 -10.15 -31.24 46.52
CA ARG D 258 -9.41 -30.26 47.29
C ARG D 258 -8.01 -30.01 46.75
N ILE D 259 -7.44 -30.95 45.99
CA ILE D 259 -6.11 -30.72 45.40
C ILE D 259 -6.15 -29.54 44.42
N GLN D 260 -7.23 -29.41 43.66
CA GLN D 260 -7.36 -28.31 42.72
C GLN D 260 -7.16 -26.96 43.40
N LEU D 261 -7.77 -26.77 44.58
CA LEU D 261 -7.57 -25.53 45.32
C LEU D 261 -6.13 -25.33 45.76
N LEU D 262 -5.41 -26.42 46.01
CA LEU D 262 -4.03 -26.30 46.45
C LEU D 262 -3.09 -25.82 45.33
N LYS D 263 -3.44 -26.14 44.08
CA LYS D 263 -2.62 -25.74 42.92
C LYS D 263 -2.63 -24.22 42.73
N ILE D 264 -3.77 -23.60 43.01
CA ILE D 264 -4.01 -22.20 42.72
C ILE D 264 -3.06 -21.34 43.54
N GLY D 265 -2.41 -20.38 42.88
CA GLY D 265 -1.46 -19.53 43.56
C GLY D 265 -2.03 -18.19 43.98
N SER D 266 -3.14 -17.79 43.37
CA SER D 266 -3.75 -16.49 43.62
C SER D 266 -4.96 -16.64 44.52
N ALA D 267 -4.93 -15.95 45.68
CA ALA D 267 -6.10 -15.94 46.54
C ALA D 267 -7.37 -15.54 45.78
N ILE D 268 -7.24 -14.72 44.74
CA ILE D 268 -8.39 -14.33 43.93
C ILE D 268 -8.91 -15.53 43.16
N GLN D 269 -8.03 -16.18 42.40
CA GLN D 269 -8.48 -17.36 41.67
C GLN D 269 -8.94 -18.45 42.63
N ARG D 270 -8.37 -18.49 43.83
CA ARG D 270 -8.79 -19.47 44.82
C ARG D 270 -10.22 -19.23 45.26
N LEU D 271 -10.54 -17.99 45.66
CA LEU D 271 -11.89 -17.67 46.09
C LEU D 271 -12.92 -17.88 44.98
N ARG D 272 -12.57 -17.51 43.75
CA ARG D 272 -13.49 -17.72 42.64
C ARG D 272 -13.82 -19.19 42.47
N CYS D 273 -12.79 -20.04 42.59
CA CYS D 273 -12.97 -21.49 42.41
C CYS D 273 -13.86 -22.07 43.49
N GLU D 274 -13.67 -21.65 44.73
CA GLU D 274 -14.50 -22.12 45.83
C GLU D 274 -15.96 -21.76 45.60
N LEU D 275 -16.22 -20.58 45.03
CA LEU D 275 -17.60 -20.23 44.70
C LEU D 275 -18.17 -21.13 43.62
N ASP D 276 -17.36 -21.50 42.63
CA ASP D 276 -17.81 -22.46 41.63
C ASP D 276 -18.14 -23.82 42.26
N ILE D 277 -17.30 -24.29 43.18
CA ILE D 277 -17.59 -25.53 43.89
C ILE D 277 -18.93 -25.42 44.62
N MET D 278 -19.05 -24.42 45.49
CA MET D 278 -20.25 -24.21 46.29
C MET D 278 -21.53 -24.21 45.47
N ASN D 279 -21.49 -23.63 44.26
CA ASN D 279 -22.66 -23.62 43.39
C ASN D 279 -22.91 -24.96 42.74
N LYS D 280 -21.91 -25.85 42.74
CA LYS D 280 -22.06 -27.19 42.18
C LYS D 280 -22.51 -28.21 43.21
N CYS D 281 -22.62 -27.85 44.49
CA CYS D 281 -23.08 -28.74 45.56
C CYS D 281 -24.60 -28.79 45.59
N THR D 282 -25.16 -29.45 44.59
CA THR D 282 -26.60 -29.47 44.39
C THR D 282 -27.30 -30.64 45.06
N SER D 283 -26.56 -31.52 45.72
CA SER D 283 -27.11 -32.71 46.37
C SER D 283 -26.82 -32.66 47.86
N LEU D 284 -27.42 -33.60 48.57
CA LEU D 284 -27.25 -33.71 50.01
C LEU D 284 -26.88 -35.15 50.32
N CYS D 285 -25.94 -35.35 51.24
CA CYS D 285 -25.48 -36.67 51.63
C CYS D 285 -25.66 -36.81 53.13
N CYS D 286 -25.41 -38.01 53.64
CA CYS D 286 -25.51 -38.23 55.07
C CYS D 286 -24.42 -37.42 55.78
N LYS D 287 -24.84 -36.56 56.71
CA LYS D 287 -23.85 -35.77 57.45
C LYS D 287 -22.92 -36.66 58.26
N GLN D 288 -23.43 -37.79 58.76
CA GLN D 288 -22.62 -38.65 59.62
C GLN D 288 -21.60 -39.45 58.81
N CYS D 289 -22.03 -40.29 57.86
CA CYS D 289 -21.00 -41.05 57.14
C CYS D 289 -20.43 -40.30 55.95
N GLN D 290 -21.23 -39.47 55.29
CA GLN D 290 -20.75 -38.67 54.15
C GLN D 290 -20.25 -39.56 53.01
N GLU D 291 -20.90 -40.70 52.84
CA GLU D 291 -20.61 -41.63 51.75
C GLU D 291 -21.83 -41.91 50.91
N THR D 292 -22.95 -41.26 51.21
CA THR D 292 -24.25 -41.68 50.72
C THR D 292 -25.00 -40.45 50.25
N GLU D 293 -25.13 -40.28 48.94
CA GLU D 293 -25.95 -39.21 48.41
C GLU D 293 -27.42 -39.56 48.62
N ILE D 294 -28.11 -38.78 49.44
CA ILE D 294 -29.53 -39.05 49.72
C ILE D 294 -30.42 -38.47 48.62
N THR D 295 -30.32 -37.17 48.36
CA THR D 295 -31.27 -36.50 47.48
C THR D 295 -30.63 -35.24 46.91
N THR D 296 -31.28 -34.67 45.90
CA THR D 296 -30.85 -33.45 45.24
C THR D 296 -31.85 -32.33 45.52
N LYS D 297 -31.39 -31.09 45.29
CA LYS D 297 -32.26 -29.96 45.49
C LYS D 297 -33.41 -29.92 44.49
N ASN D 298 -33.25 -30.56 43.33
CA ASN D 298 -34.34 -30.62 42.36
C ASN D 298 -35.59 -31.21 42.98
N GLU D 299 -35.42 -32.24 43.80
CA GLU D 299 -36.53 -32.97 44.39
C GLU D 299 -37.21 -32.22 45.52
N ILE D 300 -36.70 -31.05 45.92
CA ILE D 300 -37.36 -30.26 46.94
C ILE D 300 -38.70 -29.76 46.39
N PHE D 301 -39.66 -29.57 47.28
CA PHE D 301 -40.93 -28.98 46.91
C PHE D 301 -41.62 -28.47 48.17
N SER D 302 -42.41 -27.43 48.00
CA SER D 302 -43.19 -26.86 49.09
C SER D 302 -44.54 -27.58 49.13
N LEU D 303 -44.73 -28.43 50.14
CA LEU D 303 -45.99 -29.16 50.25
C LEU D 303 -47.14 -28.24 50.63
N SER D 304 -46.97 -27.46 51.69
CA SER D 304 -47.91 -26.42 52.09
C SER D 304 -47.27 -25.04 51.91
N LEU D 305 -48.04 -24.01 52.28
CA LEU D 305 -47.52 -22.65 52.34
C LEU D 305 -46.47 -22.48 53.44
N CYS D 306 -46.41 -23.43 54.38
CA CYS D 306 -45.35 -23.43 55.40
C CYS D 306 -43.96 -23.30 54.79
N GLY D 307 -43.74 -23.94 53.63
CA GLY D 307 -42.46 -23.89 52.97
C GLY D 307 -41.96 -25.28 52.66
N PRO D 308 -40.78 -25.38 52.05
CA PRO D 308 -40.14 -26.70 51.93
C PRO D 308 -39.51 -27.14 53.24
N MET D 309 -38.74 -26.25 53.85
CA MET D 309 -38.12 -26.54 55.14
C MET D 309 -38.85 -25.77 56.23
N ALA D 310 -39.10 -26.45 57.34
CA ALA D 310 -39.82 -25.87 58.47
C ALA D 310 -39.47 -26.64 59.73
N ALA D 311 -39.81 -26.07 60.88
CA ALA D 311 -39.55 -26.69 62.16
C ALA D 311 -40.84 -27.26 62.74
N TYR D 312 -40.86 -28.58 62.94
CA TYR D 312 -42.00 -29.26 63.52
C TYR D 312 -41.58 -29.90 64.85
N VAL D 313 -42.56 -30.13 65.70
CA VAL D 313 -42.30 -30.73 67.01
C VAL D 313 -42.97 -32.10 67.07
N ASN D 314 -42.35 -33.02 67.81
CA ASN D 314 -42.88 -34.35 68.05
C ASN D 314 -43.50 -34.42 69.44
N PRO D 315 -44.14 -35.53 69.80
CA PRO D 315 -44.87 -35.56 71.07
C PRO D 315 -43.99 -35.59 72.32
N HIS D 316 -42.67 -35.61 72.19
CA HIS D 316 -41.80 -35.64 73.36
C HIS D 316 -40.98 -34.37 73.54
N GLY D 317 -41.28 -33.32 72.78
CA GLY D 317 -40.56 -32.06 72.86
C GLY D 317 -39.36 -31.92 71.96
N TYR D 318 -39.11 -32.88 71.07
CA TYR D 318 -37.99 -32.78 70.14
C TYR D 318 -38.41 -31.99 68.90
N VAL D 319 -37.59 -31.03 68.50
CA VAL D 319 -37.91 -30.16 67.38
C VAL D 319 -37.03 -30.56 66.20
N HIS D 320 -37.64 -30.65 65.01
CA HIS D 320 -36.98 -31.10 63.81
C HIS D 320 -37.15 -30.06 62.71
N GLU D 321 -36.05 -29.61 62.14
CA GLU D 321 -36.08 -28.79 60.94
C GLU D 321 -36.24 -29.73 59.74
N THR D 322 -37.43 -29.79 59.18
CA THR D 322 -37.77 -30.82 58.20
C THR D 322 -37.87 -30.26 56.79
N LEU D 323 -37.20 -30.92 55.86
CA LEU D 323 -37.20 -30.60 54.44
C LEU D 323 -38.05 -31.61 53.70
N THR D 324 -38.95 -31.15 52.83
CA THR D 324 -39.82 -32.02 52.04
C THR D 324 -39.23 -32.20 50.65
N VAL D 325 -39.03 -33.46 50.22
CA VAL D 325 -38.51 -33.78 48.90
C VAL D 325 -39.36 -34.88 48.26
N TYR D 326 -39.44 -34.84 46.92
CA TYR D 326 -40.24 -35.83 46.19
C TYR D 326 -39.63 -37.21 46.28
N LYS D 327 -38.31 -37.30 46.14
CA LYS D 327 -37.62 -38.58 46.03
C LYS D 327 -36.28 -38.50 46.76
N ALA D 328 -35.95 -39.59 47.45
CA ALA D 328 -34.67 -39.77 48.13
C ALA D 328 -34.34 -41.25 48.06
N CYS D 329 -33.06 -41.58 48.20
CA CYS D 329 -32.66 -42.97 48.07
C CYS D 329 -31.57 -43.26 49.08
N ASN D 330 -31.07 -44.49 49.05
CA ASN D 330 -30.06 -44.96 50.00
C ASN D 330 -30.56 -44.81 51.44
N LEU D 331 -31.79 -45.23 51.66
CA LEU D 331 -32.39 -45.23 52.99
C LEU D 331 -33.08 -46.56 53.24
N ASN D 332 -33.07 -47.00 54.49
CA ASN D 332 -33.83 -48.15 54.94
C ASN D 332 -34.94 -47.68 55.85
N LEU D 333 -36.06 -48.40 55.80
CA LEU D 333 -37.20 -48.08 56.65
C LEU D 333 -37.16 -48.92 57.92
N ILE D 334 -37.68 -48.33 59.00
CA ILE D 334 -37.71 -48.95 60.32
C ILE D 334 -39.15 -48.92 60.82
N GLY D 335 -39.64 -50.07 61.28
CA GLY D 335 -40.99 -50.16 61.79
C GLY D 335 -42.02 -50.09 60.68
N ARG D 336 -43.28 -50.07 61.09
CA ARG D 336 -44.39 -49.92 60.17
C ARG D 336 -44.86 -48.49 60.14
N PRO D 337 -45.56 -48.07 59.08
CA PRO D 337 -46.08 -46.70 59.05
C PRO D 337 -47.11 -46.45 60.13
N SER D 338 -47.14 -45.20 60.61
CA SER D 338 -48.08 -44.75 61.63
C SER D 338 -48.57 -43.36 61.28
N THR D 339 -49.86 -43.14 61.47
CA THR D 339 -50.44 -41.80 61.31
C THR D 339 -50.38 -41.00 62.59
N GLU D 340 -49.84 -41.57 63.67
CA GLU D 340 -49.88 -40.93 64.97
C GLU D 340 -49.02 -39.68 64.99
N HIS D 341 -49.65 -38.54 65.24
CA HIS D 341 -48.95 -37.27 65.38
C HIS D 341 -48.19 -36.93 64.11
N SER D 342 -48.80 -37.25 62.96
CA SER D 342 -48.20 -36.95 61.66
C SER D 342 -48.22 -35.44 61.41
N TRP D 343 -47.09 -34.91 60.94
CA TRP D 343 -46.99 -33.49 60.60
C TRP D 343 -47.68 -33.13 59.30
N PHE D 344 -48.07 -34.10 58.48
CA PHE D 344 -48.75 -33.83 57.22
C PHE D 344 -49.95 -34.75 57.12
N PRO D 345 -51.11 -34.31 57.63
CA PRO D 345 -52.30 -35.18 57.69
C PRO D 345 -52.65 -35.78 56.34
N GLY D 346 -53.15 -37.02 56.38
CA GLY D 346 -53.35 -37.82 55.20
C GLY D 346 -52.16 -38.68 54.84
N TYR D 347 -51.04 -38.51 55.55
CA TYR D 347 -49.82 -39.27 55.32
C TYR D 347 -49.41 -39.98 56.60
N ALA D 348 -48.79 -41.13 56.41
CA ALA D 348 -48.26 -41.96 57.49
C ALA D 348 -46.74 -41.99 57.37
N TRP D 349 -46.07 -41.77 58.49
CA TRP D 349 -44.62 -41.69 58.51
C TRP D 349 -44.01 -43.05 58.78
N THR D 350 -42.87 -43.30 58.16
CA THR D 350 -42.05 -44.47 58.44
C THR D 350 -40.62 -43.99 58.62
N VAL D 351 -40.04 -44.25 59.79
CA VAL D 351 -38.68 -43.81 60.07
C VAL D 351 -37.70 -44.33 59.04
N ALA D 352 -36.82 -43.45 58.56
CA ALA D 352 -35.86 -43.78 57.51
C ALA D 352 -34.45 -43.46 57.97
N GLN D 353 -33.50 -44.35 57.69
CA GLN D 353 -32.14 -44.17 58.18
C GLN D 353 -31.14 -44.52 57.07
N CYS D 354 -29.90 -44.03 57.26
CA CYS D 354 -28.86 -44.21 56.26
C CYS D 354 -28.53 -45.68 56.05
N LYS D 355 -28.32 -46.04 54.79
CA LYS D 355 -27.95 -47.40 54.45
C LYS D 355 -26.59 -47.79 55.04
N ILE D 356 -25.66 -46.84 55.17
CA ILE D 356 -24.25 -47.16 55.47
C ILE D 356 -23.93 -47.07 56.97
N CYS D 357 -24.32 -45.99 57.65
CA CYS D 357 -24.01 -45.83 59.09
C CYS D 357 -25.23 -45.98 59.97
N ALA D 358 -26.43 -46.11 59.38
CA ALA D 358 -27.68 -46.31 60.09
C ALA D 358 -28.05 -45.12 60.97
N SER D 359 -27.44 -43.96 60.72
CA SER D 359 -27.88 -42.73 61.38
C SER D 359 -29.24 -42.29 60.84
N HIS D 360 -30.02 -41.66 61.71
CA HIS D 360 -31.37 -41.23 61.35
C HIS D 360 -31.32 -40.07 60.36
N ILE D 361 -32.06 -40.21 59.25
CA ILE D 361 -32.15 -39.16 58.25
C ILE D 361 -33.52 -38.48 58.25
N GLY D 362 -34.58 -39.19 58.61
CA GLY D 362 -35.90 -38.60 58.61
C GLY D 362 -37.03 -39.61 58.58
N TRP D 363 -38.03 -39.37 57.73
CA TRP D 363 -39.22 -40.20 57.64
C TRP D 363 -39.68 -40.27 56.19
N LYS D 364 -40.28 -41.39 55.84
CA LYS D 364 -40.97 -41.55 54.55
C LYS D 364 -42.46 -41.38 54.79
N PHE D 365 -43.06 -40.44 54.08
CA PHE D 365 -44.49 -40.18 54.20
C PHE D 365 -45.21 -40.83 53.03
N THR D 366 -46.18 -41.68 53.35
CA THR D 366 -46.98 -42.39 52.36
C THR D 366 -48.45 -42.06 52.55
N ALA D 367 -49.14 -41.82 51.44
CA ALA D 367 -50.54 -41.42 51.47
C ALA D 367 -51.42 -42.54 51.99
N THR D 368 -52.50 -42.15 52.68
CA THR D 368 -53.47 -43.13 53.15
C THR D 368 -54.51 -43.46 52.07
N LYS D 369 -54.90 -42.45 51.28
CA LYS D 369 -55.91 -42.60 50.25
C LYS D 369 -55.30 -42.43 48.86
N LYS D 370 -56.08 -42.78 47.84
CA LYS D 370 -55.57 -42.74 46.48
C LYS D 370 -55.64 -41.34 45.88
N ASP D 371 -56.48 -40.47 46.42
CA ASP D 371 -56.67 -39.10 45.94
C ASP D 371 -55.61 -38.12 46.46
N MET D 372 -54.52 -38.59 47.05
CA MET D 372 -53.48 -37.70 47.57
C MET D 372 -52.46 -37.34 46.49
N SER D 373 -52.08 -36.05 46.45
CA SER D 373 -51.40 -35.50 45.27
C SER D 373 -50.02 -36.11 45.00
N PRO D 374 -48.99 -35.98 45.86
CA PRO D 374 -47.74 -36.68 45.54
C PRO D 374 -47.81 -38.18 45.82
N GLN D 375 -48.71 -38.58 46.74
CA GLN D 375 -48.95 -39.98 47.10
C GLN D 375 -47.82 -40.54 47.98
N LYS D 376 -46.57 -40.26 47.60
CA LYS D 376 -45.43 -40.60 48.43
C LYS D 376 -44.37 -39.50 48.30
N PHE D 377 -43.83 -39.07 49.45
CA PHE D 377 -42.73 -38.11 49.50
C PHE D 377 -41.94 -38.38 50.77
N TRP D 378 -40.88 -37.59 50.98
CA TRP D 378 -39.94 -37.79 52.09
C TRP D 378 -39.82 -36.51 52.90
N GLY D 379 -39.66 -36.68 54.20
CA GLY D 379 -39.37 -35.58 55.10
C GLY D 379 -38.04 -35.81 55.80
N LEU D 380 -36.99 -35.17 55.33
CA LEU D 380 -35.66 -35.33 55.88
C LEU D 380 -35.40 -34.23 56.91
N THR D 381 -34.79 -34.59 58.02
CA THR D 381 -34.46 -33.61 59.04
C THR D 381 -33.15 -32.91 58.67
N ARG D 382 -33.12 -31.58 58.81
CA ARG D 382 -32.03 -30.80 58.21
C ARG D 382 -30.69 -31.15 58.84
N SER D 383 -30.65 -31.27 60.17
CA SER D 383 -29.38 -31.47 60.86
C SER D 383 -28.64 -32.72 60.40
N ALA D 384 -29.32 -33.68 59.77
CA ALA D 384 -28.74 -34.94 59.33
C ALA D 384 -28.17 -34.89 57.92
N LEU D 385 -28.30 -33.78 57.21
CA LEU D 385 -27.82 -33.68 55.85
C LEU D 385 -26.62 -32.74 55.76
N LEU D 386 -25.91 -32.83 54.63
CA LEU D 386 -24.74 -32.03 54.37
C LEU D 386 -24.65 -31.92 52.85
N PRO D 387 -24.53 -30.70 52.31
CA PRO D 387 -24.52 -30.55 50.85
C PRO D 387 -23.20 -31.02 50.25
N THR D 388 -23.28 -31.69 49.11
CA THR D 388 -22.10 -32.22 48.44
C THR D 388 -22.35 -32.23 46.94
N ILE D 389 -21.27 -32.35 46.18
CA ILE D 389 -21.34 -32.40 44.72
C ILE D 389 -21.96 -33.74 44.30
N PRO D 390 -22.92 -33.74 43.36
CA PRO D 390 -23.42 -35.02 42.85
C PRO D 390 -22.31 -35.80 42.20
N ASP D 391 -21.89 -36.92 42.79
CA ASP D 391 -20.85 -37.73 42.16
C ASP D 391 -21.47 -38.60 41.08
N THR D 392 -20.69 -38.86 40.03
CA THR D 392 -21.08 -39.80 38.99
C THR D 392 -20.15 -41.00 39.14
N GLU D 393 -20.44 -41.81 40.15
CA GLU D 393 -19.77 -43.09 40.31
C GLU D 393 -20.14 -44.08 39.20
N ASP D 394 -21.28 -43.88 38.53
CA ASP D 394 -21.61 -44.63 37.32
C ASP D 394 -20.67 -44.21 36.19
N GLU D 395 -19.73 -45.09 35.85
CA GLU D 395 -18.70 -44.78 34.84
C GLU D 395 -19.21 -44.94 33.40
N ILE D 396 -20.54 -45.02 33.20
CA ILE D 396 -21.11 -45.08 31.85
C ILE D 396 -21.04 -43.70 31.20
N SER D 397 -21.29 -42.64 31.97
CA SER D 397 -21.17 -41.26 31.51
C SER D 397 -20.29 -40.51 32.50
N PRO D 398 -18.92 -40.71 32.44
CA PRO D 398 -18.00 -40.01 33.36
C PRO D 398 -17.48 -38.68 32.80
N ASP D 399 -18.36 -37.68 32.85
CA ASP D 399 -18.06 -36.34 32.35
C ASP D 399 -17.13 -35.59 33.31
N LYS D 400 -16.02 -35.05 32.77
CA LYS D 400 -14.98 -34.46 33.61
C LYS D 400 -15.45 -33.16 34.27
N VAL D 401 -15.11 -33.00 35.55
CA VAL D 401 -15.49 -31.81 36.33
C VAL D 401 -14.55 -30.66 35.98
N ILE D 402 -15.12 -29.57 35.51
CA ILE D 402 -14.36 -28.38 35.10
C ILE D 402 -14.52 -27.31 36.17
N LEU D 403 -13.42 -26.97 36.86
CA LEU D 403 -13.44 -25.91 37.85
C LEU D 403 -13.03 -24.58 37.21
N CYS D 404 -13.59 -23.49 37.72
CA CYS D 404 -13.48 -22.16 37.12
C CYS D 404 -12.55 -21.25 37.93
N LEU D 405 -11.78 -20.41 37.23
CA LEU D 405 -10.90 -19.40 37.84
C LEU D 405 -11.15 -17.98 37.27
N MET E 1 13.15 -16.44 21.91
CA MET E 1 12.51 -17.27 20.89
C MET E 1 11.57 -16.44 19.98
N SER E 2 10.96 -15.38 20.50
CA SER E 2 10.34 -14.36 19.65
C SER E 2 11.21 -13.11 19.73
N TYR E 3 11.41 -12.48 18.58
CA TYR E 3 12.22 -11.25 18.46
C TYR E 3 11.33 -10.13 17.94
N ASN E 4 10.96 -9.19 18.80
CA ASN E 4 10.01 -8.15 18.47
C ASN E 4 10.60 -6.76 18.67
N TYR E 5 10.04 -5.81 17.94
CA TYR E 5 10.46 -4.42 17.95
C TYR E 5 9.23 -3.60 18.30
N VAL E 6 9.38 -2.67 19.26
CA VAL E 6 8.25 -1.88 19.74
C VAL E 6 8.66 -0.40 19.74
N VAL E 7 7.84 0.42 19.11
CA VAL E 7 8.15 1.83 18.86
C VAL E 7 6.90 2.66 19.09
N THR E 8 7.10 3.92 19.47
CA THR E 8 5.98 4.82 19.72
C THR E 8 5.53 5.46 18.42
N ALA E 9 4.24 5.37 18.12
CA ALA E 9 3.64 6.07 17.00
C ALA E 9 3.07 7.42 17.40
N GLN E 10 2.57 7.53 18.63
CA GLN E 10 2.01 8.76 19.17
C GLN E 10 2.38 8.83 20.64
N LYS E 11 3.03 9.92 21.06
CA LYS E 11 3.40 10.02 22.45
C LYS E 11 2.14 10.07 23.33
N PRO E 12 2.29 9.83 24.63
CA PRO E 12 1.13 9.98 25.53
C PRO E 12 0.60 11.40 25.51
N THR E 13 -0.71 11.51 25.26
CA THR E 13 -1.39 12.80 25.15
C THR E 13 -2.07 13.26 26.43
N ALA E 14 -2.43 12.36 27.35
CA ALA E 14 -3.14 12.75 28.56
C ALA E 14 -2.20 13.37 29.60
N VAL E 15 -2.69 14.43 30.25
CA VAL E 15 -1.95 15.19 31.25
C VAL E 15 -2.19 14.60 32.63
N ASN E 16 -1.12 14.28 33.34
CA ASN E 16 -1.27 13.80 34.71
C ASN E 16 -0.54 14.66 35.72
N GLY E 17 -0.10 15.84 35.33
CA GLY E 17 0.51 16.77 36.27
C GLY E 17 0.85 18.08 35.58
N CYS E 18 0.96 19.13 36.41
CA CYS E 18 1.42 20.41 35.91
C CYS E 18 1.69 21.37 37.08
N VAL E 19 2.78 22.13 36.98
CA VAL E 19 3.16 23.13 37.97
C VAL E 19 3.74 24.36 37.26
N THR E 20 3.69 25.50 37.95
CA THR E 20 4.29 26.74 37.47
C THR E 20 5.44 27.18 38.38
N GLY E 21 6.27 28.06 37.83
CA GLY E 21 7.42 28.55 38.57
C GLY E 21 8.39 29.25 37.64
N HIS E 22 9.61 29.45 38.15
CA HIS E 22 10.67 30.13 37.40
C HIS E 22 11.82 29.14 37.27
N PHE E 23 11.75 28.30 36.25
CA PHE E 23 12.68 27.21 36.04
C PHE E 23 13.72 27.50 34.96
N THR E 24 13.31 28.14 33.85
CA THR E 24 14.26 28.48 32.79
C THR E 24 15.18 29.63 33.20
N SER E 25 14.60 30.73 33.65
CA SER E 25 15.35 31.82 34.27
C SER E 25 14.46 32.42 35.36
N ALA E 26 15.09 33.09 36.31
CA ALA E 26 14.35 33.65 37.43
C ALA E 26 13.26 34.62 37.00
N GLU E 27 13.35 35.20 35.80
CA GLU E 27 12.44 36.26 35.37
C GLU E 27 11.15 35.72 34.76
N ASP E 28 11.24 35.11 33.58
CA ASP E 28 10.05 34.64 32.88
C ASP E 28 9.36 33.51 33.67
N LEU E 29 8.06 33.36 33.42
CA LEU E 29 7.21 32.39 34.11
C LEU E 29 7.06 31.12 33.26
N ASN E 30 7.34 29.97 33.87
CA ASN E 30 7.29 28.69 33.19
C ASN E 30 6.00 27.93 33.50
N LEU E 31 5.65 27.02 32.59
CA LEU E 31 4.61 26.02 32.83
C LEU E 31 5.20 24.66 32.47
N LEU E 32 5.17 23.72 33.42
CA LEU E 32 5.73 22.38 33.25
C LEU E 32 4.61 21.36 33.30
N ILE E 33 4.49 20.55 32.26
CA ILE E 33 3.43 19.54 32.14
C ILE E 33 4.06 18.16 32.08
N ALA E 34 3.49 17.22 32.83
CA ALA E 34 3.94 15.82 32.82
C ALA E 34 2.91 15.01 32.05
N LYS E 35 3.34 14.35 30.98
CA LYS E 35 2.51 13.45 30.20
C LYS E 35 3.11 12.05 30.26
N ASN E 36 2.94 11.41 31.40
CA ASN E 36 3.47 10.08 31.69
C ASN E 36 4.99 10.08 31.64
N THR E 37 5.59 9.65 30.53
CA THR E 37 7.05 9.65 30.43
C THR E 37 7.62 10.94 29.87
N ARG E 38 6.77 11.82 29.36
CA ARG E 38 7.17 13.07 28.73
C ARG E 38 7.07 14.24 29.71
N LEU E 39 7.91 15.25 29.48
CA LEU E 39 7.90 16.49 30.28
C LEU E 39 8.00 17.67 29.33
N GLU E 40 6.99 18.54 29.34
CA GLU E 40 6.94 19.70 28.46
C GLU E 40 7.16 20.97 29.26
N ILE E 41 8.06 21.84 28.78
CA ILE E 41 8.37 23.12 29.43
C ILE E 41 7.95 24.25 28.49
N TYR E 42 7.16 25.18 29.01
CA TYR E 42 6.69 26.34 28.27
C TYR E 42 7.13 27.60 28.98
N VAL E 43 6.91 28.75 28.32
CA VAL E 43 7.02 30.05 28.97
C VAL E 43 5.70 30.77 28.78
N VAL E 44 5.17 31.31 29.88
CA VAL E 44 3.88 31.99 29.86
C VAL E 44 4.09 33.38 29.27
N THR E 45 3.68 33.55 28.02
CA THR E 45 3.68 34.85 27.38
C THR E 45 2.33 35.50 27.57
N ALA E 46 2.22 36.75 27.12
CA ALA E 46 0.92 37.39 27.12
C ALA E 46 0.02 36.84 26.01
N GLU E 47 0.61 36.26 24.97
CA GLU E 47 -0.18 35.73 23.85
C GLU E 47 -0.83 34.40 24.23
N GLY E 48 0.00 33.41 24.56
CA GLY E 48 -0.47 32.08 24.92
C GLY E 48 0.60 31.31 25.64
N LEU E 49 1.03 30.20 25.05
CA LEU E 49 2.13 29.40 25.60
C LEU E 49 3.20 29.26 24.52
N ARG E 50 4.43 29.66 24.86
CA ARG E 50 5.57 29.53 23.97
C ARG E 50 6.33 28.26 24.32
N PRO E 51 6.29 27.21 23.49
CA PRO E 51 7.03 25.99 23.82
C PRO E 51 8.53 26.22 23.78
N VAL E 52 9.23 25.61 24.74
CA VAL E 52 10.64 25.86 25.00
C VAL E 52 11.47 24.58 24.89
N LYS E 53 11.01 23.51 25.51
CA LYS E 53 11.78 22.27 25.58
C LYS E 53 10.81 21.15 25.86
N GLU E 54 11.17 19.94 25.41
CA GLU E 54 10.37 18.75 25.66
C GLU E 54 11.34 17.58 25.80
N VAL E 55 11.31 16.91 26.95
CA VAL E 55 12.22 15.81 27.23
C VAL E 55 11.41 14.60 27.66
N GLY E 56 11.97 13.42 27.44
CA GLY E 56 11.38 12.18 27.89
C GLY E 56 12.27 11.58 28.95
N MET E 57 11.67 10.81 29.85
CA MET E 57 12.40 10.16 30.91
C MET E 57 12.26 8.65 30.78
N TYR E 58 13.18 7.96 31.46
CA TYR E 58 13.13 6.50 31.57
C TYR E 58 12.33 6.08 32.79
N GLY E 59 11.11 6.59 32.86
CA GLY E 59 10.25 6.35 34.02
C GLY E 59 8.96 7.12 33.85
N LYS E 60 7.94 6.62 34.54
CA LYS E 60 6.64 7.29 34.62
C LYS E 60 6.67 8.34 35.72
N ILE E 61 6.45 9.60 35.36
CA ILE E 61 6.57 10.71 36.29
C ILE E 61 5.44 10.62 37.32
N ALA E 62 5.80 10.35 38.58
CA ALA E 62 4.90 10.21 39.71
C ALA E 62 4.82 11.44 40.60
N VAL E 63 5.94 12.13 40.81
CA VAL E 63 5.97 13.38 41.58
C VAL E 63 6.69 14.42 40.75
N MET E 64 6.17 15.64 40.75
CA MET E 64 6.82 16.72 40.01
C MET E 64 6.57 18.01 40.76
N GLU E 65 7.59 18.51 41.44
CA GLU E 65 7.45 19.68 42.28
C GLU E 65 8.64 20.61 42.09
N LEU E 66 8.36 21.90 41.93
CA LEU E 66 9.40 22.91 41.85
C LEU E 66 9.70 23.48 43.23
N PHE E 67 10.90 24.04 43.37
CA PHE E 67 11.38 24.58 44.65
C PHE E 67 12.68 25.33 44.41
N ARG E 68 12.91 26.38 45.20
CA ARG E 68 14.13 27.19 45.12
C ARG E 68 14.86 27.15 46.45
N PRO E 69 15.93 26.36 46.57
CA PRO E 69 16.71 26.33 47.82
C PRO E 69 17.38 27.67 48.08
N LYS E 70 17.97 27.81 49.26
CA LYS E 70 18.60 29.08 49.60
C LYS E 70 19.86 29.29 48.74
N GLY E 71 19.99 30.47 48.16
CA GLY E 71 21.13 30.78 47.32
C GLY E 71 21.06 30.19 45.93
N GLU E 72 19.92 30.35 45.26
CA GLU E 72 19.71 29.81 43.92
C GLU E 72 19.03 30.87 43.07
N SER E 73 19.51 31.02 41.83
CA SER E 73 18.97 32.02 40.91
C SER E 73 17.57 31.65 40.45
N LYS E 74 17.38 30.40 40.03
CA LYS E 74 16.08 29.95 39.54
C LYS E 74 15.72 28.66 40.26
N ASP E 75 14.45 28.27 40.07
CA ASP E 75 13.91 27.07 40.68
C ASP E 75 14.53 25.82 40.08
N LEU E 76 14.60 24.78 40.91
CA LEU E 76 15.01 23.45 40.51
C LEU E 76 13.79 22.54 40.48
N LEU E 77 13.89 21.47 39.72
CA LEU E 77 12.77 20.55 39.54
C LEU E 77 13.11 19.21 40.17
N PHE E 78 12.23 18.73 41.07
CA PHE E 78 12.35 17.41 41.68
C PHE E 78 11.36 16.48 41.01
N ILE E 79 11.82 15.30 40.59
CA ILE E 79 10.99 14.30 39.93
C ILE E 79 11.23 12.94 40.57
N LEU E 80 10.15 12.18 40.74
CA LEU E 80 10.19 10.83 41.28
C LEU E 80 9.38 9.94 40.35
N THR E 81 10.00 8.89 39.81
CA THR E 81 9.25 8.02 38.91
C THR E 81 8.52 6.94 39.71
N ALA E 82 7.62 6.24 39.01
CA ALA E 82 6.85 5.18 39.66
C ALA E 82 7.76 4.05 40.14
N LYS E 83 8.88 3.83 39.48
CA LYS E 83 9.87 2.85 39.91
C LYS E 83 10.79 3.41 41.00
N TYR E 84 10.42 4.56 41.56
CA TYR E 84 11.10 5.17 42.70
C TYR E 84 12.46 5.73 42.34
N ASN E 85 12.62 6.28 41.13
CA ASN E 85 13.83 7.03 40.80
C ASN E 85 13.61 8.48 41.22
N ALA E 86 14.49 9.00 42.07
CA ALA E 86 14.43 10.40 42.43
C ALA E 86 15.56 11.15 41.74
N CYS E 87 15.36 12.44 41.57
CA CYS E 87 16.36 13.31 40.94
C CYS E 87 15.93 14.76 41.11
N ILE E 88 16.91 15.66 41.08
CA ILE E 88 16.65 17.10 41.03
C ILE E 88 17.31 17.62 39.77
N LEU E 89 16.54 18.34 38.95
CA LEU E 89 16.94 18.73 37.61
C LEU E 89 17.00 20.24 37.50
N GLU E 90 17.97 20.72 36.72
CA GLU E 90 18.21 22.16 36.48
C GLU E 90 18.22 22.46 34.99
N TYR E 91 17.53 23.54 34.62
CA TYR E 91 17.50 24.02 33.24
C TYR E 91 18.77 24.83 32.98
N LYS E 92 19.54 24.44 31.95
CA LYS E 92 20.78 25.14 31.62
C LYS E 92 20.81 25.42 30.12
N GLN E 93 20.94 26.69 29.75
CA GLN E 93 21.03 27.14 28.37
C GLN E 93 22.33 27.92 28.19
N SER E 94 23.05 27.59 27.12
CA SER E 94 24.31 28.25 26.74
C SER E 94 24.15 28.77 25.32
N GLY E 95 23.65 30.00 25.19
CA GLY E 95 23.29 30.53 23.91
C GLY E 95 22.05 29.87 23.32
N GLU E 96 22.25 28.77 22.59
CA GLU E 96 21.18 28.05 21.91
C GLU E 96 21.23 26.55 22.18
N SER E 97 21.99 26.12 23.18
CA SER E 97 22.07 24.71 23.55
C SER E 97 21.33 24.52 24.88
N ILE E 98 20.18 23.85 24.83
CA ILE E 98 19.35 23.60 26.01
C ILE E 98 19.60 22.19 26.52
N ASP E 99 19.87 22.06 27.82
CA ASP E 99 20.13 20.75 28.42
C ASP E 99 19.59 20.72 29.84
N ILE E 100 18.97 19.60 30.22
CA ILE E 100 18.41 19.41 31.55
C ILE E 100 19.39 18.52 32.30
N ILE E 101 20.16 19.12 33.19
CA ILE E 101 21.23 18.43 33.91
C ILE E 101 20.70 17.85 35.21
N THR E 102 21.28 16.74 35.63
CA THR E 102 20.86 16.05 36.84
C THR E 102 21.76 16.48 38.00
N ARG E 103 21.24 17.39 38.83
CA ARG E 103 22.00 17.88 39.98
C ARG E 103 22.25 16.77 41.00
N ALA E 104 21.22 15.97 41.29
CA ALA E 104 21.33 14.85 42.21
C ALA E 104 20.32 13.81 41.78
N HIS E 105 20.60 12.54 42.11
CA HIS E 105 19.72 11.46 41.72
C HIS E 105 19.88 10.30 42.69
N GLY E 106 19.07 9.27 42.49
CA GLY E 106 19.09 8.09 43.33
C GLY E 106 17.76 7.39 43.28
N ASN E 107 17.77 6.13 43.69
CA ASN E 107 16.55 5.35 43.84
C ASN E 107 16.20 5.26 45.33
N VAL E 108 14.94 5.51 45.66
CA VAL E 108 14.50 5.62 47.06
C VAL E 108 13.60 4.45 47.45
N GLN E 109 13.62 3.36 46.70
CA GLN E 109 12.79 2.21 47.04
C GLN E 109 13.28 1.58 48.32
N ASP E 110 12.35 0.98 49.06
CA ASP E 110 12.61 0.16 50.23
C ASP E 110 12.17 -1.26 49.93
N ARG E 111 13.05 -2.23 50.17
CA ARG E 111 12.60 -3.61 50.21
C ARG E 111 11.65 -3.77 51.39
N ILE E 112 10.52 -4.42 51.13
CA ILE E 112 9.34 -4.58 51.99
C ILE E 112 8.73 -3.21 52.27
N GLY E 113 7.41 -3.16 52.24
CA GLY E 113 6.67 -1.93 52.45
C GLY E 113 5.44 -1.98 51.58
N ARG E 114 4.26 -1.78 52.16
CA ARG E 114 3.02 -1.90 51.41
C ARG E 114 2.74 -0.57 50.71
N PRO E 115 2.71 -0.54 49.38
CA PRO E 115 2.37 0.71 48.68
C PRO E 115 1.01 1.20 49.11
N SER E 116 0.95 2.48 49.49
CA SER E 116 -0.26 3.03 50.10
C SER E 116 -1.43 3.04 49.14
N GLU E 117 -2.64 2.99 49.71
CA GLU E 117 -3.84 3.07 48.89
C GLU E 117 -3.88 4.36 48.09
N THR E 118 -3.34 5.44 48.65
CA THR E 118 -3.38 6.75 48.01
C THR E 118 -2.20 6.97 47.07
N GLY E 119 -1.33 6.00 46.93
CA GLY E 119 -0.22 6.14 46.01
C GLY E 119 0.87 7.01 46.57
N ILE E 120 1.85 7.30 45.71
CA ILE E 120 3.01 8.07 46.10
C ILE E 120 2.62 9.54 46.31
N ILE E 121 3.13 10.12 47.38
CA ILE E 121 2.94 11.54 47.68
C ILE E 121 4.31 12.17 47.88
N GLY E 122 4.56 13.28 47.19
CA GLY E 122 5.79 14.02 47.36
C GLY E 122 5.50 15.45 47.76
N ILE E 123 6.10 15.90 48.84
CA ILE E 123 5.89 17.25 49.37
C ILE E 123 7.25 17.84 49.74
N ILE E 124 7.44 19.13 49.45
CA ILE E 124 8.71 19.80 49.73
C ILE E 124 8.47 20.87 50.77
N ASP E 125 9.31 20.88 51.79
CA ASP E 125 9.22 21.87 52.84
C ASP E 125 9.34 23.27 52.24
N PRO E 126 8.49 24.22 52.66
CA PRO E 126 8.51 25.55 52.02
C PRO E 126 9.81 26.31 52.21
N GLU E 127 10.61 25.98 53.24
CA GLU E 127 11.96 26.51 53.41
C GLU E 127 12.99 25.69 52.65
N CYS E 128 12.54 24.68 51.89
CA CYS E 128 13.42 23.81 51.09
C CYS E 128 14.50 23.17 51.96
N ARG E 129 14.14 22.78 53.18
CA ARG E 129 15.06 22.04 54.05
C ARG E 129 15.08 20.54 53.76
N MET E 130 14.04 20.02 53.09
CA MET E 130 13.88 18.57 52.97
C MET E 130 12.78 18.26 51.96
N ILE E 131 12.74 17.01 51.55
CA ILE E 131 11.66 16.45 50.73
C ILE E 131 11.04 15.31 51.51
N GLY E 132 9.72 15.32 51.60
CA GLY E 132 8.97 14.25 52.26
C GLY E 132 8.29 13.39 51.22
N LEU E 133 8.36 12.08 51.43
CA LEU E 133 7.73 11.09 50.57
C LEU E 133 6.92 10.15 51.42
N ARG E 134 5.67 9.93 51.02
CA ARG E 134 4.83 8.90 51.62
C ARG E 134 4.71 7.81 50.55
N LEU E 135 5.54 6.78 50.66
CA LEU E 135 5.54 5.69 49.70
C LEU E 135 4.84 4.45 50.23
N TYR E 136 5.08 4.09 51.49
CA TYR E 136 4.50 2.91 52.08
C TYR E 136 3.73 3.28 53.34
N ASP E 137 2.68 2.50 53.60
CA ASP E 137 1.89 2.68 54.80
C ASP E 137 2.79 2.53 56.03
N GLY E 138 2.63 3.43 57.00
CA GLY E 138 3.38 3.34 58.23
C GLY E 138 4.79 3.92 58.20
N LEU E 139 5.25 4.45 57.07
CA LEU E 139 6.58 5.06 56.98
C LEU E 139 6.49 6.42 56.32
N PHE E 140 7.45 7.29 56.67
CA PHE E 140 7.60 8.60 56.05
C PHE E 140 9.08 8.80 55.71
N LYS E 141 9.40 8.73 54.42
CA LYS E 141 10.78 8.91 53.97
C LYS E 141 11.11 10.39 53.88
N VAL E 142 12.26 10.77 54.44
CA VAL E 142 12.69 12.15 54.46
C VAL E 142 14.04 12.23 53.79
N ILE E 143 14.13 13.01 52.71
CA ILE E 143 15.39 13.31 52.06
C ILE E 143 15.81 14.70 52.51
N PRO E 144 16.86 14.83 53.31
CA PRO E 144 17.31 16.16 53.74
C PRO E 144 18.05 16.86 52.60
N LEU E 145 17.72 18.12 52.38
CA LEU E 145 18.23 18.86 51.23
C LEU E 145 19.52 19.57 51.61
N ASP E 146 20.61 18.81 51.53
CA ASP E 146 21.97 19.30 51.69
C ASP E 146 22.68 19.21 50.36
N ARG E 147 23.54 20.19 50.08
CA ARG E 147 24.38 20.13 48.91
C ARG E 147 25.26 18.88 48.90
N ASP E 148 25.54 18.30 50.08
CA ASP E 148 26.33 17.06 50.14
C ASP E 148 25.55 15.88 49.58
N ASN E 149 24.25 15.84 49.85
CA ASN E 149 23.42 14.70 49.50
C ASN E 149 23.08 14.75 48.00
N LYS E 150 24.05 14.31 47.19
CA LYS E 150 23.85 14.19 45.76
C LYS E 150 23.34 12.81 45.35
N GLU E 151 23.44 11.81 46.23
CA GLU E 151 22.82 10.52 45.98
C GLU E 151 21.41 10.42 46.53
N LEU E 152 20.91 11.46 47.20
CA LEU E 152 19.58 11.49 47.80
C LEU E 152 19.40 10.34 48.80
N LYS E 153 20.32 10.29 49.76
CA LYS E 153 20.20 9.34 50.86
C LYS E 153 19.14 9.83 51.84
N ALA E 154 18.25 8.93 52.24
CA ALA E 154 17.10 9.31 53.05
C ALA E 154 16.93 8.30 54.18
N PHE E 155 16.12 8.70 55.16
CA PHE E 155 15.81 7.87 56.32
C PHE E 155 14.30 7.84 56.50
N ASN E 156 13.78 6.70 56.91
CA ASN E 156 12.36 6.60 57.18
C ASN E 156 12.06 6.95 58.64
N ILE E 157 10.83 7.39 58.89
CA ILE E 157 10.36 7.75 60.22
C ILE E 157 9.11 6.92 60.51
N ARG E 158 9.12 6.25 61.65
CA ARG E 158 7.96 5.53 62.14
C ARG E 158 6.73 6.44 62.09
N LEU E 159 5.67 5.97 61.45
CA LEU E 159 4.43 6.73 61.33
C LEU E 159 3.30 5.87 61.86
N GLU E 160 2.81 6.21 63.06
CA GLU E 160 1.83 5.37 63.75
C GLU E 160 0.51 5.27 62.98
N GLU E 161 0.15 6.30 62.23
CA GLU E 161 -1.09 6.30 61.45
C GLU E 161 -0.82 5.60 60.12
N LEU E 162 -1.59 4.55 59.83
CA LEU E 162 -1.29 3.74 58.66
C LEU E 162 -1.92 4.30 57.39
N HIS E 163 -3.23 4.54 57.41
CA HIS E 163 -3.95 4.95 56.19
C HIS E 163 -4.04 6.47 56.09
N VAL E 164 -2.95 7.06 55.59
CA VAL E 164 -2.91 8.49 55.33
C VAL E 164 -3.47 8.74 53.93
N ILE E 165 -4.35 9.73 53.82
CA ILE E 165 -5.04 10.04 52.57
C ILE E 165 -4.38 11.19 51.82
N ASP E 166 -3.96 12.25 52.50
CA ASP E 166 -3.21 13.32 51.83
C ASP E 166 -2.36 14.00 52.89
N VAL E 167 -1.25 14.60 52.46
CA VAL E 167 -0.32 15.24 53.37
C VAL E 167 0.35 16.40 52.63
N LYS E 168 0.59 17.48 53.37
CA LYS E 168 1.27 18.67 52.85
C LYS E 168 2.22 19.20 53.92
N PHE E 169 3.10 20.11 53.51
CA PHE E 169 3.96 20.82 54.44
C PHE E 169 3.31 22.17 54.77
N LEU E 170 3.28 22.52 56.05
CA LEU E 170 2.61 23.73 56.49
C LEU E 170 3.54 24.94 56.39
N TYR E 171 2.94 26.09 56.14
CA TYR E 171 3.67 27.34 56.05
C TYR E 171 3.73 28.04 57.40
N GLY E 172 4.80 28.80 57.60
CA GLY E 172 4.93 29.62 58.80
C GLY E 172 5.05 28.85 60.09
N CYS E 173 5.74 27.71 60.07
CA CYS E 173 5.95 26.90 61.26
C CYS E 173 7.40 26.97 61.71
N GLN E 174 7.58 26.90 63.03
CA GLN E 174 8.90 27.05 63.63
C GLN E 174 9.88 26.02 63.06
N ALA E 175 9.52 24.75 63.15
CA ALA E 175 10.19 23.63 62.51
C ALA E 175 9.38 23.16 61.31
N PRO E 176 9.98 22.41 60.38
CA PRO E 176 9.19 21.85 59.28
C PRO E 176 8.07 20.98 59.83
N THR E 177 6.83 21.35 59.51
CA THR E 177 5.64 20.68 60.01
C THR E 177 4.79 20.13 58.87
N ILE E 178 4.32 18.90 59.05
CA ILE E 178 3.40 18.27 58.10
C ILE E 178 2.01 18.20 58.71
N CYS E 179 1.01 18.35 57.86
CA CYS E 179 -0.41 18.26 58.19
C CYS E 179 -1.04 17.24 57.27
N PHE E 180 -1.78 16.29 57.82
CA PHE E 180 -2.30 15.21 56.99
C PHE E 180 -3.65 14.72 57.49
N VAL E 181 -4.44 14.19 56.56
CA VAL E 181 -5.72 13.55 56.85
C VAL E 181 -5.56 12.04 56.77
N TYR E 182 -5.99 11.35 57.82
CA TYR E 182 -5.89 9.90 57.90
C TYR E 182 -7.22 9.33 58.34
N GLN E 183 -7.34 8.00 58.21
CA GLN E 183 -8.53 7.29 58.64
C GLN E 183 -8.17 6.13 59.56
N ASP E 184 -9.06 5.91 60.55
CA ASP E 184 -9.02 4.84 61.54
C ASP E 184 -10.46 4.44 61.80
N PRO E 185 -10.75 3.48 62.69
CA PRO E 185 -12.14 3.02 62.84
C PRO E 185 -13.17 4.09 63.23
N GLN E 186 -12.80 5.20 63.89
CA GLN E 186 -13.78 6.20 64.33
C GLN E 186 -14.10 7.26 63.28
N GLY E 187 -13.65 7.07 62.04
CA GLY E 187 -13.80 8.06 61.00
C GLY E 187 -12.47 8.61 60.54
N ARG E 188 -12.55 9.75 59.87
CA ARG E 188 -11.38 10.45 59.38
C ARG E 188 -11.02 11.59 60.32
N HIS E 189 -9.74 11.92 60.37
CA HIS E 189 -9.19 12.92 61.28
C HIS E 189 -8.03 13.60 60.59
N VAL E 190 -7.62 14.75 61.12
CA VAL E 190 -6.46 15.49 60.62
C VAL E 190 -5.50 15.77 61.78
N LYS E 191 -4.21 15.59 61.53
CA LYS E 191 -3.22 15.68 62.59
C LYS E 191 -1.95 16.35 62.06
N THR E 192 -1.14 16.87 62.96
CA THR E 192 0.12 17.50 62.57
C THR E 192 1.27 16.93 63.38
N TYR E 193 2.42 16.83 62.72
CA TYR E 193 3.67 16.42 63.34
C TYR E 193 4.74 17.41 62.91
N GLU E 194 5.66 17.69 63.82
CA GLU E 194 6.85 18.41 63.42
C GLU E 194 7.90 17.38 63.04
N VAL E 195 8.70 17.70 62.03
CA VAL E 195 9.74 16.81 61.54
C VAL E 195 11.08 17.33 62.05
N SER E 196 11.80 16.51 62.79
CA SER E 196 13.08 16.90 63.37
C SER E 196 14.20 16.27 62.56
N LEU E 197 14.98 17.10 61.86
CA LEU E 197 16.15 16.59 61.15
C LEU E 197 17.25 16.20 62.12
N ARG E 198 17.31 16.87 63.27
CA ARG E 198 18.32 16.55 64.27
C ARG E 198 18.06 15.18 64.90
N GLU E 199 16.89 15.00 65.53
CA GLU E 199 16.53 13.73 66.15
C GLU E 199 16.20 12.64 65.12
N LYS E 200 15.97 13.02 63.85
CA LYS E 200 15.48 12.11 62.81
C LYS E 200 14.18 11.43 63.25
N GLU E 201 13.26 12.20 63.82
CA GLU E 201 12.03 11.67 64.39
C GLU E 201 10.94 12.72 64.33
N PHE E 202 9.73 12.33 64.73
CA PHE E 202 8.62 13.26 64.88
C PHE E 202 8.52 13.75 66.32
N ASN E 203 8.01 14.97 66.45
CA ASN E 203 7.65 15.58 67.73
C ASN E 203 6.21 16.06 67.64
N LYS E 204 5.65 16.49 68.76
CA LYS E 204 4.28 16.99 68.77
C LYS E 204 4.15 18.19 67.84
N GLY E 205 3.08 18.20 67.05
CA GLY E 205 2.84 19.26 66.11
C GLY E 205 2.27 20.50 66.76
N PRO E 206 1.95 21.49 65.92
CA PRO E 206 1.41 22.76 66.45
C PRO E 206 0.03 22.63 67.06
N TRP E 207 -0.86 21.85 66.45
CA TRP E 207 -2.24 21.73 66.92
C TRP E 207 -2.74 20.30 66.74
N LYS E 208 -3.17 19.68 67.85
CA LYS E 208 -3.46 18.24 67.84
C LYS E 208 -4.59 17.86 66.90
N GLN E 209 -4.84 16.56 66.85
CA GLN E 209 -5.86 15.95 66.00
C GLN E 209 -7.20 16.67 66.12
N GLU E 210 -7.92 16.73 65.01
CA GLU E 210 -9.28 17.26 64.94
C GLU E 210 -10.10 16.38 64.02
N ASN E 211 -11.39 16.27 64.31
CA ASN E 211 -12.25 15.41 63.49
C ASN E 211 -12.67 16.12 62.21
N VAL E 212 -12.66 15.38 61.10
CA VAL E 212 -13.04 15.92 59.80
C VAL E 212 -14.21 15.11 59.25
N GLU E 213 -14.60 15.39 58.00
CA GLU E 213 -15.76 14.72 57.46
C GLU E 213 -15.39 13.33 56.95
N ALA E 214 -16.43 12.52 56.70
CA ALA E 214 -16.20 11.14 56.28
C ALA E 214 -15.43 11.05 54.98
N GLU E 215 -15.63 11.99 54.07
CA GLU E 215 -15.05 11.92 52.73
C GLU E 215 -13.93 12.93 52.53
N ALA E 216 -13.29 13.36 53.62
CA ALA E 216 -12.15 14.25 53.53
C ALA E 216 -11.10 13.65 52.59
N SER E 217 -10.88 14.27 51.43
CA SER E 217 -10.02 13.70 50.40
C SER E 217 -8.82 14.56 49.99
N MET E 218 -8.67 15.77 50.48
CA MET E 218 -7.64 16.65 49.94
C MET E 218 -7.17 17.61 51.01
N VAL E 219 -5.87 17.90 51.02
CA VAL E 219 -5.28 18.80 52.01
C VAL E 219 -4.53 19.90 51.29
N ILE E 220 -4.80 21.17 51.66
CA ILE E 220 -4.21 22.34 51.03
C ILE E 220 -3.49 23.16 52.08
N ALA E 221 -2.18 23.36 51.88
CA ALA E 221 -1.41 24.25 52.74
C ALA E 221 -1.62 25.70 52.29
N VAL E 222 -1.96 26.56 53.24
CA VAL E 222 -2.27 27.97 52.95
C VAL E 222 -1.03 28.81 53.28
N PRO E 223 -0.58 29.68 52.37
CA PRO E 223 0.69 30.41 52.54
C PRO E 223 0.74 31.32 53.76
N GLU E 224 1.95 31.81 54.02
CA GLU E 224 2.34 32.44 55.29
C GLU E 224 1.29 33.34 55.91
N PRO E 225 0.71 34.36 55.19
CA PRO E 225 -0.31 35.21 55.85
C PRO E 225 -1.26 34.40 56.76
N PHE E 226 -1.86 33.34 56.21
CA PHE E 226 -2.89 32.59 56.92
C PHE E 226 -2.29 31.55 57.88
N GLY E 227 -1.45 30.65 57.36
CA GLY E 227 -1.04 29.48 58.11
C GLY E 227 -2.11 28.40 58.01
N GLY E 228 -1.86 27.26 58.65
CA GLY E 228 -2.91 26.26 58.65
C GLY E 228 -3.21 25.63 57.29
N ALA E 229 -4.43 25.09 57.17
CA ALA E 229 -4.78 24.21 56.05
C ALA E 229 -6.27 24.26 55.73
N ILE E 230 -6.58 23.90 54.48
CA ILE E 230 -7.95 23.67 54.01
C ILE E 230 -8.09 22.19 53.68
N ILE E 231 -9.18 21.58 54.14
CA ILE E 231 -9.46 20.17 53.90
C ILE E 231 -10.77 20.07 53.10
N ILE E 232 -10.70 19.48 51.92
CA ILE E 232 -11.85 19.40 51.03
C ILE E 232 -12.42 17.99 51.06
N GLY E 233 -13.75 17.90 51.17
CA GLY E 233 -14.43 16.62 51.16
C GLY E 233 -15.50 16.54 50.10
N GLN E 234 -16.47 15.65 50.29
CA GLN E 234 -17.50 15.50 49.28
C GLN E 234 -18.50 16.65 49.36
N GLU E 235 -18.91 17.02 50.57
CA GLU E 235 -19.89 18.08 50.72
C GLU E 235 -19.43 19.30 51.50
N SER E 236 -18.25 19.28 52.12
CA SER E 236 -17.77 20.43 52.87
C SER E 236 -16.42 20.93 52.37
N ILE E 237 -16.17 22.21 52.64
CA ILE E 237 -14.83 22.80 52.53
C ILE E 237 -14.54 23.42 53.90
N THR E 238 -13.45 22.99 54.53
CA THR E 238 -13.16 23.43 55.88
C THR E 238 -11.75 24.01 55.96
N TYR E 239 -11.55 24.95 56.88
CA TYR E 239 -10.24 25.52 57.16
C TYR E 239 -9.89 25.25 58.61
N HIS E 240 -8.70 24.72 58.85
CA HIS E 240 -8.27 24.48 60.22
C HIS E 240 -6.92 25.14 60.50
N ASN E 241 -6.83 25.80 61.66
CA ASN E 241 -5.60 26.39 62.16
C ASN E 241 -5.59 26.50 63.69
N GLY E 242 -5.66 25.38 64.38
CA GLY E 242 -5.62 25.41 65.84
C GLY E 242 -6.82 26.04 66.51
N ASP E 243 -6.75 27.35 66.79
CA ASP E 243 -7.86 28.02 67.48
C ASP E 243 -9.14 27.97 66.64
N LYS E 244 -9.03 28.10 65.32
CA LYS E 244 -10.21 28.18 64.47
C LYS E 244 -10.41 26.90 63.66
N TYR E 245 -11.69 26.58 63.43
CA TYR E 245 -12.07 25.43 62.62
C TYR E 245 -13.37 25.83 61.93
N LEU E 246 -13.28 26.24 60.66
CA LEU E 246 -14.43 26.70 59.90
C LEU E 246 -14.75 25.71 58.79
N ALA E 247 -16.03 25.37 58.66
CA ALA E 247 -16.49 24.36 57.71
C ALA E 247 -17.76 24.88 57.05
N ILE E 248 -17.82 24.80 55.72
CA ILE E 248 -18.96 25.31 54.96
C ILE E 248 -19.39 24.29 53.92
N ALA E 249 -20.71 24.18 53.72
CA ALA E 249 -21.32 23.27 52.75
C ALA E 249 -22.28 24.09 51.91
N PRO E 250 -21.76 24.88 50.98
CA PRO E 250 -22.63 25.71 50.15
C PRO E 250 -23.39 24.84 49.18
N PRO E 251 -24.65 25.15 48.91
CA PRO E 251 -25.43 24.29 48.01
C PRO E 251 -24.87 24.22 46.61
N ILE E 252 -24.07 25.23 46.21
CA ILE E 252 -23.52 25.24 44.87
C ILE E 252 -22.54 24.09 44.63
N ILE E 253 -22.00 23.50 45.70
CA ILE E 253 -21.01 22.44 45.55
C ILE E 253 -21.57 21.07 45.86
N LYS E 254 -22.68 20.97 46.59
CA LYS E 254 -23.12 19.66 47.04
C LYS E 254 -23.35 18.71 45.89
N GLN E 255 -23.70 19.25 44.73
CA GLN E 255 -24.02 18.41 43.57
C GLN E 255 -22.79 17.70 42.99
N SER E 256 -21.57 18.04 43.41
CA SER E 256 -20.39 17.47 42.78
C SER E 256 -19.26 17.21 43.77
N THR E 257 -18.33 16.37 43.33
CA THR E 257 -17.18 15.95 44.12
C THR E 257 -15.95 16.65 43.58
N ILE E 258 -15.18 17.32 44.46
CA ILE E 258 -14.01 18.10 44.06
C ILE E 258 -12.80 17.19 43.95
N VAL E 259 -12.02 17.34 42.88
CA VAL E 259 -10.89 16.45 42.63
C VAL E 259 -9.56 17.16 42.43
N CYS E 260 -9.59 18.48 42.23
CA CYS E 260 -8.32 19.18 42.05
C CYS E 260 -8.43 20.62 42.50
N HIS E 261 -7.27 21.22 42.73
CA HIS E 261 -7.20 22.58 43.25
C HIS E 261 -5.91 23.22 42.79
N ASN E 262 -5.89 24.55 42.86
CA ASN E 262 -4.69 25.30 42.56
C ASN E 262 -4.80 26.71 43.15
N ARG E 263 -3.66 27.23 43.57
CA ARG E 263 -3.58 28.52 44.23
C ARG E 263 -3.48 29.64 43.20
N VAL E 264 -4.27 30.69 43.40
CA VAL E 264 -4.25 31.81 42.48
C VAL E 264 -3.33 32.89 43.03
N ASP E 265 -3.73 33.50 44.14
CA ASP E 265 -2.90 34.52 44.77
C ASP E 265 -1.78 33.88 45.58
N PRO E 266 -0.54 34.34 45.46
CA PRO E 266 0.55 33.73 46.22
C PRO E 266 0.38 33.85 47.72
N ASN E 267 -0.39 34.82 48.21
CA ASN E 267 -0.69 34.90 49.63
C ASN E 267 -1.79 33.94 50.05
N GLY E 268 -2.48 33.31 49.10
CA GLY E 268 -3.46 32.28 49.39
C GLY E 268 -4.89 32.72 49.43
N SER E 269 -5.19 33.97 49.03
CA SER E 269 -6.53 34.51 49.18
C SER E 269 -7.54 33.87 48.25
N ARG E 270 -7.12 33.31 47.12
CA ARG E 270 -8.05 32.71 46.18
C ARG E 270 -7.51 31.37 45.68
N TYR E 271 -8.44 30.44 45.43
CA TYR E 271 -8.11 29.07 45.01
C TYR E 271 -9.08 28.63 43.92
N LEU E 272 -8.58 27.83 42.98
CA LEU E 272 -9.42 27.26 41.93
C LEU E 272 -9.75 25.82 42.26
N LEU E 273 -10.99 25.43 42.01
CA LEU E 273 -11.47 24.09 42.33
C LEU E 273 -12.19 23.52 41.13
N GLY E 274 -11.88 22.29 40.79
CA GLY E 274 -12.55 21.60 39.70
C GLY E 274 -13.07 20.27 40.19
N ASP E 275 -14.26 19.90 39.70
CA ASP E 275 -14.89 18.67 40.11
C ASP E 275 -14.80 17.62 38.99
N MET E 276 -15.43 16.48 39.24
CA MET E 276 -15.37 15.35 38.32
C MET E 276 -16.19 15.59 37.06
N GLU E 277 -17.08 16.57 37.08
CA GLU E 277 -18.05 16.75 36.01
C GLU E 277 -17.70 17.93 35.12
N GLY E 278 -16.53 18.55 35.31
CA GLY E 278 -16.11 19.67 34.50
C GLY E 278 -16.36 21.05 35.09
N ARG E 279 -17.10 21.15 36.19
CA ARG E 279 -17.33 22.45 36.79
C ARG E 279 -16.03 23.07 37.28
N LEU E 280 -16.04 24.39 37.39
CA LEU E 280 -14.90 25.14 37.88
C LEU E 280 -15.40 26.19 38.87
N PHE E 281 -14.81 26.21 40.06
CA PHE E 281 -15.21 27.09 41.14
C PHE E 281 -14.05 28.01 41.51
N MET E 282 -14.39 29.02 42.31
CA MET E 282 -13.40 29.94 42.86
C MET E 282 -13.63 29.96 44.36
N LEU E 283 -12.55 29.84 45.15
CA LEU E 283 -12.66 29.85 46.60
C LEU E 283 -12.03 31.13 47.14
N LEU E 284 -12.73 31.78 48.05
CA LEU E 284 -12.29 33.05 48.59
C LEU E 284 -12.01 32.93 50.07
N LEU E 285 -10.85 33.43 50.50
CA LEU E 285 -10.44 33.45 51.91
C LEU E 285 -10.44 34.89 52.40
N GLU E 286 -11.46 35.24 53.17
CA GLU E 286 -11.56 36.59 53.70
C GLU E 286 -10.54 36.80 54.82
N LYS E 287 -9.86 37.94 54.78
CA LYS E 287 -8.75 38.31 55.67
C LYS E 287 -9.19 39.39 56.65
N GLU E 288 -8.29 39.72 57.60
CA GLU E 288 -8.51 40.80 58.57
C GLU E 288 -7.16 41.17 59.15
N GLU E 289 -6.70 42.41 58.92
CA GLU E 289 -5.35 42.81 59.31
C GLU E 289 -5.14 42.93 60.81
N GLN E 290 -6.20 43.04 61.61
CA GLN E 290 -6.15 43.06 63.07
C GLN E 290 -4.94 43.82 63.62
N MET E 291 -4.63 44.98 63.03
CA MET E 291 -3.62 45.94 63.45
C MET E 291 -2.17 45.44 63.51
N ASP E 292 -1.81 44.46 64.34
CA ASP E 292 -0.40 44.05 64.39
C ASP E 292 -0.02 43.19 63.19
N GLY E 293 -0.62 43.45 62.03
CA GLY E 293 -0.33 42.71 60.80
C GLY E 293 -0.59 41.22 60.86
N THR E 294 -1.31 40.75 61.89
CA THR E 294 -1.65 39.34 62.04
C THR E 294 -2.96 39.13 61.30
N VAL E 295 -2.89 38.65 60.06
CA VAL E 295 -4.10 38.40 59.28
C VAL E 295 -4.83 37.16 59.80
N THR E 296 -6.14 37.30 60.04
CA THR E 296 -7.00 36.24 60.57
C THR E 296 -8.06 35.86 59.54
N LEU E 297 -8.36 34.57 59.42
CA LEU E 297 -9.38 34.13 58.48
C LEU E 297 -10.77 34.54 58.96
N LYS E 298 -11.57 35.13 58.07
CA LYS E 298 -12.92 35.54 58.46
C LYS E 298 -14.00 34.58 57.94
N ASP E 299 -13.97 34.23 56.66
CA ASP E 299 -15.03 33.40 56.07
C ASP E 299 -14.51 32.66 54.84
N LEU E 300 -15.38 31.84 54.26
CA LEU E 300 -15.11 31.15 53.01
C LEU E 300 -16.30 31.26 52.08
N ARG E 301 -16.04 31.69 50.85
CA ARG E 301 -17.06 31.84 49.83
C ARG E 301 -16.61 31.09 48.58
N VAL E 302 -17.57 30.47 47.90
CA VAL E 302 -17.33 29.71 46.67
C VAL E 302 -18.26 30.23 45.59
N GLU E 303 -17.72 30.43 44.39
CA GLU E 303 -18.53 30.80 43.25
C GLU E 303 -18.30 29.80 42.14
N LEU E 304 -19.36 29.46 41.42
CA LEU E 304 -19.25 28.60 40.25
C LEU E 304 -18.95 29.48 39.05
N LEU E 305 -17.80 29.21 38.41
CA LEU E 305 -17.40 30.04 37.27
C LEU E 305 -18.03 29.55 35.97
N GLY E 306 -17.92 28.27 35.67
CA GLY E 306 -18.48 27.74 34.44
C GLY E 306 -18.01 26.31 34.23
N GLU E 307 -18.08 25.86 32.99
CA GLU E 307 -17.70 24.49 32.65
C GLU E 307 -16.42 24.47 31.82
N THR E 308 -15.52 23.54 32.16
CA THR E 308 -14.28 23.28 31.43
C THR E 308 -14.18 21.79 31.08
N SER E 309 -13.01 21.34 30.64
CA SER E 309 -12.81 19.91 30.47
C SER E 309 -12.69 19.22 31.82
N ILE E 310 -12.95 17.90 31.85
CA ILE E 310 -12.89 17.20 33.13
C ILE E 310 -11.44 17.22 33.62
N ALA E 311 -11.19 18.01 34.65
CA ALA E 311 -9.82 18.38 35.01
C ALA E 311 -9.15 17.32 35.87
N GLU E 312 -7.98 16.88 35.43
CA GLU E 312 -7.11 16.10 36.30
C GLU E 312 -6.34 17.03 37.22
N CYS E 313 -5.77 18.10 36.67
CA CYS E 313 -5.06 19.11 37.45
C CYS E 313 -5.35 20.47 36.85
N LEU E 314 -5.14 21.50 37.67
CA LEU E 314 -5.35 22.88 37.27
C LEU E 314 -4.08 23.66 37.54
N THR E 315 -3.96 24.81 36.89
CA THR E 315 -2.86 25.72 37.21
C THR E 315 -3.18 27.12 36.71
N TYR E 316 -3.18 28.08 37.62
CA TYR E 316 -3.41 29.46 37.24
C TYR E 316 -2.10 30.05 36.73
N LEU E 317 -2.16 30.71 35.57
CA LEU E 317 -0.99 31.30 34.96
C LEU E 317 -0.90 32.79 35.26
N ASP E 318 -1.64 33.59 34.50
CA ASP E 318 -1.74 35.02 34.75
C ASP E 318 -2.80 35.57 33.82
N ASN E 319 -3.30 36.77 34.16
CA ASN E 319 -4.33 37.46 33.39
C ASN E 319 -5.59 36.62 33.27
N GLY E 320 -5.93 35.93 34.36
CA GLY E 320 -7.13 35.12 34.35
C GLY E 320 -7.10 33.98 33.36
N VAL E 321 -5.91 33.62 32.88
CA VAL E 321 -5.74 32.50 31.97
C VAL E 321 -5.30 31.29 32.76
N VAL E 322 -6.03 30.19 32.59
CA VAL E 322 -5.83 28.98 33.38
C VAL E 322 -5.64 27.79 32.43
N PHE E 323 -4.67 26.94 32.73
CA PHE E 323 -4.46 25.71 31.98
C PHE E 323 -5.22 24.57 32.65
N VAL E 324 -6.09 23.92 31.89
CA VAL E 324 -6.90 22.81 32.35
C VAL E 324 -6.23 21.55 31.81
N GLY E 325 -5.53 20.81 32.68
CA GLY E 325 -4.94 19.55 32.29
C GLY E 325 -5.90 18.38 32.41
N SER E 326 -6.21 17.71 31.30
CA SER E 326 -7.23 16.68 31.31
C SER E 326 -6.64 15.31 31.00
N ARG E 327 -7.28 14.27 31.55
CA ARG E 327 -7.00 12.88 31.25
C ARG E 327 -8.08 12.23 30.41
N LEU E 328 -9.32 12.68 30.56
CA LEU E 328 -10.46 12.13 29.83
C LEU E 328 -10.76 12.88 28.54
N GLY E 329 -10.40 14.15 28.46
CA GLY E 329 -10.66 14.91 27.26
C GLY E 329 -9.53 15.83 26.89
N ASP E 330 -9.79 16.74 25.94
CA ASP E 330 -8.76 17.69 25.51
C ASP E 330 -8.35 18.59 26.65
N SER E 331 -7.04 18.77 26.83
CA SER E 331 -6.59 19.81 27.73
C SER E 331 -6.86 21.17 27.11
N GLN E 332 -6.93 22.20 27.95
CA GLN E 332 -7.29 23.50 27.41
C GLN E 332 -6.51 24.62 28.08
N LEU E 333 -6.58 25.77 27.43
CA LEU E 333 -6.34 27.06 28.04
C LEU E 333 -7.69 27.79 28.09
N VAL E 334 -8.01 28.37 29.25
CA VAL E 334 -9.27 29.09 29.41
C VAL E 334 -9.00 30.47 30.01
N LYS E 335 -9.84 31.42 29.63
CA LYS E 335 -9.82 32.77 30.19
C LYS E 335 -10.92 32.90 31.23
N LEU E 336 -10.65 33.63 32.30
CA LEU E 336 -11.62 33.96 33.33
C LEU E 336 -12.02 35.43 33.16
N ASN E 337 -13.20 35.67 32.59
CA ASN E 337 -13.70 37.03 32.43
C ASN E 337 -14.39 37.49 33.70
N VAL E 338 -14.09 38.73 34.10
CA VAL E 338 -14.72 39.30 35.29
C VAL E 338 -16.22 39.46 35.07
N ASP E 339 -16.63 39.71 33.82
CA ASP E 339 -18.03 39.91 33.48
C ASP E 339 -18.57 38.68 32.77
N SER E 340 -19.75 38.23 33.19
CA SER E 340 -20.34 37.01 32.65
C SER E 340 -20.70 37.18 31.18
N ASN E 341 -20.97 36.06 30.53
CA ASN E 341 -21.48 36.07 29.17
C ASN E 341 -23.00 35.91 29.22
N GLU E 342 -23.61 35.51 28.10
CA GLU E 342 -25.07 35.34 28.04
C GLU E 342 -25.52 34.00 28.62
N GLN E 343 -24.70 32.97 28.54
CA GLN E 343 -24.98 31.67 29.14
C GLN E 343 -24.71 31.64 30.64
N GLY E 344 -24.03 32.64 31.19
CA GLY E 344 -23.70 32.71 32.60
C GLY E 344 -22.28 32.32 32.94
N SER E 345 -21.56 31.72 32.00
CA SER E 345 -20.20 31.23 32.26
C SER E 345 -19.21 32.37 32.14
N TYR E 346 -18.33 32.46 33.12
CA TYR E 346 -17.23 33.42 33.13
C TYR E 346 -15.97 32.83 32.50
N VAL E 347 -16.02 31.60 32.01
CA VAL E 347 -14.87 30.95 31.37
C VAL E 347 -15.10 30.91 29.87
N VAL E 348 -14.02 31.11 29.12
CA VAL E 348 -14.03 31.12 27.66
C VAL E 348 -12.87 30.28 27.19
N ALA E 349 -13.14 29.32 26.31
CA ALA E 349 -12.08 28.46 25.80
C ALA E 349 -11.19 29.24 24.85
N MET E 350 -9.88 29.21 25.10
CA MET E 350 -8.94 29.85 24.20
C MET E 350 -8.36 28.80 23.26
N GLU E 351 -7.54 27.91 23.80
CA GLU E 351 -6.94 26.84 23.02
C GLU E 351 -7.44 25.49 23.49
N THR E 352 -7.35 24.51 22.59
CA THR E 352 -7.74 23.12 22.84
C THR E 352 -6.61 22.24 22.33
N PHE E 353 -5.94 21.54 23.25
CA PHE E 353 -4.85 20.63 22.91
C PHE E 353 -5.36 19.19 22.83
N THR E 354 -5.08 18.52 21.70
CA THR E 354 -5.67 17.21 21.44
C THR E 354 -5.16 16.17 22.43
N ASN E 355 -6.10 15.42 23.02
CA ASN E 355 -5.79 14.31 23.91
C ASN E 355 -6.57 13.11 23.41
N LEU E 356 -5.87 12.10 22.92
CA LEU E 356 -6.56 10.89 22.54
C LEU E 356 -7.18 10.18 23.74
N GLY E 357 -7.07 10.76 24.94
CA GLY E 357 -7.83 10.35 26.11
C GLY E 357 -7.62 8.88 26.36
N PRO E 358 -8.50 8.28 27.13
CA PRO E 358 -8.50 6.82 27.17
C PRO E 358 -8.96 6.25 25.83
N ILE E 359 -8.06 5.53 25.16
CA ILE E 359 -8.41 4.78 23.95
C ILE E 359 -8.93 3.42 24.42
N VAL E 360 -10.22 3.17 24.22
CA VAL E 360 -10.83 1.94 24.73
C VAL E 360 -11.09 0.91 23.62
N ASP E 361 -11.11 1.33 22.36
CA ASP E 361 -11.19 0.44 21.22
C ASP E 361 -10.70 1.24 20.02
N MET E 362 -10.53 0.55 18.89
CA MET E 362 -10.14 1.19 17.64
C MET E 362 -10.25 0.18 16.51
N CYS E 363 -10.09 0.68 15.29
CA CYS E 363 -10.03 -0.18 14.11
C CYS E 363 -9.21 0.52 13.03
N VAL E 364 -8.77 -0.26 12.04
CA VAL E 364 -8.02 0.28 10.91
C VAL E 364 -8.94 0.26 9.69
N VAL E 365 -8.96 1.36 8.94
CA VAL E 365 -9.76 1.49 7.74
C VAL E 365 -8.90 2.17 6.69
N ASP E 366 -9.08 1.78 5.43
CA ASP E 366 -8.35 2.45 4.36
C ASP E 366 -8.95 3.81 3.98
N LEU E 367 -10.26 4.01 4.22
CA LEU E 367 -11.05 5.22 3.98
C LEU E 367 -11.10 5.63 2.53
N GLU E 368 -10.19 6.52 2.12
CA GLU E 368 -10.24 7.08 0.77
C GLU E 368 -8.94 6.90 0.00
N ARG E 369 -7.80 6.68 0.68
CA ARG E 369 -6.52 6.60 -0.04
C ARG E 369 -6.39 5.29 -0.80
N GLN E 370 -6.92 4.20 -0.23
CA GLN E 370 -6.73 2.84 -0.80
C GLN E 370 -5.26 2.51 -1.00
N GLY E 371 -4.40 3.06 -0.15
CA GLY E 371 -2.96 2.84 -0.20
C GLY E 371 -2.32 2.93 1.17
N GLN E 372 -2.82 3.84 2.01
CA GLN E 372 -2.36 4.06 3.38
C GLN E 372 -3.52 3.85 4.35
N GLY E 373 -3.35 2.96 5.32
CA GLY E 373 -4.42 2.70 6.27
C GLY E 373 -4.53 3.80 7.33
N GLN E 374 -5.76 3.99 7.83
CA GLN E 374 -6.10 4.98 8.85
C GLN E 374 -6.69 4.33 10.10
N LEU E 375 -6.43 4.95 11.24
CA LEU E 375 -6.81 4.42 12.55
C LEU E 375 -7.90 5.28 13.19
N VAL E 376 -9.05 4.68 13.49
CA VAL E 376 -10.18 5.38 14.12
C VAL E 376 -10.40 4.79 15.51
N THR E 377 -10.38 5.66 16.54
CA THR E 377 -10.41 5.23 17.93
C THR E 377 -11.69 5.63 18.65
N CYS E 378 -11.92 4.99 19.81
CA CYS E 378 -12.92 5.41 20.80
C CYS E 378 -12.18 6.08 21.95
N SER E 379 -12.30 7.39 22.04
CA SER E 379 -11.50 8.15 22.98
C SER E 379 -12.38 8.80 24.04
N GLY E 380 -11.75 9.08 25.18
CA GLY E 380 -12.39 9.87 26.22
C GLY E 380 -13.56 9.18 26.92
N ALA E 381 -14.17 9.94 27.83
CA ALA E 381 -15.29 9.45 28.64
C ALA E 381 -16.27 10.58 28.88
N PHE E 382 -17.55 10.22 29.01
CA PHE E 382 -18.63 11.14 29.39
C PHE E 382 -18.76 12.24 28.34
N LYS E 383 -18.88 13.52 28.72
CA LYS E 383 -18.98 14.60 27.74
C LYS E 383 -17.73 14.70 26.87
N GLU E 384 -16.58 14.25 27.38
CA GLU E 384 -15.36 14.16 26.58
C GLU E 384 -15.37 12.98 25.61
N GLY E 385 -16.41 12.15 25.66
CA GLY E 385 -16.52 11.06 24.70
C GLY E 385 -16.46 11.58 23.28
N SER E 386 -15.70 10.87 22.44
CA SER E 386 -15.35 11.36 21.12
C SER E 386 -14.86 10.20 20.28
N LEU E 387 -14.81 10.42 18.97
CA LEU E 387 -14.02 9.58 18.10
C LEU E 387 -12.82 10.37 17.63
N ARG E 388 -11.78 9.66 17.20
CA ARG E 388 -10.60 10.30 16.66
C ARG E 388 -10.19 9.54 15.42
N ILE E 389 -9.86 10.27 14.37
CA ILE E 389 -9.38 9.68 13.12
C ILE E 389 -7.93 10.11 12.98
N ILE E 390 -7.03 9.14 13.06
CA ILE E 390 -5.59 9.36 12.93
C ILE E 390 -5.10 8.77 11.61
N ARG E 391 -4.31 9.57 10.88
CA ARG E 391 -3.64 9.14 9.66
C ARG E 391 -2.32 9.89 9.56
N ASN E 392 -1.43 9.40 8.71
CA ASN E 392 -0.16 10.07 8.58
C ASN E 392 -0.27 11.23 7.60
N GLY E 393 0.45 12.32 7.92
CA GLY E 393 0.34 13.53 7.14
C GLY E 393 0.79 13.37 5.71
N ILE E 394 1.71 12.43 5.48
CA ILE E 394 2.21 12.11 4.14
C ILE E 394 2.80 13.35 3.47
N LYS E 405 4.19 13.66 9.71
CA LYS E 405 3.68 13.85 11.06
C LYS E 405 2.18 13.51 11.07
N LEU E 406 1.58 13.30 12.26
CA LEU E 406 0.23 12.75 12.36
C LEU E 406 -0.85 13.82 12.37
N HIS E 407 -1.86 13.64 11.51
CA HIS E 407 -3.03 14.51 11.43
C HIS E 407 -4.19 13.81 12.12
N ILE E 408 -4.80 14.49 13.09
CA ILE E 408 -5.87 13.92 13.90
C ILE E 408 -7.09 14.81 13.78
N ARG E 409 -8.22 14.20 13.44
CA ARG E 409 -9.51 14.87 13.35
C ARG E 409 -10.44 14.30 14.41
N THR E 410 -11.14 15.19 15.10
CA THR E 410 -11.96 14.82 16.25
C THR E 410 -13.43 14.83 15.89
N VAL E 411 -14.19 13.89 16.46
CA VAL E 411 -15.64 13.84 16.31
C VAL E 411 -16.26 13.73 17.69
N PRO E 412 -16.58 14.85 18.36
CA PRO E 412 -17.08 14.77 19.73
C PRO E 412 -18.47 14.13 19.79
N LEU E 413 -18.70 13.37 20.86
CA LEU E 413 -19.95 12.65 21.03
C LEU E 413 -20.73 13.05 22.29
N TYR E 414 -20.06 13.58 23.32
CA TYR E 414 -20.69 13.98 24.57
C TYR E 414 -21.29 12.80 25.33
N GLU E 415 -20.87 11.59 24.97
CA GLU E 415 -21.18 10.38 25.70
C GLU E 415 -20.05 9.39 25.43
N SER E 416 -19.90 8.42 26.32
CA SER E 416 -18.73 7.56 26.29
C SER E 416 -18.84 6.55 25.15
N PRO E 417 -17.88 6.51 24.23
CA PRO E 417 -17.87 5.41 23.25
C PRO E 417 -17.10 4.24 23.84
N ARG E 418 -17.56 3.03 23.50
CA ARG E 418 -17.05 1.81 24.11
C ARG E 418 -16.41 0.85 23.12
N LYS E 419 -17.07 0.57 21.99
CA LYS E 419 -16.54 -0.33 20.97
C LYS E 419 -16.76 0.29 19.60
N ILE E 420 -15.90 -0.06 18.65
CA ILE E 420 -16.02 0.42 17.27
C ILE E 420 -15.60 -0.70 16.32
N CYS E 421 -16.29 -0.78 15.19
CA CYS E 421 -15.87 -1.63 14.09
C CYS E 421 -16.41 -1.03 12.80
N TYR E 422 -15.78 -1.40 11.68
CA TYR E 422 -16.05 -0.78 10.39
C TYR E 422 -16.77 -1.75 9.46
N GLN E 423 -17.79 -1.23 8.78
CA GLN E 423 -18.59 -1.95 7.79
C GLN E 423 -18.41 -1.24 6.44
N GLU E 424 -17.48 -1.72 5.63
CA GLU E 424 -17.21 -1.07 4.34
C GLU E 424 -18.42 -1.08 3.44
N VAL E 425 -19.23 -2.13 3.51
CA VAL E 425 -20.34 -2.30 2.57
C VAL E 425 -21.29 -1.11 2.65
N SER E 426 -21.48 -0.54 3.83
CA SER E 426 -22.36 0.62 3.97
C SER E 426 -21.58 1.88 4.35
N GLN E 427 -20.28 1.90 4.09
CA GLN E 427 -19.42 3.08 4.22
C GLN E 427 -19.65 3.82 5.53
N CYS E 428 -19.73 3.07 6.62
CA CYS E 428 -20.06 3.66 7.91
C CYS E 428 -19.47 2.82 9.04
N PHE E 429 -19.57 3.35 10.25
CA PHE E 429 -19.02 2.72 11.44
C PHE E 429 -20.13 2.31 12.39
N GLY E 430 -19.93 1.17 13.05
CA GLY E 430 -20.78 0.76 14.14
C GLY E 430 -20.05 1.02 15.44
N VAL E 431 -20.72 1.75 16.34
CA VAL E 431 -20.13 2.17 17.60
C VAL E 431 -21.12 1.88 18.72
N LEU E 432 -20.65 1.23 19.78
CA LEU E 432 -21.43 1.04 20.98
C LEU E 432 -21.08 2.16 21.95
N SER E 433 -22.09 2.85 22.47
CA SER E 433 -21.84 3.97 23.36
C SER E 433 -22.82 3.94 24.51
N SER E 434 -22.45 4.63 25.58
CA SER E 434 -23.35 4.73 26.73
C SER E 434 -23.34 6.15 27.26
N ARG E 435 -24.51 6.64 27.62
CA ARG E 435 -24.70 7.95 28.24
C ARG E 435 -25.33 7.76 29.61
N ILE E 436 -25.00 8.66 30.54
CA ILE E 436 -25.53 8.57 31.90
C ILE E 436 -26.85 9.34 31.97
N GLU E 437 -27.85 8.76 32.61
CA GLU E 437 -29.10 9.45 32.90
C GLU E 437 -29.39 9.41 34.40
N VAL E 438 -30.23 10.33 34.87
CA VAL E 438 -30.57 10.42 36.29
C VAL E 438 -32.03 10.01 36.47
N GLN E 439 -32.34 9.37 37.60
CA GLN E 439 -33.70 8.96 37.90
C GLN E 439 -34.60 10.18 38.06
N ASP E 440 -35.75 10.17 37.40
CA ASP E 440 -36.70 11.26 37.47
C ASP E 440 -37.77 10.98 38.54
N THR E 441 -38.35 12.06 39.08
CA THR E 441 -39.49 11.92 39.98
C THR E 441 -40.68 11.29 39.27
N SER E 442 -40.75 11.37 37.93
CA SER E 442 -41.85 10.75 37.20
C SER E 442 -41.80 9.23 37.29
N GLY E 443 -40.60 8.67 37.44
CA GLY E 443 -40.37 7.23 37.34
C GLY E 443 -39.38 6.88 36.26
N GLY E 444 -39.37 7.65 35.17
CA GLY E 444 -38.41 7.50 34.09
C GLY E 444 -37.06 8.08 34.46
N THR E 445 -36.22 8.24 33.43
CA THR E 445 -34.88 8.78 33.58
C THR E 445 -34.71 10.04 32.74
N THR E 446 -33.85 10.94 33.22
CA THR E 446 -33.59 12.24 32.59
C THR E 446 -32.15 12.30 32.12
N ALA E 447 -31.96 12.67 30.85
CA ALA E 447 -30.64 12.87 30.31
C ALA E 447 -29.99 14.11 30.92
N LEU E 448 -28.67 14.15 30.90
CA LEU E 448 -27.91 15.30 31.42
C LEU E 448 -27.68 16.36 30.36
N ARG E 449 -27.43 15.94 29.12
CA ARG E 449 -27.22 16.83 27.98
C ARG E 449 -27.55 16.05 26.71
N PRO E 450 -27.74 16.75 25.59
CA PRO E 450 -27.89 16.02 24.33
C PRO E 450 -26.54 15.51 23.88
N SER E 451 -26.48 14.21 23.63
CA SER E 451 -25.29 13.52 23.17
C SER E 451 -25.63 12.77 21.87
N ALA E 452 -24.64 12.04 21.34
CA ALA E 452 -24.76 11.45 20.01
C ALA E 452 -26.04 10.65 19.85
N SER E 453 -26.40 9.88 20.86
CA SER E 453 -27.56 9.00 20.75
C SER E 453 -28.89 9.75 20.75
N THR E 454 -28.95 10.94 21.36
CA THR E 454 -30.23 11.66 21.38
C THR E 454 -30.43 12.47 20.11
N GLN E 455 -29.37 13.10 19.61
CA GLN E 455 -29.40 13.90 18.40
C GLN E 455 -29.02 13.07 17.17
N ALA E 456 -29.65 11.91 17.03
CA ALA E 456 -29.48 11.06 15.88
C ALA E 456 -30.59 11.37 14.88
N LEU E 457 -30.31 11.13 13.61
CA LEU E 457 -31.34 11.29 12.58
C LEU E 457 -32.52 10.38 12.87
N SER E 458 -32.30 9.07 12.78
CA SER E 458 -33.29 8.08 13.15
C SER E 458 -32.98 7.52 14.53
N SER E 459 -34.02 7.06 15.22
CA SER E 459 -33.88 6.49 16.56
C SER E 459 -34.75 5.24 16.62
N SER E 460 -34.42 4.37 17.58
CA SER E 460 -35.18 3.14 17.81
C SER E 460 -34.82 2.58 19.17
N VAL E 461 -35.72 1.76 19.72
CA VAL E 461 -35.49 1.02 20.96
C VAL E 461 -35.82 -0.45 20.72
N SER E 462 -35.01 -1.33 21.32
CA SER E 462 -35.21 -2.75 21.08
C SER E 462 -36.49 -3.21 21.76
N SER E 463 -37.24 -4.06 21.08
CA SER E 463 -38.55 -4.49 21.56
C SER E 463 -38.41 -5.30 22.85
N SER E 464 -39.14 -4.89 23.89
CA SER E 464 -39.17 -5.66 25.12
C SER E 464 -39.67 -7.07 24.85
N LYS E 465 -38.77 -8.04 24.72
CA LYS E 465 -39.20 -9.36 24.27
C LYS E 465 -38.77 -10.49 25.19
N LEU E 466 -37.49 -10.86 25.15
CA LEU E 466 -37.01 -12.04 25.87
C LEU E 466 -37.19 -11.90 27.38
N PHE E 467 -36.64 -10.83 27.94
CA PHE E 467 -36.60 -10.63 29.39
C PHE E 467 -37.70 -9.69 29.90
N SER E 468 -38.70 -9.40 29.05
CA SER E 468 -39.92 -8.76 29.54
C SER E 468 -40.70 -9.69 30.46
N SER E 469 -40.80 -10.98 30.10
CA SER E 469 -41.48 -11.96 30.94
C SER E 469 -40.61 -12.45 32.09
N SER E 470 -39.32 -12.71 31.82
CA SER E 470 -38.37 -13.09 32.86
C SER E 470 -37.78 -11.80 33.44
N THR E 471 -38.58 -11.15 34.29
CA THR E 471 -38.21 -9.87 34.89
C THR E 471 -38.14 -10.00 36.41
N ALA E 472 -37.06 -9.47 36.99
CA ALA E 472 -36.69 -9.48 38.41
C ALA E 472 -37.36 -8.34 39.19
N PRO E 473 -37.61 -8.55 40.51
CA PRO E 473 -38.20 -7.49 41.36
C PRO E 473 -37.16 -6.48 41.84
N HIS E 474 -37.24 -5.25 41.34
CA HIS E 474 -36.36 -4.18 41.80
C HIS E 474 -36.93 -2.83 41.42
N GLU E 475 -36.50 -1.80 42.15
CA GLU E 475 -36.82 -0.42 41.85
C GLU E 475 -35.55 0.40 41.99
N THR E 476 -35.50 1.54 41.30
CA THR E 476 -34.36 2.45 41.37
C THR E 476 -34.78 3.70 42.14
N SER E 477 -33.99 4.07 43.14
CA SER E 477 -34.30 5.23 43.97
C SER E 477 -34.03 6.53 43.20
N PHE E 478 -34.70 7.60 43.65
CA PHE E 478 -34.53 8.90 43.01
C PHE E 478 -33.09 9.40 43.14
N GLY E 479 -32.59 10.02 42.08
CA GLY E 479 -31.24 10.53 42.02
C GLY E 479 -30.20 9.57 41.47
N GLU E 480 -30.47 8.26 41.52
CA GLU E 480 -29.51 7.28 41.04
C GLU E 480 -29.11 7.53 39.58
N GLU E 481 -27.81 7.40 39.32
CA GLU E 481 -27.31 7.41 37.96
C GLU E 481 -27.52 6.05 37.34
N VAL E 482 -28.00 6.03 36.10
CA VAL E 482 -28.20 4.80 35.33
C VAL E 482 -27.75 5.05 33.90
N GLU E 483 -26.97 4.12 33.34
CA GLU E 483 -26.39 4.33 32.03
C GLU E 483 -27.16 3.57 30.96
N VAL E 484 -27.40 4.26 29.84
CA VAL E 484 -28.14 3.74 28.71
C VAL E 484 -27.17 3.40 27.59
N HIS E 485 -27.29 2.21 27.02
CA HIS E 485 -26.42 1.76 25.95
C HIS E 485 -27.12 1.89 24.60
N ASN E 486 -26.36 2.31 23.59
CA ASN E 486 -26.89 2.47 22.24
C ASN E 486 -25.89 1.89 21.26
N LEU E 487 -26.38 1.50 20.09
CA LEU E 487 -25.55 1.22 18.92
C LEU E 487 -25.69 2.39 17.95
N LEU E 488 -24.58 3.07 17.68
CA LEU E 488 -24.55 4.22 16.79
C LEU E 488 -24.05 3.81 15.42
N ILE E 489 -24.70 4.33 14.39
CA ILE E 489 -24.27 4.19 13.01
C ILE E 489 -23.78 5.56 12.55
N ILE E 490 -22.51 5.63 12.13
CA ILE E 490 -21.85 6.91 11.84
C ILE E 490 -21.26 6.89 10.44
N ASP E 491 -21.60 7.89 9.63
CA ASP E 491 -21.09 8.00 8.27
C ASP E 491 -19.58 8.19 8.29
N GLN E 492 -18.87 7.52 7.38
CA GLN E 492 -17.40 7.55 7.42
C GLN E 492 -16.81 8.80 6.78
N HIS E 493 -17.64 9.65 6.16
CA HIS E 493 -17.20 10.92 5.61
C HIS E 493 -17.69 12.10 6.45
N THR E 494 -19.00 12.21 6.66
CA THR E 494 -19.53 13.32 7.46
C THR E 494 -19.34 13.10 8.95
N PHE E 495 -19.38 11.84 9.41
CA PHE E 495 -19.33 11.50 10.83
C PHE E 495 -20.53 12.07 11.57
N GLU E 496 -21.69 12.00 10.92
CA GLU E 496 -22.96 12.27 11.58
C GLU E 496 -23.61 10.96 12.00
N VAL E 497 -24.50 11.05 12.99
CA VAL E 497 -25.17 9.88 13.54
C VAL E 497 -26.35 9.54 12.63
N LEU E 498 -26.19 8.52 11.80
CA LEU E 498 -27.25 8.10 10.88
C LEU E 498 -28.41 7.44 11.61
N HIS E 499 -28.10 6.66 12.64
CA HIS E 499 -29.13 5.98 13.41
C HIS E 499 -28.58 5.71 14.81
N ALA E 500 -29.47 5.72 15.81
CA ALA E 500 -29.09 5.39 17.18
C ALA E 500 -30.12 4.43 17.77
N HIS E 501 -29.73 3.16 17.91
CA HIS E 501 -30.58 2.12 18.45
C HIS E 501 -30.30 1.96 19.93
N GLN E 502 -31.34 2.15 20.75
CA GLN E 502 -31.24 1.99 22.20
C GLN E 502 -31.57 0.57 22.59
N PHE E 503 -30.75 -0.01 23.47
CA PHE E 503 -30.95 -1.38 23.91
C PHE E 503 -31.98 -1.42 25.05
N LEU E 504 -32.33 -2.64 25.46
CA LEU E 504 -33.31 -2.84 26.52
C LEU E 504 -32.82 -2.23 27.83
N GLN E 505 -33.78 -2.00 28.73
CA GLN E 505 -33.45 -1.49 30.05
C GLN E 505 -32.68 -2.54 30.83
N ASN E 506 -31.60 -2.11 31.49
CA ASN E 506 -30.64 -2.97 32.19
C ASN E 506 -29.81 -3.85 31.25
N GLU E 507 -29.87 -3.61 29.95
CA GLU E 507 -29.07 -4.38 28.99
C GLU E 507 -27.72 -3.71 28.78
N TYR E 508 -26.65 -4.48 28.92
CA TYR E 508 -25.28 -3.99 28.79
C TYR E 508 -24.65 -4.58 27.53
N ALA E 509 -24.23 -3.72 26.61
CA ALA E 509 -23.61 -4.17 25.35
C ALA E 509 -22.11 -4.35 25.57
N LEU E 510 -21.61 -5.54 25.27
CA LEU E 510 -20.22 -5.89 25.55
C LEU E 510 -19.36 -6.07 24.32
N SER E 511 -19.84 -6.78 23.33
CA SER E 511 -19.02 -7.11 22.16
C SER E 511 -19.70 -6.62 20.90
N LEU E 512 -18.89 -6.36 19.87
CA LEU E 512 -19.43 -5.92 18.58
C LEU E 512 -18.49 -6.34 17.46
N VAL E 513 -19.06 -6.91 16.39
CA VAL E 513 -18.31 -7.26 15.18
C VAL E 513 -19.22 -7.00 13.99
N SER E 514 -18.60 -6.79 12.82
CA SER E 514 -19.31 -6.54 11.57
C SER E 514 -18.78 -7.50 10.50
N CYS E 515 -19.64 -8.38 10.00
CA CYS E 515 -19.18 -9.42 9.09
C CYS E 515 -20.38 -10.07 8.38
N LYS E 516 -20.06 -10.94 7.44
CA LYS E 516 -21.01 -11.78 6.72
C LYS E 516 -20.87 -13.20 7.25
N LEU E 517 -21.97 -13.89 7.45
CA LEU E 517 -21.93 -15.24 8.00
C LEU E 517 -22.54 -16.24 7.03
N GLY E 518 -21.90 -17.39 6.92
CA GLY E 518 -22.43 -18.50 6.13
C GLY E 518 -22.62 -18.13 4.67
N LYS E 519 -23.75 -18.58 4.11
CA LYS E 519 -24.10 -18.28 2.73
C LYS E 519 -24.70 -16.89 2.54
N ASP E 520 -25.00 -16.19 3.63
CA ASP E 520 -25.67 -14.89 3.54
C ASP E 520 -24.74 -13.84 2.95
N PRO E 521 -25.13 -13.17 1.86
CA PRO E 521 -24.25 -12.16 1.26
C PRO E 521 -24.34 -10.78 1.91
N ASN E 522 -25.34 -10.55 2.75
CA ASN E 522 -25.42 -9.29 3.47
C ASN E 522 -24.34 -9.22 4.53
N THR E 523 -23.85 -8.00 4.79
CA THR E 523 -22.92 -7.75 5.88
C THR E 523 -23.71 -7.20 7.06
N TYR E 524 -23.53 -7.82 8.24
CA TYR E 524 -24.36 -7.53 9.41
C TYR E 524 -23.53 -6.95 10.55
N PHE E 525 -24.24 -6.26 11.44
CA PHE E 525 -23.72 -5.80 12.72
C PHE E 525 -24.23 -6.74 13.81
N ILE E 526 -23.32 -7.44 14.48
CA ILE E 526 -23.70 -8.32 15.58
C ILE E 526 -23.24 -7.70 16.88
N VAL E 527 -24.13 -7.69 17.87
CA VAL E 527 -23.83 -7.18 19.21
C VAL E 527 -24.14 -8.27 20.23
N GLY E 528 -23.20 -8.50 21.15
CA GLY E 528 -23.42 -9.39 22.27
C GLY E 528 -23.63 -8.59 23.54
N THR E 529 -24.71 -8.90 24.25
CA THR E 529 -25.14 -8.14 25.42
C THR E 529 -25.15 -9.01 26.67
N ALA E 530 -25.57 -8.40 27.77
CA ALA E 530 -25.57 -9.06 29.07
C ALA E 530 -26.52 -8.30 29.99
N MET E 531 -27.51 -9.00 30.53
CA MET E 531 -28.48 -8.38 31.44
C MET E 531 -27.87 -8.27 32.83
N VAL E 532 -27.70 -7.02 33.27
CA VAL E 532 -26.99 -6.69 34.50
C VAL E 532 -28.01 -6.22 35.52
N TYR E 533 -28.13 -6.97 36.61
CA TYR E 533 -28.96 -6.55 37.72
C TYR E 533 -28.06 -6.37 38.95
N PRO E 534 -28.45 -5.53 39.91
CA PRO E 534 -27.56 -5.28 41.06
C PRO E 534 -27.52 -6.44 42.04
N GLU E 535 -28.66 -7.07 42.31
CA GLU E 535 -28.68 -8.22 43.20
C GLU E 535 -28.04 -9.45 42.55
N GLU E 536 -28.09 -9.54 41.23
CA GLU E 536 -27.50 -10.65 40.48
C GLU E 536 -26.02 -10.35 40.26
N ALA E 537 -25.12 -11.08 40.93
CA ALA E 537 -23.69 -10.79 40.87
C ALA E 537 -23.08 -11.20 39.53
N GLU E 538 -23.19 -12.48 39.16
CA GLU E 538 -22.77 -12.93 37.84
C GLU E 538 -23.97 -12.94 36.89
N PRO E 539 -23.82 -12.48 35.66
CA PRO E 539 -24.98 -12.36 34.77
C PRO E 539 -25.42 -13.71 34.22
N LYS E 540 -26.75 -13.93 34.24
CA LYS E 540 -27.37 -15.16 33.77
C LYS E 540 -28.23 -14.95 32.53
N GLN E 541 -28.23 -13.77 31.93
CA GLN E 541 -29.06 -13.49 30.78
C GLN E 541 -28.31 -12.60 29.80
N GLY E 542 -28.47 -12.88 28.51
CA GLY E 542 -27.86 -12.06 27.48
C GLY E 542 -28.44 -12.38 26.13
N ARG E 543 -28.18 -11.49 25.17
CA ARG E 543 -28.62 -11.71 23.80
C ARG E 543 -27.44 -11.60 22.86
N ILE E 544 -27.62 -12.19 21.68
CA ILE E 544 -26.78 -11.92 20.52
C ILE E 544 -27.72 -11.42 19.43
N VAL E 545 -27.63 -10.14 19.13
CA VAL E 545 -28.51 -9.50 18.16
C VAL E 545 -27.77 -9.29 16.86
N VAL E 546 -28.47 -9.54 15.75
CA VAL E 546 -27.95 -9.30 14.41
C VAL E 546 -28.71 -8.14 13.79
N PHE E 547 -27.99 -7.10 13.37
CA PHE E 547 -28.60 -5.93 12.74
C PHE E 547 -28.22 -5.85 11.27
N GLN E 548 -29.06 -5.15 10.50
CA GLN E 548 -28.74 -4.78 9.14
C GLN E 548 -29.04 -3.30 8.92
N TYR E 549 -28.06 -2.56 8.42
CA TYR E 549 -28.23 -1.15 8.10
C TYR E 549 -28.39 -0.98 6.59
N SER E 550 -29.58 -0.57 6.17
CA SER E 550 -29.87 -0.40 4.75
C SER E 550 -30.75 0.82 4.57
N ASP E 551 -30.34 1.72 3.69
CA ASP E 551 -31.16 2.88 3.32
C ASP E 551 -31.49 3.74 4.55
N GLY E 552 -30.46 4.03 5.34
CA GLY E 552 -30.56 4.90 6.49
C GLY E 552 -31.33 4.38 7.69
N LYS E 553 -31.81 3.14 7.65
CA LYS E 553 -32.59 2.58 8.75
C LYS E 553 -32.01 1.26 9.21
N LEU E 554 -32.04 1.05 10.53
CA LEU E 554 -31.49 -0.14 11.16
C LEU E 554 -32.64 -1.02 11.61
N GLN E 555 -32.63 -2.29 11.19
CA GLN E 555 -33.68 -3.23 11.53
C GLN E 555 -33.08 -4.44 12.24
N THR E 556 -33.78 -4.90 13.29
CA THR E 556 -33.34 -6.08 14.04
C THR E 556 -33.66 -7.33 13.23
N VAL E 557 -32.62 -8.08 12.85
CA VAL E 557 -32.72 -9.25 11.96
C VAL E 557 -32.92 -10.54 12.73
N ALA E 558 -32.03 -10.84 13.69
CA ALA E 558 -32.11 -12.06 14.47
C ALA E 558 -31.79 -11.76 15.92
N GLU E 559 -32.31 -12.59 16.82
CA GLU E 559 -32.20 -12.38 18.26
C GLU E 559 -32.01 -13.75 18.91
N LYS E 560 -30.79 -14.04 19.35
CA LYS E 560 -30.46 -15.31 19.98
C LYS E 560 -30.21 -15.07 21.46
N GLU E 561 -31.11 -15.58 22.31
CA GLU E 561 -30.91 -15.49 23.74
C GLU E 561 -29.82 -16.44 24.19
N VAL E 562 -29.10 -16.05 25.24
CA VAL E 562 -28.07 -16.90 25.85
C VAL E 562 -28.26 -16.87 27.36
N LYS E 563 -27.56 -17.79 28.02
CA LYS E 563 -27.64 -18.02 29.45
C LYS E 563 -26.73 -17.12 30.26
N GLY E 564 -25.97 -16.24 29.62
CA GLY E 564 -25.01 -15.41 30.32
C GLY E 564 -24.57 -14.20 29.50
N ALA E 565 -23.35 -13.73 29.76
CA ALA E 565 -22.82 -12.52 29.15
C ALA E 565 -22.01 -12.85 27.91
N VAL E 566 -22.22 -12.09 26.84
CA VAL E 566 -21.48 -12.27 25.59
C VAL E 566 -20.29 -11.30 25.65
N TYR E 567 -19.21 -11.73 26.30
CA TYR E 567 -18.06 -10.85 26.51
C TYR E 567 -17.35 -10.55 25.20
N SER E 568 -17.20 -11.56 24.34
CA SER E 568 -16.43 -11.38 23.11
C SER E 568 -17.12 -12.11 21.97
N MET E 569 -16.82 -11.64 20.76
CA MET E 569 -17.24 -12.32 19.56
C MET E 569 -16.19 -12.12 18.49
N VAL E 570 -16.09 -13.10 17.59
CA VAL E 570 -15.24 -12.99 16.42
C VAL E 570 -15.93 -13.69 15.25
N GLU E 571 -15.64 -13.23 14.05
CA GLU E 571 -16.01 -13.96 12.85
C GLU E 571 -15.05 -15.13 12.72
N PHE E 572 -15.60 -16.35 12.62
CA PHE E 572 -14.79 -17.57 12.60
C PHE E 572 -15.11 -18.38 11.35
N ASN E 573 -14.41 -18.09 10.25
CA ASN E 573 -14.55 -18.80 8.98
C ASN E 573 -16.02 -19.06 8.63
N GLY E 574 -16.75 -17.96 8.43
CA GLY E 574 -18.15 -18.03 8.09
C GLY E 574 -19.09 -18.31 9.24
N LYS E 575 -18.57 -18.53 10.46
CA LYS E 575 -19.38 -18.84 11.62
C LYS E 575 -19.10 -17.81 12.71
N LEU E 576 -20.04 -17.69 13.66
CA LEU E 576 -19.96 -16.72 14.74
C LEU E 576 -19.49 -17.40 16.00
N LEU E 577 -18.30 -17.04 16.46
CA LEU E 577 -17.73 -17.60 17.68
C LEU E 577 -17.91 -16.60 18.81
N ALA E 578 -18.86 -16.90 19.71
CA ALA E 578 -19.15 -16.05 20.86
C ALA E 578 -18.67 -16.73 22.13
N SER E 579 -18.47 -15.92 23.17
CA SER E 579 -17.97 -16.40 24.45
C SER E 579 -18.98 -16.00 25.52
N ILE E 580 -19.69 -16.97 26.05
CA ILE E 580 -20.71 -16.75 27.07
C ILE E 580 -20.16 -17.29 28.39
N ASN E 581 -19.78 -16.37 29.28
CA ASN E 581 -19.15 -16.70 30.55
C ASN E 581 -17.91 -17.56 30.32
N SER E 582 -17.94 -18.82 30.75
CA SER E 582 -16.82 -19.73 30.54
C SER E 582 -16.95 -20.54 29.27
N THR E 583 -18.11 -20.51 28.64
CA THR E 583 -18.36 -21.25 27.42
C THR E 583 -17.77 -20.53 26.20
N VAL E 584 -17.26 -21.33 25.26
CA VAL E 584 -16.89 -20.84 23.93
C VAL E 584 -17.87 -21.49 22.95
N ARG E 585 -18.93 -20.76 22.60
CA ARG E 585 -20.01 -21.29 21.79
C ARG E 585 -19.81 -20.93 20.33
N LEU E 586 -20.02 -21.90 19.44
CA LEU E 586 -19.89 -21.68 18.01
C LEU E 586 -21.27 -21.71 17.39
N TYR E 587 -21.64 -20.61 16.73
CA TYR E 587 -22.94 -20.48 16.10
C TYR E 587 -22.80 -20.60 14.58
N GLU E 588 -23.90 -21.00 13.94
CA GLU E 588 -23.99 -21.07 12.49
C GLU E 588 -25.23 -20.31 12.04
N TRP E 589 -25.13 -19.66 10.89
CA TRP E 589 -26.17 -18.78 10.38
C TRP E 589 -27.06 -19.60 9.45
N THR E 590 -28.24 -19.99 9.94
CA THR E 590 -29.14 -20.77 9.12
C THR E 590 -29.64 -19.95 7.92
N THR E 591 -30.10 -20.67 6.90
CA THR E 591 -30.69 -20.00 5.75
C THR E 591 -31.95 -19.23 6.13
N GLU E 592 -32.63 -19.66 7.20
CA GLU E 592 -33.80 -18.98 7.73
C GLU E 592 -33.44 -17.77 8.58
N LYS E 593 -32.18 -17.33 8.52
CA LYS E 593 -31.68 -16.12 9.17
C LYS E 593 -31.90 -16.18 10.69
N GLU E 594 -31.31 -17.21 11.28
CA GLU E 594 -31.31 -17.44 12.72
C GLU E 594 -29.95 -17.99 13.12
N LEU E 595 -29.68 -17.98 14.42
CA LEU E 595 -28.43 -18.48 14.97
C LEU E 595 -28.67 -19.83 15.63
N ARG E 596 -27.91 -20.84 15.21
CA ARG E 596 -28.06 -22.22 15.69
C ARG E 596 -26.77 -22.67 16.34
N THR E 597 -26.87 -23.10 17.60
CA THR E 597 -25.71 -23.61 18.31
C THR E 597 -25.12 -24.82 17.58
N GLU E 598 -23.81 -24.78 17.34
CA GLU E 598 -23.08 -25.91 16.79
C GLU E 598 -22.15 -26.56 17.81
N CYS E 599 -21.28 -25.76 18.44
CA CYS E 599 -20.27 -26.28 19.37
C CYS E 599 -20.29 -25.51 20.68
N ASN E 600 -19.75 -26.16 21.71
CA ASN E 600 -19.48 -25.55 22.99
C ASN E 600 -18.13 -26.05 23.46
N HIS E 601 -17.44 -25.23 24.25
CA HIS E 601 -16.23 -25.68 24.91
C HIS E 601 -16.19 -24.99 26.27
N TYR E 602 -16.30 -25.79 27.34
CA TYR E 602 -16.41 -25.26 28.68
C TYR E 602 -15.02 -25.21 29.30
N ASN E 603 -14.61 -24.00 29.71
CA ASN E 603 -13.22 -23.74 30.06
C ASN E 603 -13.06 -23.48 31.54
N ASN E 604 -11.79 -23.47 31.96
CA ASN E 604 -11.43 -23.14 33.33
C ASN E 604 -11.50 -21.66 33.60
N ILE E 605 -11.62 -20.83 32.57
CA ILE E 605 -11.47 -19.39 32.72
C ILE E 605 -12.58 -18.71 31.96
N MET E 606 -12.80 -17.45 32.32
CA MET E 606 -13.83 -16.66 31.67
C MET E 606 -13.27 -16.12 30.36
N ALA E 607 -13.98 -16.36 29.26
CA ALA E 607 -13.48 -16.07 27.92
C ALA E 607 -13.62 -14.59 27.60
N LEU E 608 -12.75 -13.77 28.22
CA LEU E 608 -12.90 -12.32 28.12
C LEU E 608 -12.31 -11.80 26.82
N TYR E 609 -11.08 -12.17 26.53
CA TYR E 609 -10.42 -11.81 25.28
C TYR E 609 -10.52 -12.96 24.30
N LEU E 610 -10.85 -12.65 23.05
CA LEU E 610 -11.06 -13.65 22.02
C LEU E 610 -10.49 -13.10 20.71
N LYS E 611 -9.45 -13.76 20.20
CA LYS E 611 -8.87 -13.46 18.89
C LYS E 611 -8.74 -14.78 18.13
N THR E 612 -8.87 -14.72 16.81
CA THR E 612 -8.87 -15.93 15.99
C THR E 612 -8.00 -15.75 14.75
N LYS E 613 -7.28 -16.81 14.39
CA LYS E 613 -6.48 -16.86 13.17
C LYS E 613 -6.75 -18.20 12.48
N GLY E 614 -7.56 -18.19 11.43
CA GLY E 614 -7.87 -19.42 10.73
C GLY E 614 -8.68 -20.37 11.59
N ASP E 615 -8.07 -21.46 12.03
CA ASP E 615 -8.70 -22.42 12.93
C ASP E 615 -8.24 -22.27 14.38
N PHE E 616 -7.36 -21.33 14.66
CA PHE E 616 -6.92 -21.04 16.03
C PHE E 616 -7.88 -20.08 16.72
N ILE E 617 -8.02 -20.28 18.02
CA ILE E 617 -8.75 -19.36 18.90
C ILE E 617 -7.85 -19.06 20.09
N LEU E 618 -7.62 -17.79 20.35
CA LEU E 618 -6.87 -17.37 21.53
C LEU E 618 -7.83 -16.81 22.57
N VAL E 619 -7.75 -17.35 23.79
CA VAL E 619 -8.67 -16.97 24.86
C VAL E 619 -7.86 -16.54 26.07
N GLY E 620 -8.37 -15.54 26.78
CA GLY E 620 -7.73 -15.06 28.00
C GLY E 620 -8.76 -14.47 28.93
N ASP E 621 -8.49 -14.59 30.23
CA ASP E 621 -9.30 -13.95 31.26
C ASP E 621 -8.50 -12.82 31.90
N LEU E 622 -9.11 -12.18 32.90
CA LEU E 622 -8.53 -10.99 33.51
C LEU E 622 -7.27 -11.27 34.30
N MET E 623 -6.90 -12.54 34.50
CA MET E 623 -5.77 -12.89 35.35
C MET E 623 -4.67 -13.59 34.57
N ARG E 624 -4.47 -13.14 33.32
CA ARG E 624 -3.36 -13.56 32.47
C ARG E 624 -3.33 -15.07 32.28
N SER E 625 -4.49 -15.71 32.41
CA SER E 625 -4.61 -17.13 32.09
C SER E 625 -4.81 -17.23 30.59
N VAL E 626 -3.76 -17.62 29.87
CA VAL E 626 -3.78 -17.72 28.41
C VAL E 626 -4.14 -19.14 28.03
N LEU E 627 -5.06 -19.27 27.08
CA LEU E 627 -5.60 -20.56 26.69
C LEU E 627 -5.77 -20.59 25.17
N LEU E 628 -5.32 -21.67 24.55
CA LEU E 628 -5.24 -21.81 23.10
C LEU E 628 -6.08 -23.00 22.64
N LEU E 629 -7.16 -22.71 21.89
CA LEU E 629 -8.07 -23.72 21.33
C LEU E 629 -7.91 -23.82 19.82
N ALA E 630 -8.46 -24.91 19.27
CA ALA E 630 -8.38 -25.21 17.84
C ALA E 630 -9.65 -25.93 17.41
N TYR E 631 -10.21 -25.50 16.28
CA TYR E 631 -11.42 -26.12 15.76
C TYR E 631 -11.05 -27.37 14.99
N LYS E 632 -11.61 -28.51 15.41
CA LYS E 632 -11.44 -29.75 14.68
C LYS E 632 -12.58 -29.86 13.68
N PRO E 633 -12.33 -29.68 12.36
CA PRO E 633 -13.44 -29.65 11.41
C PRO E 633 -14.15 -30.99 11.27
N MET E 634 -13.39 -32.08 11.15
CA MET E 634 -13.99 -33.39 10.95
C MET E 634 -14.86 -33.80 12.12
N GLU E 635 -14.40 -33.56 13.35
CA GLU E 635 -15.14 -34.00 14.53
C GLU E 635 -16.31 -33.08 14.87
N GLY E 636 -16.19 -31.79 14.57
CA GLY E 636 -17.26 -30.84 14.88
C GLY E 636 -17.30 -30.42 16.33
N ASN E 637 -16.16 -30.01 16.87
CA ASN E 637 -16.03 -29.59 18.27
C ASN E 637 -14.65 -28.96 18.43
N PHE E 638 -14.37 -28.48 19.63
CA PHE E 638 -13.13 -27.78 19.92
C PHE E 638 -12.15 -28.67 20.68
N GLU E 639 -10.87 -28.40 20.47
CA GLU E 639 -9.80 -29.16 21.10
C GLU E 639 -8.75 -28.19 21.63
N GLU E 640 -8.31 -28.38 22.88
CA GLU E 640 -7.30 -27.50 23.45
C GLU E 640 -5.91 -27.90 22.98
N ILE E 641 -5.08 -26.89 22.70
CA ILE E 641 -3.71 -27.10 22.26
C ILE E 641 -2.76 -26.93 23.44
N ALA E 642 -2.75 -25.75 24.04
CA ALA E 642 -1.79 -25.44 25.09
C ALA E 642 -2.38 -24.36 25.98
N ARG E 643 -1.64 -24.03 27.04
CA ARG E 643 -2.07 -23.01 28.00
C ARG E 643 -0.87 -22.54 28.82
N ASP E 644 -1.09 -21.44 29.53
CA ASP E 644 -0.12 -20.93 30.50
C ASP E 644 -0.89 -20.07 31.51
N PHE E 645 -1.24 -20.66 32.66
CA PHE E 645 -1.95 -19.95 33.71
C PHE E 645 -0.93 -19.45 34.72
N ASN E 646 -0.58 -18.17 34.63
CA ASN E 646 0.16 -17.46 35.65
C ASN E 646 -0.67 -16.29 36.14
N PRO E 647 -1.05 -16.21 37.41
CA PRO E 647 -1.94 -15.11 37.85
C PRO E 647 -1.23 -13.75 37.83
N ASN E 648 -1.84 -12.82 37.11
CA ASN E 648 -1.46 -11.41 37.02
C ASN E 648 -2.53 -10.70 36.21
N TRP E 649 -2.78 -9.43 36.46
CA TRP E 649 -3.84 -8.73 35.74
C TRP E 649 -3.48 -8.59 34.27
N MET E 650 -4.43 -8.88 33.37
CA MET E 650 -4.20 -8.78 31.94
C MET E 650 -5.21 -7.85 31.29
N SER E 651 -4.74 -7.04 30.33
CA SER E 651 -5.53 -5.97 29.74
C SER E 651 -5.91 -6.17 28.28
N ALA E 652 -5.11 -6.86 27.47
CA ALA E 652 -5.51 -7.16 26.10
C ALA E 652 -4.58 -8.23 25.55
N VAL E 653 -4.95 -8.75 24.37
CA VAL E 653 -4.24 -9.88 23.79
C VAL E 653 -4.39 -9.86 22.27
N GLU E 654 -3.42 -10.45 21.58
CA GLU E 654 -3.39 -10.49 20.12
C GLU E 654 -2.52 -11.65 19.66
N ILE E 655 -2.93 -12.25 18.55
CA ILE E 655 -2.21 -13.35 17.93
C ILE E 655 -1.20 -12.76 16.96
N LEU E 656 0.10 -12.95 17.25
CA LEU E 656 1.14 -12.47 16.35
C LEU E 656 1.20 -13.33 15.09
N ASP E 657 1.49 -14.62 15.25
CA ASP E 657 1.40 -15.61 14.18
C ASP E 657 0.81 -16.89 14.77
N ASP E 658 0.85 -17.96 13.98
CA ASP E 658 0.27 -19.23 14.43
C ASP E 658 0.90 -19.72 15.73
N ASP E 659 2.14 -19.32 16.03
CA ASP E 659 2.87 -19.86 17.16
C ASP E 659 3.17 -18.84 18.26
N ASN E 660 3.18 -17.53 17.96
CA ASN E 660 3.48 -16.50 18.94
C ASN E 660 2.23 -15.72 19.34
N PHE E 661 2.19 -15.28 20.61
CA PHE E 661 1.03 -14.57 21.16
C PHE E 661 1.50 -13.44 22.07
N LEU E 662 0.89 -12.26 21.90
CA LEU E 662 1.24 -11.05 22.61
C LEU E 662 0.13 -10.65 23.57
N GLY E 663 0.51 -10.27 24.80
CA GLY E 663 -0.44 -9.76 25.77
C GLY E 663 0.19 -8.67 26.61
N ALA E 664 -0.68 -7.86 27.24
CA ALA E 664 -0.24 -6.78 28.11
C ALA E 664 -0.71 -7.07 29.52
N GLU E 665 0.20 -7.03 30.48
CA GLU E 665 -0.09 -7.47 31.82
C GLU E 665 0.33 -6.40 32.82
N ASN E 666 0.07 -6.69 34.10
CA ASN E 666 0.15 -5.69 35.14
C ASN E 666 1.51 -5.04 35.26
N ALA E 667 1.44 -3.76 35.66
CA ALA E 667 2.55 -2.82 35.78
C ALA E 667 3.03 -2.36 34.41
N PHE E 668 2.10 -2.22 33.47
CA PHE E 668 2.38 -1.66 32.14
C PHE E 668 3.45 -2.48 31.43
N ASN E 669 3.34 -3.80 31.49
CA ASN E 669 4.31 -4.65 30.84
C ASN E 669 3.71 -5.25 29.58
N LEU E 670 4.59 -5.71 28.70
CA LEU E 670 4.23 -6.52 27.55
C LEU E 670 4.92 -7.86 27.72
N PHE E 671 4.24 -8.92 27.28
CA PHE E 671 4.80 -10.26 27.33
C PHE E 671 4.43 -11.02 26.07
N VAL E 672 5.27 -11.98 25.69
CA VAL E 672 5.02 -12.85 24.56
C VAL E 672 5.06 -14.31 25.01
N CYS E 673 3.96 -15.02 24.80
CA CYS E 673 3.88 -16.45 25.01
C CYS E 673 4.02 -17.16 23.68
N GLN E 674 4.70 -18.31 23.67
CA GLN E 674 5.06 -18.97 22.43
C GLN E 674 4.75 -20.45 22.49
N LYS E 675 4.24 -20.99 21.38
CA LYS E 675 4.04 -22.44 21.30
C LYS E 675 5.40 -23.12 21.33
N ASP E 676 5.60 -23.96 22.35
CA ASP E 676 6.91 -24.54 22.62
C ASP E 676 7.45 -25.29 21.42
N SER E 677 8.44 -24.71 20.74
CA SER E 677 9.19 -25.49 19.77
C SER E 677 10.15 -26.43 20.52
N ALA E 678 10.55 -27.50 19.84
CA ALA E 678 11.27 -28.61 20.47
C ALA E 678 10.41 -29.24 21.56
N ALA E 679 9.13 -29.40 21.28
CA ALA E 679 8.18 -30.01 22.20
C ALA E 679 8.02 -31.49 21.86
N THR E 680 8.61 -32.36 22.70
CA THR E 680 8.59 -33.81 22.52
C THR E 680 7.47 -34.50 23.30
N THR E 681 7.31 -34.17 24.60
CA THR E 681 6.20 -34.69 25.40
C THR E 681 4.90 -33.96 25.05
N ASP E 682 3.78 -34.69 25.17
CA ASP E 682 2.47 -34.03 25.13
C ASP E 682 2.28 -33.13 26.34
N GLU E 683 3.07 -33.34 27.40
CA GLU E 683 3.05 -32.45 28.56
C GLU E 683 3.60 -31.06 28.20
N GLU E 684 4.80 -31.01 27.61
CA GLU E 684 5.41 -29.73 27.29
C GLU E 684 4.88 -29.13 25.99
N ARG E 685 4.28 -29.93 25.12
CA ARG E 685 3.52 -29.39 23.99
C ARG E 685 2.43 -28.44 24.47
N GLN E 686 1.66 -28.87 25.47
CA GLN E 686 0.53 -28.12 26.03
C GLN E 686 0.94 -27.02 27.01
N HIS E 687 2.20 -26.58 27.02
CA HIS E 687 2.62 -25.45 27.84
C HIS E 687 3.38 -24.46 26.99
N LEU E 688 3.00 -23.19 27.11
CA LEU E 688 3.59 -22.10 26.35
C LEU E 688 4.71 -21.49 27.17
N GLN E 689 5.82 -21.17 26.53
CA GLN E 689 6.97 -20.61 27.22
C GLN E 689 6.99 -19.10 27.06
N GLU E 690 7.10 -18.39 28.18
CA GLU E 690 7.25 -16.94 28.15
C GLU E 690 8.60 -16.61 27.52
N VAL E 691 8.56 -15.94 26.37
CA VAL E 691 9.76 -15.64 25.59
C VAL E 691 10.08 -14.16 25.54
N GLY E 692 9.14 -13.29 25.90
CA GLY E 692 9.41 -11.87 25.86
C GLY E 692 8.74 -11.11 26.99
N LEU E 693 9.50 -10.22 27.62
CA LEU E 693 9.04 -9.39 28.73
C LEU E 693 9.59 -8.00 28.52
N PHE E 694 8.77 -6.98 28.78
CA PHE E 694 9.16 -5.61 28.47
C PHE E 694 8.27 -4.69 29.29
N HIS E 695 8.89 -3.73 29.96
CA HIS E 695 8.14 -2.71 30.69
C HIS E 695 7.87 -1.57 29.72
N LEU E 696 6.67 -1.58 29.13
CA LEU E 696 6.31 -0.56 28.15
C LEU E 696 6.03 0.79 28.78
N GLY E 697 5.47 0.80 29.98
CA GLY E 697 5.09 2.04 30.63
C GLY E 697 3.68 2.51 30.37
N GLU E 698 2.93 1.83 29.51
CA GLU E 698 1.56 2.24 29.24
C GLU E 698 0.61 1.08 29.51
N PHE E 699 -0.67 1.41 29.66
CA PHE E 699 -1.74 0.43 29.86
C PHE E 699 -2.43 0.20 28.52
N VAL E 700 -2.26 -0.99 27.95
CA VAL E 700 -2.79 -1.28 26.62
C VAL E 700 -4.24 -1.74 26.75
N ASN E 701 -5.11 -1.11 25.97
CA ASN E 701 -6.52 -1.47 26.01
C ASN E 701 -6.97 -2.28 24.82
N VAL E 702 -6.29 -2.12 23.68
CA VAL E 702 -6.75 -2.67 22.41
C VAL E 702 -5.53 -2.99 21.56
N PHE E 703 -5.59 -4.13 20.86
CA PHE E 703 -4.60 -4.52 19.88
C PHE E 703 -5.27 -4.62 18.52
N CYS E 704 -4.58 -4.20 17.48
CA CYS E 704 -5.20 -4.10 16.18
C CYS E 704 -4.16 -4.36 15.11
N HIS E 705 -4.51 -5.18 14.13
CA HIS E 705 -3.63 -5.44 13.00
C HIS E 705 -3.77 -4.36 11.95
N GLY E 706 -2.67 -3.79 11.52
CA GLY E 706 -2.68 -2.81 10.46
C GLY E 706 -1.47 -1.89 10.56
N SER E 707 -1.29 -1.07 9.54
CA SER E 707 -0.17 -0.14 9.52
C SER E 707 -0.62 1.19 8.96
N LEU E 708 -0.07 2.26 9.52
CA LEU E 708 -0.39 3.62 9.13
C LEU E 708 0.55 4.16 8.06
N VAL E 709 1.33 3.30 7.41
CA VAL E 709 2.24 3.75 6.38
C VAL E 709 1.86 3.13 5.05
N MET E 710 2.39 3.74 3.99
CA MET E 710 2.16 3.29 2.63
C MET E 710 3.02 2.07 2.30
N GLN E 711 2.62 0.90 2.83
CA GLN E 711 3.32 -0.37 2.66
C GLN E 711 4.79 -0.21 2.28
N ASN E 712 5.22 -0.84 1.18
CA ASN E 712 6.56 -0.54 0.67
C ASN E 712 6.68 -1.15 -0.73
N LEU E 713 7.26 -2.35 -0.79
CA LEU E 713 7.45 -3.12 -2.01
C LEU E 713 7.40 -4.59 -1.64
N GLY E 714 6.92 -5.40 -2.58
CA GLY E 714 6.85 -6.84 -2.35
C GLY E 714 8.19 -7.46 -2.03
N GLU E 715 8.29 -8.07 -0.85
CA GLU E 715 9.53 -8.60 -0.28
C GLU E 715 10.74 -7.75 -0.66
N THR E 716 10.73 -6.52 -0.17
CA THR E 716 11.79 -5.55 -0.36
C THR E 716 12.83 -5.72 0.75
N SER E 717 13.21 -6.97 1.03
CA SER E 717 14.02 -7.31 2.21
C SER E 717 13.42 -6.63 3.45
N THR E 718 12.09 -6.76 3.58
CA THR E 718 11.32 -6.19 4.68
C THR E 718 11.98 -6.60 6.01
N PRO E 719 12.47 -5.63 6.81
CA PRO E 719 13.23 -5.99 8.01
C PRO E 719 12.33 -6.51 9.12
N THR E 720 11.07 -6.09 9.13
CA THR E 720 10.06 -6.53 10.07
C THR E 720 8.98 -7.36 9.36
N GLN E 721 8.42 -8.33 10.08
CA GLN E 721 7.28 -9.14 9.62
C GLN E 721 6.13 -9.01 10.62
N GLY E 722 4.92 -8.78 10.12
CA GLY E 722 3.76 -8.52 10.95
C GLY E 722 3.68 -7.05 11.36
N SER E 723 2.48 -6.62 11.71
CA SER E 723 2.31 -5.23 12.13
C SER E 723 1.10 -5.13 13.04
N VAL E 724 1.32 -4.78 14.31
CA VAL E 724 0.26 -4.66 15.29
C VAL E 724 0.33 -3.28 15.92
N LEU E 725 -0.80 -2.58 15.89
CA LEU E 725 -0.97 -1.31 16.57
C LEU E 725 -1.64 -1.52 17.92
N PHE E 726 -1.47 -0.55 18.81
CA PHE E 726 -2.19 -0.63 20.08
C PHE E 726 -2.45 0.76 20.64
N GLY E 727 -3.62 0.91 21.26
CA GLY E 727 -4.00 2.14 21.93
C GLY E 727 -4.00 1.93 23.44
N THR E 728 -3.62 2.98 24.16
CA THR E 728 -3.42 2.91 25.60
C THR E 728 -4.28 3.93 26.34
N VAL E 729 -4.12 3.94 27.66
CA VAL E 729 -4.95 4.78 28.51
C VAL E 729 -4.53 6.24 28.40
N ASN E 730 -3.22 6.50 28.31
CA ASN E 730 -2.74 7.88 28.28
C ASN E 730 -2.70 8.47 26.87
N GLY E 731 -3.45 7.89 25.91
CA GLY E 731 -3.49 8.35 24.54
C GLY E 731 -2.33 7.92 23.66
N MET E 732 -1.31 7.31 24.23
CA MET E 732 -0.16 6.81 23.50
C MET E 732 -0.57 5.70 22.52
N ILE E 733 -0.11 5.79 21.27
CA ILE E 733 -0.32 4.74 20.27
C ILE E 733 1.04 4.16 19.91
N GLY E 734 1.16 2.83 20.03
CA GLY E 734 2.39 2.14 19.71
C GLY E 734 2.22 1.09 18.63
N LEU E 735 3.34 0.66 18.08
CA LEU E 735 3.36 -0.39 17.07
C LEU E 735 4.39 -1.44 17.45
N VAL E 736 4.00 -2.70 17.31
CA VAL E 736 4.89 -3.83 17.58
C VAL E 736 5.00 -4.66 16.32
N THR E 737 6.22 -5.04 15.99
CA THR E 737 6.50 -5.78 14.78
C THR E 737 7.64 -6.76 15.08
N SER E 738 7.61 -7.91 14.38
CA SER E 738 8.55 -9.01 14.66
C SER E 738 9.79 -8.94 13.76
N LEU E 739 10.88 -9.51 14.26
CA LEU E 739 12.20 -9.44 13.63
C LEU E 739 12.78 -10.83 13.40
N SER E 740 13.97 -10.85 12.80
CA SER E 740 14.80 -12.04 12.66
C SER E 740 15.88 -12.06 13.72
N GLU E 741 16.47 -13.25 13.92
CA GLU E 741 17.41 -13.41 15.02
C GLU E 741 18.62 -12.50 14.85
N SER E 742 19.14 -12.39 13.63
CA SER E 742 20.34 -11.58 13.40
C SER E 742 20.09 -10.09 13.68
N TRP E 743 18.91 -9.58 13.31
CA TRP E 743 18.59 -8.17 13.56
C TRP E 743 18.41 -7.90 15.05
N TYR E 744 17.62 -8.74 15.73
CA TYR E 744 17.45 -8.61 17.18
C TYR E 744 18.79 -8.60 17.90
N ASN E 745 19.64 -9.60 17.65
CA ASN E 745 20.96 -9.65 18.27
C ASN E 745 21.76 -8.39 17.97
N LEU E 746 21.59 -7.84 16.75
CA LEU E 746 22.32 -6.63 16.38
C LEU E 746 21.75 -5.43 17.12
N LEU E 747 20.45 -5.20 17.01
CA LEU E 747 19.81 -4.08 17.68
C LEU E 747 19.95 -4.16 19.19
N LEU E 748 19.96 -5.36 19.76
CA LEU E 748 20.21 -5.48 21.20
C LEU E 748 21.61 -4.96 21.55
N ASP E 749 22.63 -5.40 20.79
CA ASP E 749 23.97 -4.86 20.96
C ASP E 749 24.03 -3.36 20.65
N MET E 750 23.19 -2.89 19.73
CA MET E 750 23.06 -1.46 19.48
C MET E 750 22.56 -0.72 20.72
N GLN E 751 21.53 -1.27 21.37
CA GLN E 751 20.99 -0.63 22.56
C GLN E 751 22.05 -0.47 23.64
N ASN E 752 22.83 -1.52 23.90
CA ASN E 752 23.79 -1.41 25.00
C ASN E 752 24.91 -0.43 24.67
N ARG E 753 25.17 -0.18 23.39
CA ARG E 753 26.15 0.84 23.02
C ARG E 753 25.56 2.24 23.15
N LEU E 754 24.32 2.43 22.70
CA LEU E 754 23.65 3.72 22.83
C LEU E 754 23.53 4.13 24.30
N ASN E 755 23.26 3.17 25.18
CA ASN E 755 23.07 3.50 26.60
C ASN E 755 24.30 4.13 27.23
N LYS E 756 25.49 3.78 26.75
CA LYS E 756 26.69 4.36 27.33
C LYS E 756 26.92 5.80 26.86
N VAL E 757 26.53 6.12 25.62
CA VAL E 757 26.71 7.47 25.10
C VAL E 757 25.51 8.37 25.33
N ILE E 758 24.29 7.81 25.48
CA ILE E 758 23.09 8.61 25.66
C ILE E 758 23.03 9.13 27.09
N LYS E 759 22.63 10.39 27.24
CA LYS E 759 22.51 11.01 28.55
C LYS E 759 21.07 10.87 29.02
N SER E 760 20.87 10.08 30.06
CA SER E 760 19.54 9.82 30.58
C SER E 760 19.10 10.93 31.52
N VAL E 761 17.85 11.37 31.35
CA VAL E 761 17.29 12.36 32.26
C VAL E 761 17.15 11.74 33.64
N GLY E 762 17.71 12.43 34.64
CA GLY E 762 17.71 11.90 35.99
C GLY E 762 18.67 10.78 36.25
N LYS E 763 19.55 10.48 35.29
CA LYS E 763 20.53 9.40 35.39
C LYS E 763 19.86 8.06 35.71
N ILE E 764 18.75 7.78 35.04
CA ILE E 764 18.05 6.51 35.16
C ILE E 764 18.64 5.54 34.15
N GLU E 765 19.02 4.36 34.60
CA GLU E 765 19.63 3.41 33.69
C GLU E 765 18.56 2.82 32.79
N HIS E 766 18.76 2.90 31.47
CA HIS E 766 17.76 2.43 30.53
C HIS E 766 17.37 0.98 30.80
N SER E 767 18.37 0.12 31.01
CA SER E 767 18.07 -1.28 31.29
C SER E 767 17.09 -1.42 32.46
N PHE E 768 17.26 -0.58 33.49
CA PHE E 768 16.37 -0.59 34.64
C PHE E 768 14.95 -0.16 34.25
N TRP E 769 14.85 0.84 33.39
CA TRP E 769 13.55 1.37 33.02
C TRP E 769 12.72 0.33 32.28
N ARG E 770 13.32 -0.39 31.36
CA ARG E 770 12.58 -1.40 30.62
C ARG E 770 12.50 -2.74 31.34
N SER E 771 13.23 -2.90 32.45
CA SER E 771 13.18 -4.13 33.23
C SER E 771 11.75 -4.48 33.63
N PHE E 772 11.33 -5.70 33.31
CA PHE E 772 10.03 -6.19 33.74
C PHE E 772 9.85 -5.98 35.23
N HIS E 773 8.73 -5.35 35.61
CA HIS E 773 8.52 -5.01 37.01
C HIS E 773 7.10 -5.36 37.43
N THR E 774 6.99 -6.08 38.55
CA THR E 774 5.77 -6.18 39.36
C THR E 774 6.19 -6.09 40.82
N GLU E 775 5.20 -5.99 41.72
CA GLU E 775 5.49 -5.81 43.14
C GLU E 775 6.32 -6.96 43.71
N ARG E 776 6.21 -8.16 43.12
CA ARG E 776 6.94 -9.34 43.58
C ARG E 776 8.25 -9.55 42.82
N LYS E 777 8.20 -9.53 41.49
CA LYS E 777 9.29 -9.98 40.63
C LYS E 777 9.84 -8.81 39.82
N THR E 778 11.16 -8.79 39.60
CA THR E 778 11.80 -7.79 38.75
C THR E 778 12.92 -8.48 37.97
N GLU E 779 12.69 -8.63 36.65
CA GLU E 779 13.62 -9.28 35.72
C GLU E 779 14.01 -8.30 34.62
N PRO E 780 15.04 -8.61 33.84
CA PRO E 780 15.37 -7.74 32.71
C PRO E 780 14.55 -8.07 31.47
N ALA E 781 14.43 -7.07 30.60
CA ALA E 781 13.60 -7.21 29.42
C ALA E 781 14.31 -8.06 28.37
N THR E 782 13.53 -8.91 27.69
CA THR E 782 14.05 -9.79 26.64
C THR E 782 13.04 -9.89 25.51
N GLY E 783 13.54 -10.19 24.31
CA GLY E 783 12.66 -10.39 23.19
C GLY E 783 12.00 -9.13 22.68
N PHE E 784 12.49 -7.96 23.09
CA PHE E 784 11.88 -6.69 22.73
C PHE E 784 12.96 -5.63 22.52
N ILE E 785 12.86 -4.89 21.42
CA ILE E 785 13.81 -3.83 21.10
C ILE E 785 13.12 -2.48 21.27
N ASP E 786 13.70 -1.61 22.09
CA ASP E 786 13.12 -0.30 22.34
C ASP E 786 13.39 0.57 21.12
N GLY E 787 12.41 0.65 20.22
CA GLY E 787 12.59 1.44 19.01
C GLY E 787 12.87 2.90 19.31
N ASP E 788 12.27 3.43 20.36
CA ASP E 788 12.52 4.82 20.72
C ASP E 788 13.97 5.08 21.08
N LEU E 789 14.64 4.09 21.69
CA LEU E 789 16.06 4.24 21.95
C LEU E 789 16.85 4.14 20.65
N ILE E 790 16.48 3.19 19.79
CA ILE E 790 17.16 3.03 18.51
C ILE E 790 17.02 4.29 17.67
N GLU E 791 15.80 4.78 17.53
CA GLU E 791 15.59 5.96 16.69
C GLU E 791 16.19 7.23 17.27
N SER E 792 16.53 7.25 18.56
CA SER E 792 17.24 8.39 19.12
C SER E 792 18.71 8.46 18.68
N PHE E 793 19.21 7.43 18.00
CA PHE E 793 20.56 7.46 17.45
C PHE E 793 20.72 8.58 16.42
N LEU E 794 19.64 8.94 15.72
CA LEU E 794 19.71 10.00 14.73
C LEU E 794 19.82 11.39 15.35
N ASP E 795 19.49 11.53 16.64
CA ASP E 795 19.51 12.84 17.28
C ASP E 795 20.82 13.16 17.97
N ILE E 796 21.73 12.19 18.12
CA ILE E 796 23.04 12.44 18.71
C ILE E 796 23.99 12.94 17.62
N SER E 797 25.18 13.37 18.01
CA SER E 797 26.15 13.88 17.06
C SER E 797 26.94 12.75 16.41
N ARG E 798 27.49 13.02 15.22
CA ARG E 798 28.36 12.07 14.54
C ARG E 798 29.54 11.54 15.35
N PRO E 799 30.22 12.32 16.22
CA PRO E 799 31.25 11.71 17.06
C PRO E 799 30.70 10.61 17.96
N LYS E 800 29.49 10.80 18.47
CA LYS E 800 28.87 9.75 19.27
C LYS E 800 28.47 8.57 18.41
N MET E 801 28.09 8.81 17.14
CA MET E 801 27.78 7.69 16.25
C MET E 801 29.04 6.84 16.02
N GLN E 802 30.19 7.50 15.82
CA GLN E 802 31.46 6.78 15.70
C GLN E 802 31.81 6.04 16.99
N GLU E 803 31.38 6.56 18.15
CA GLU E 803 31.53 5.82 19.39
C GLU E 803 30.68 4.56 19.38
N VAL E 804 29.47 4.65 18.83
CA VAL E 804 28.55 3.51 18.84
C VAL E 804 29.06 2.40 17.93
N VAL E 805 29.41 2.74 16.70
CA VAL E 805 29.84 1.74 15.72
C VAL E 805 31.23 1.19 16.05
N ALA E 806 31.97 1.85 16.93
CA ALA E 806 33.34 1.47 17.28
C ALA E 806 33.48 -0.01 17.60
N ASN E 807 34.24 -0.72 16.77
CA ASN E 807 34.58 -2.14 16.95
C ASN E 807 33.34 -3.03 16.93
N LEU E 808 32.53 -2.84 15.89
CA LEU E 808 31.29 -3.56 15.67
C LEU E 808 31.24 -3.97 14.21
N GLN E 809 30.86 -5.22 13.95
CA GLN E 809 30.86 -5.75 12.59
C GLN E 809 29.42 -5.89 12.11
N TYR E 810 29.18 -5.49 10.85
CA TYR E 810 27.86 -5.55 10.23
C TYR E 810 27.86 -6.41 8.96
N ASP E 811 26.85 -7.27 8.85
CA ASP E 811 26.58 -8.05 7.65
C ASP E 811 25.92 -7.15 6.61
N ASP E 812 26.68 -6.68 5.62
CA ASP E 812 26.21 -5.62 4.72
C ASP E 812 25.08 -6.12 3.81
N GLY E 813 25.37 -7.10 2.96
CA GLY E 813 24.42 -7.61 1.99
C GLY E 813 25.04 -8.74 1.19
N SER E 814 24.34 -9.87 1.09
CA SER E 814 24.88 -11.10 0.48
C SER E 814 26.19 -11.52 1.17
N GLY E 815 26.14 -11.61 2.49
CA GLY E 815 27.34 -11.82 3.30
C GLY E 815 28.00 -10.49 3.63
N MET E 816 29.31 -10.40 3.38
CA MET E 816 30.07 -9.15 3.55
C MET E 816 30.12 -8.65 5.00
N LYS E 817 30.18 -9.56 5.98
CA LYS E 817 30.29 -9.14 7.38
C LYS E 817 31.58 -8.37 7.62
N ARG E 818 31.52 -7.02 7.65
CA ARG E 818 32.70 -6.17 7.81
C ARG E 818 32.37 -4.96 8.69
N GLU E 819 33.43 -4.23 9.07
CA GLU E 819 33.34 -3.06 9.93
C GLU E 819 32.23 -2.10 9.53
N ALA E 820 31.27 -1.93 10.44
CA ALA E 820 30.16 -1.00 10.26
C ALA E 820 30.63 0.44 10.35
N THR E 821 30.37 1.22 9.30
CA THR E 821 30.52 2.66 9.33
C THR E 821 29.27 3.28 9.96
N ALA E 822 29.41 4.52 10.43
CA ALA E 822 28.25 5.25 10.95
C ALA E 822 27.15 5.41 9.91
N ASP E 823 27.47 5.26 8.62
CA ASP E 823 26.48 5.38 7.55
C ASP E 823 25.78 4.07 7.23
N ASP E 824 26.44 2.92 7.39
CA ASP E 824 25.73 1.64 7.36
C ASP E 824 24.55 1.65 8.33
N LEU E 825 24.80 2.18 9.53
CA LEU E 825 23.84 2.16 10.62
C LEU E 825 22.74 3.20 10.44
N ILE E 826 23.11 4.41 10.01
CA ILE E 826 22.14 5.49 9.81
C ILE E 826 21.07 5.06 8.80
N LYS E 827 21.49 4.42 7.70
CA LYS E 827 20.53 3.96 6.72
C LYS E 827 19.57 2.91 7.29
N VAL E 828 20.01 2.15 8.29
CA VAL E 828 19.14 1.14 8.89
C VAL E 828 18.09 1.77 9.80
N VAL E 829 18.50 2.75 10.63
CA VAL E 829 17.54 3.42 11.50
C VAL E 829 16.48 4.14 10.68
N GLU E 830 16.89 4.74 9.56
CA GLU E 830 15.93 5.32 8.63
C GLU E 830 14.92 4.29 8.12
N GLU E 831 15.39 3.06 7.82
CA GLU E 831 14.50 2.00 7.36
C GLU E 831 13.42 1.68 8.40
N LEU E 832 13.70 1.93 9.68
CA LEU E 832 12.76 1.67 10.75
C LEU E 832 11.83 2.84 11.05
N THR E 833 12.27 4.08 10.84
CA THR E 833 11.38 5.22 11.01
C THR E 833 10.23 5.23 10.01
N ARG E 834 10.34 4.46 8.91
CA ARG E 834 9.32 4.42 7.88
C ARG E 834 8.15 3.50 8.21
N ILE E 835 8.21 2.73 9.30
CA ILE E 835 7.07 1.89 9.68
C ILE E 835 6.07 2.61 10.58
N HIS E 836 6.31 3.88 10.92
CA HIS E 836 5.32 4.69 11.62
C HIS E 836 5.40 6.18 11.21
N SER F 1 -42.82 -59.15 67.67
CA SER F 1 -42.99 -58.40 66.42
C SER F 1 -44.15 -57.38 66.50
N GLU F 2 -44.53 -56.98 67.72
CA GLU F 2 -45.46 -55.87 67.87
C GLU F 2 -44.76 -54.55 68.17
N ARG F 3 -43.43 -54.57 68.40
CA ARG F 3 -42.59 -53.38 68.49
C ARG F 3 -43.09 -52.40 69.55
N PRO F 4 -42.89 -52.72 70.83
CA PRO F 4 -43.37 -51.83 71.89
C PRO F 4 -42.27 -51.00 72.54
N PHE F 5 -41.14 -50.83 71.87
CA PHE F 5 -40.03 -50.01 72.34
C PHE F 5 -39.83 -48.85 71.36
N HIS F 6 -40.27 -47.65 71.73
CA HIS F 6 -40.21 -46.50 70.84
C HIS F 6 -39.13 -45.52 71.25
N CYS F 7 -38.52 -44.90 70.24
CA CYS F 7 -37.57 -43.80 70.41
C CYS F 7 -38.29 -42.46 70.40
N ASN F 8 -38.10 -41.66 71.46
CA ASN F 8 -38.73 -40.34 71.49
C ASN F 8 -38.09 -39.33 70.54
N GLN F 9 -36.88 -39.59 70.05
CA GLN F 9 -36.29 -38.58 69.17
C GLN F 9 -36.87 -38.68 67.78
N CYS F 10 -36.65 -39.83 67.11
CA CYS F 10 -37.30 -40.08 65.83
C CYS F 10 -38.57 -40.86 66.15
N GLY F 11 -38.93 -41.87 65.39
CA GLY F 11 -40.14 -42.58 65.76
C GLY F 11 -39.94 -44.07 65.88
N ALA F 12 -38.68 -44.49 65.68
CA ALA F 12 -38.35 -45.91 65.49
C ALA F 12 -38.97 -46.80 66.54
N SER F 13 -39.62 -47.86 66.07
CA SER F 13 -40.14 -48.95 66.87
C SER F 13 -39.21 -50.16 66.85
N PHE F 14 -39.04 -50.82 68.00
CA PHE F 14 -38.21 -52.00 68.08
C PHE F 14 -38.91 -53.10 68.87
N THR F 15 -38.48 -54.33 68.63
CA THR F 15 -39.10 -55.51 69.21
C THR F 15 -38.41 -56.00 70.48
N GLN F 16 -37.16 -55.65 70.73
CA GLN F 16 -36.53 -55.87 72.02
C GLN F 16 -35.86 -54.59 72.47
N LYS F 17 -35.83 -54.39 73.79
CA LYS F 17 -35.39 -53.12 74.37
C LYS F 17 -33.97 -52.77 73.93
N GLY F 18 -33.00 -53.66 74.18
CA GLY F 18 -31.61 -53.40 73.87
C GLY F 18 -31.30 -52.96 72.45
N ASN F 19 -32.22 -53.21 71.52
CA ASN F 19 -32.10 -52.69 70.18
C ASN F 19 -32.43 -51.20 70.14
N LEU F 20 -33.38 -50.79 70.99
CA LEU F 20 -33.69 -49.36 71.09
C LEU F 20 -32.55 -48.60 71.76
N LEU F 21 -31.90 -49.18 72.77
CA LEU F 21 -30.70 -48.54 73.32
C LEU F 21 -29.60 -48.42 72.26
N ARG F 22 -29.38 -49.45 71.44
CA ARG F 22 -28.47 -49.28 70.31
C ARG F 22 -28.91 -48.13 69.42
N HIS F 23 -30.22 -47.90 69.32
CA HIS F 23 -30.72 -46.84 68.45
C HIS F 23 -30.45 -45.46 69.01
N ILE F 24 -30.86 -45.21 70.26
CA ILE F 24 -30.71 -43.89 70.87
C ILE F 24 -29.24 -43.48 71.00
N LYS F 25 -28.31 -44.42 70.85
CA LYS F 25 -26.88 -44.10 70.86
C LYS F 25 -26.43 -43.51 69.52
N LEU F 26 -27.04 -43.97 68.42
CA LEU F 26 -26.75 -43.43 67.11
C LEU F 26 -27.26 -42.00 66.92
N HIS F 27 -28.24 -41.56 67.72
CA HIS F 27 -28.71 -40.18 67.60
C HIS F 27 -27.68 -39.18 68.07
N SER F 28 -26.84 -39.58 69.02
CA SER F 28 -25.84 -38.69 69.59
C SER F 28 -24.75 -38.36 68.58
ZN ZN G . 26.75 36.02 -64.43
C1 LWK H . 16.43 54.51 -68.84
C2 LWK H . 16.42 55.79 -68.30
C3 LWK H . 16.47 56.00 -66.92
C11 LWK H . 16.20 52.70 -63.05
C13 LWK H . 17.55 52.78 -62.33
C14 LWK H . 17.41 52.41 -60.86
C15 LWK H . 16.43 53.33 -60.17
C17 LWK H . 15.13 53.48 -62.28
C20 LWK H . 15.70 58.15 -68.67
C21 LWK H . 15.76 59.31 -69.68
C23 LWK H . 17.86 58.51 -70.50
C24 LWK H . 17.83 57.30 -69.57
C25 LWK H . 17.46 60.96 -70.55
C26 LWK H . 18.59 61.73 -69.85
C27 LWK H . 18.45 62.23 -68.54
C28 LWK H . 19.50 62.88 -67.88
C29 LWK H . 20.72 63.06 -68.51
C30 LWK H . 20.89 62.58 -69.82
C10 LWK H . 16.39 56.94 -69.26
C31 LWK H . 19.83 61.92 -70.49
C4 LWK H . 16.46 54.86 -66.11
C5 LWK H . 16.42 53.56 -66.65
C6 LWK H . 16.42 53.37 -68.02
C7 LWK H . 16.51 54.77 -64.61
C9 LWK H . 16.30 52.57 -65.55
N16 LWK H . 15.33 53.77 -60.92
N22 LWK H . 17.20 59.64 -69.82
N8 LWK H . 16.33 53.31 -64.37
O12 LWK H . 16.17 51.35 -65.55
O18 LWK H . 14.08 53.83 -62.80
O19 LWK H . 16.54 53.73 -59.02
S SO4 I . -19.52 -8.41 -33.00
O1 SO4 I . -19.27 -9.29 -31.84
O2 SO4 I . -18.23 -8.03 -33.54
O3 SO4 I . -20.35 -9.08 -34.02
O4 SO4 I . -20.23 -7.21 -32.55
S SO4 J . 22.50 0.87 -20.31
O1 SO4 J . 22.10 -0.51 -20.05
O2 SO4 J . 23.26 1.36 -19.16
O3 SO4 J . 23.32 0.94 -21.51
O4 SO4 J . 21.31 1.68 -20.53
S SO4 K . 1.44 -32.31 -42.84
O1 SO4 K . 1.36 -33.26 -41.72
O2 SO4 K . 2.22 -31.13 -42.50
O3 SO4 K . 2.10 -32.92 -44.00
O4 SO4 K . 0.09 -31.92 -43.21
S SO4 L . 29.30 27.84 -24.52
O1 SO4 L . 29.78 26.84 -23.56
O2 SO4 L . 29.81 29.16 -24.14
O3 SO4 L . 29.72 27.52 -25.88
O4 SO4 L . 27.84 27.83 -24.51
ZN ZN M . 20.15 47.45 -70.00
ZN ZN N . -24.83 -42.22 56.70
C1 LWK O . -42.26 -40.95 69.63
C2 LWK O . -43.56 -41.28 69.33
C3 LWK O . -44.12 -40.85 68.10
C11 LWK O . -42.57 -37.71 64.45
C13 LWK O . -42.61 -38.46 63.10
C14 LWK O . -42.82 -37.52 61.94
C15 LWK O . -44.11 -36.75 62.13
C17 LWK O . -43.79 -36.79 64.62
C20 LWK O . -45.91 -41.68 69.97
C21 LWK O . -46.84 -42.41 70.92
C23 LWK O . -45.21 -44.17 71.25
C24 LWK O . -44.21 -43.45 70.32
C25 LWK O . -47.72 -44.80 71.12
C26 LWK O . -47.93 -46.01 70.18
C27 LWK O . -48.32 -45.91 68.83
C28 LWK O . -48.45 -47.03 68.01
C29 LWK O . -48.22 -48.31 68.53
C30 LWK O . -47.85 -48.44 69.86
C10 LWK O . -44.46 -41.95 70.34
C31 LWK O . -47.71 -47.30 70.69
C4 LWK O . -43.37 -40.08 67.24
C5 LWK O . -42.07 -39.73 67.55
C6 LWK O . -41.51 -40.18 68.74
C7 LWK O . -43.78 -39.48 65.92
C9 LWK O . -41.56 -38.80 66.49
N16 LWK O . -44.48 -36.41 63.45
N22 LWK O . -46.56 -43.86 70.70
N8 LWK O . -42.61 -38.65 65.58
O12 LWK O . -40.46 -38.26 66.35
O18 LWK O . -44.16 -36.36 65.75
O19 LWK O . -44.84 -36.43 61.21
S SO4 P . -42.78 -48.34 46.62
O1 SO4 P . -42.32 -49.44 47.48
O2 SO4 P . -42.19 -47.09 47.07
O3 SO4 P . -42.34 -48.62 45.26
O4 SO4 P . -44.25 -48.24 46.70
N1 EPE Q . -12.60 36.20 37.82
C2 EPE Q . -13.27 37.13 38.72
C3 EPE Q . -14.42 36.44 39.43
N4 EPE Q . -15.34 35.85 38.47
C5 EPE Q . -14.77 35.16 37.35
C6 EPE Q . -13.57 35.89 36.77
C7 EPE Q . -16.70 35.54 38.84
C8 EPE Q . -17.40 36.76 39.41
O8 EPE Q . -18.62 36.34 39.97
C9 EPE Q . -11.52 36.92 37.15
C10 EPE Q . -10.28 36.11 37.45
S EPE Q . -8.80 37.13 37.52
O1S EPE Q . -7.66 36.27 37.88
O2S EPE Q . -9.01 38.15 38.54
O3S EPE Q . -8.51 37.75 36.24
S SO4 R . -7.69 -8.17 14.84
O1 SO4 R . -7.13 -9.26 15.65
O2 SO4 R . -6.99 -6.91 15.13
O3 SO4 R . -7.50 -8.47 13.43
O4 SO4 R . -9.11 -8.01 15.16
S SO4 S . -1.64 24.33 46.19
O1 SO4 S . -2.41 25.28 46.99
O2 SO4 S . -0.24 24.77 46.17
O3 SO4 S . -2.17 24.19 44.83
O4 SO4 S . -1.68 23.02 46.82
S SO4 T . -30.12 -23.79 20.81
O1 SO4 T . -29.66 -24.86 21.70
O2 SO4 T . -29.57 -22.53 21.27
O3 SO4 T . -29.73 -24.04 19.43
O4 SO4 T . -31.59 -23.72 20.86
ZN ZN U . -34.49 -42.58 67.42
#